data_4L8W
#
_entry.id   4L8W
#
_cell.length_a   225.591
_cell.length_b   60.409
_cell.length_c   157.055
_cell.angle_alpha   90.00
_cell.angle_beta   100.98
_cell.angle_gamma   90.00
#
_symmetry.space_group_name_H-M   'C 1 2 1'
#
loop_
_entity.id
_entity.type
_entity.pdbx_description
1 polymer 'Gamma-glutamyl hydrolase'
2 non-polymer METHOTREXATE
3 non-polymer 'D-GLUTAMIC ACID'
4 water water
#
_entity_poly.entity_id   1
_entity_poly.type   'polypeptide(L)'
_entity_poly.pdbx_seq_one_letter_code
;MIHIFLLCLFTVANAVSIYNFGPLIKTNERPIIGVLAQDVFDPKPDRNSYIAASYVKFLESAGARVVPVMINKSEDEYSR
LFKSINGVLFPGGGVSLESSGYSKAAGIFYRLALEANSNGDYFPVWGTCLGFELLTLLTSGELLLSHTNTSGIALPLDFT
EDVKGSRLFKEFPEELMKSLATEPLTENSHQWSITTENFTANKKLKKFYRVLSTNTDGYNKFVSTMEAYDFPIYATQWNP
EKNAFEWTRPYIPHTPSAIKTTFYMANFFVNEARKNLHSFASTEEEEKALIYNYKPEYTGIQSAFEQTYFFN
;
_entity_poly.pdbx_strand_id   D,I,B,E,G,K
#
loop_
_chem_comp.id
_chem_comp.type
_chem_comp.name
_chem_comp.formula
MTX non-polymer METHOTREXATE 'C20 H22 N8 O5'
#
# COMPACT_ATOMS: atom_id res chain seq x y z
N LYS A 26 -17.68 18.95 50.78
CA LYS A 26 -17.96 17.47 50.72
C LYS A 26 -17.40 16.82 49.45
N THR A 27 -16.14 16.45 49.49
CA THR A 27 -15.50 15.87 48.33
C THR A 27 -15.48 14.35 48.46
N ASN A 28 -15.04 13.69 47.40
CA ASN A 28 -14.72 12.30 47.41
C ASN A 28 -13.18 12.21 47.39
N GLU A 29 -12.56 11.77 48.48
CA GLU A 29 -11.09 11.66 48.47
C GLU A 29 -10.52 10.30 48.10
N ARG A 30 -11.38 9.41 47.60
CA ARG A 30 -10.89 8.17 46.99
C ARG A 30 -11.40 7.99 45.52
N PRO A 31 -11.10 8.97 44.63
CA PRO A 31 -11.67 8.95 43.28
C PRO A 31 -11.17 7.76 42.45
N ILE A 32 -12.09 7.12 41.73
CA ILE A 32 -11.79 6.05 40.79
C ILE A 32 -12.28 6.52 39.40
N ILE A 33 -11.41 6.51 38.41
CA ILE A 33 -11.75 7.05 37.11
C ILE A 33 -11.64 5.95 36.15
N GLY A 34 -12.62 5.85 35.24
CA GLY A 34 -12.55 4.87 34.15
C GLY A 34 -11.68 5.32 33.00
N VAL A 35 -10.96 4.39 32.39
CA VAL A 35 -10.25 4.62 31.16
C VAL A 35 -10.70 3.58 30.09
N LEU A 36 -11.10 4.06 28.91
CA LEU A 36 -11.61 3.20 27.83
C LEU A 36 -10.64 2.32 27.11
N ALA A 37 -10.89 1.02 27.09
CA ALA A 37 -10.12 0.13 26.20
C ALA A 37 -10.50 0.35 24.74
N GLN A 38 -9.80 -0.28 23.84
CA GLN A 38 -9.87 0.05 22.44
C GLN A 38 -9.65 -1.21 21.62
N ASP A 39 -10.35 -1.31 20.49
CA ASP A 39 -10.27 -2.46 19.61
C ASP A 39 -8.84 -2.58 19.10
N VAL A 40 -8.23 -3.75 19.35
CA VAL A 40 -6.94 -4.10 18.76
C VAL A 40 -7.01 -4.33 17.21
N PHE A 41 -5.86 -4.33 16.55
CA PHE A 41 -5.81 -4.50 15.10
C PHE A 41 -5.97 -5.98 14.73
N ASP A 42 -5.04 -6.84 15.19
CA ASP A 42 -5.07 -8.30 14.87
C ASP A 42 -5.56 -9.12 16.09
N PRO A 43 -6.89 -9.13 16.33
CA PRO A 43 -7.42 -9.60 17.61
C PRO A 43 -7.33 -11.12 17.87
N LYS A 44 -6.70 -11.45 18.99
CA LYS A 44 -6.64 -12.82 19.50
C LYS A 44 -7.62 -12.92 20.67
N PRO A 45 -7.86 -14.15 21.18
CA PRO A 45 -8.27 -14.31 22.59
C PRO A 45 -7.27 -13.63 23.55
N ASP A 46 -7.74 -13.21 24.74
CA ASP A 46 -6.88 -12.55 25.74
C ASP A 46 -6.20 -11.24 25.23
N ARG A 47 -6.52 -10.87 23.99
CA ARG A 47 -5.86 -9.78 23.28
C ARG A 47 -6.85 -9.15 22.27
N ASN A 48 -8.03 -8.78 22.77
CA ASN A 48 -9.10 -8.21 21.93
C ASN A 48 -9.21 -6.69 22.02
N SER A 49 -8.87 -6.16 23.19
CA SER A 49 -8.89 -4.72 23.42
C SER A 49 -7.61 -4.38 24.16
N TYR A 50 -7.24 -3.10 24.15
CA TYR A 50 -6.08 -2.68 24.88
C TYR A 50 -6.21 -1.29 25.50
N ILE A 51 -5.35 -1.06 26.52
CA ILE A 51 -5.06 0.26 27.08
C ILE A 51 -3.55 0.43 27.23
N ALA A 52 -3.04 1.60 26.84
CA ALA A 52 -1.66 1.96 27.08
C ALA A 52 -1.45 2.33 28.55
N ALA A 53 -0.47 1.69 29.16
CA ALA A 53 -0.15 1.91 30.57
C ALA A 53 -0.02 3.42 30.92
N SER A 54 0.45 4.24 29.99
CA SER A 54 0.73 5.63 30.34
C SER A 54 -0.52 6.40 30.79
N TYR A 55 -1.70 6.00 30.28
CA TYR A 55 -2.98 6.64 30.71
C TYR A 55 -3.35 6.29 32.18
N VAL A 56 -3.09 5.03 32.58
CA VAL A 56 -3.21 4.62 33.97
C VAL A 56 -2.30 5.47 34.88
N LYS A 57 -1.01 5.54 34.55
CA LYS A 57 -0.02 6.25 35.37
C LYS A 57 -0.29 7.76 35.52
N PHE A 58 -0.59 8.37 34.38
CA PHE A 58 -1.09 9.71 34.33
C PHE A 58 -2.13 9.88 35.44
N LEU A 59 -3.14 9.02 35.49
CA LEU A 59 -4.22 9.22 36.48
C LEU A 59 -3.79 8.93 37.96
N GLU A 60 -3.18 7.76 38.16
CA GLU A 60 -2.63 7.37 39.44
C GLU A 60 -1.73 8.46 40.06
N SER A 61 -0.94 9.11 39.24
CA SER A 61 0.04 10.05 39.75
C SER A 61 -0.64 11.28 40.37
N ALA A 62 -1.84 11.62 39.92
CA ALA A 62 -2.64 12.66 40.56
C ALA A 62 -3.57 12.15 41.66
N GLY A 63 -3.52 10.86 41.97
CA GLY A 63 -4.29 10.36 43.12
C GLY A 63 -5.65 9.79 42.84
N ALA A 64 -5.81 9.13 41.69
CA ALA A 64 -7.02 8.38 41.43
C ALA A 64 -6.63 6.91 41.45
N ARG A 65 -7.62 6.04 41.65
CA ARG A 65 -7.43 4.66 41.23
C ARG A 65 -8.06 4.48 39.86
N VAL A 66 -7.75 3.41 39.19
CA VAL A 66 -8.21 3.35 37.81
C VAL A 66 -8.93 2.08 37.54
N VAL A 67 -10.02 2.23 36.80
CA VAL A 67 -10.83 1.14 36.25
C VAL A 67 -10.78 1.08 34.70
N PRO A 68 -10.32 -0.03 34.15
CA PRO A 68 -10.36 -0.24 32.70
C PRO A 68 -11.80 -0.45 32.21
N VAL A 69 -12.31 0.38 31.32
CA VAL A 69 -13.67 0.22 30.77
C VAL A 69 -13.62 -0.68 29.52
N MET A 70 -14.38 -1.75 29.52
CA MET A 70 -14.23 -2.78 28.50
C MET A 70 -15.07 -2.45 27.31
N ILE A 71 -14.86 -3.19 26.24
CA ILE A 71 -15.30 -2.76 24.92
C ILE A 71 -16.69 -3.24 24.40
N ASN A 72 -17.06 -4.50 24.56
CA ASN A 72 -18.29 -4.91 23.84
C ASN A 72 -19.44 -5.27 24.74
N LYS A 73 -19.95 -4.26 25.44
CA LYS A 73 -20.82 -4.49 26.60
C LYS A 73 -22.20 -3.90 26.41
N SER A 74 -23.16 -4.47 27.15
CA SER A 74 -24.53 -4.00 27.11
C SER A 74 -24.57 -2.61 27.72
N GLU A 75 -25.42 -1.77 27.16
CA GLU A 75 -25.69 -0.45 27.70
C GLU A 75 -25.91 -0.47 29.23
N ASP A 76 -26.41 -1.61 29.71
CA ASP A 76 -26.70 -1.84 31.13
C ASP A 76 -25.47 -2.11 31.97
N GLU A 77 -24.55 -2.94 31.46
CA GLU A 77 -23.22 -3.07 32.06
C GLU A 77 -22.57 -1.67 32.25
N TYR A 78 -22.58 -0.87 31.18
CA TYR A 78 -21.96 0.45 31.19
C TYR A 78 -22.60 1.43 32.17
N SER A 79 -23.93 1.33 32.33
CA SER A 79 -24.67 2.17 33.30
C SER A 79 -24.39 1.73 34.73
N ARG A 80 -24.31 0.41 34.94
CA ARG A 80 -23.79 -0.13 36.19
C ARG A 80 -22.38 0.38 36.52
N LEU A 81 -21.50 0.36 35.52
CA LEU A 81 -20.11 0.81 35.70
C LEU A 81 -20.04 2.33 35.90
N PHE A 82 -20.87 3.05 35.15
CA PHE A 82 -20.90 4.50 35.21
C PHE A 82 -21.29 4.97 36.60
N LYS A 83 -22.25 4.29 37.23
CA LYS A 83 -22.82 4.67 38.55
C LYS A 83 -21.83 4.40 39.70
N SER A 84 -20.86 3.52 39.43
CA SER A 84 -19.78 3.16 40.33
C SER A 84 -18.57 4.09 40.35
N ILE A 85 -18.06 4.50 39.18
CA ILE A 85 -16.80 5.28 39.04
C ILE A 85 -16.99 6.80 39.11
N ASN A 86 -15.91 7.57 39.17
CA ASN A 86 -16.06 9.01 39.35
C ASN A 86 -15.64 9.89 38.21
N GLY A 87 -15.33 9.28 37.07
CA GLY A 87 -14.95 10.05 35.87
C GLY A 87 -14.58 9.16 34.71
N VAL A 88 -14.49 9.69 33.49
CA VAL A 88 -13.91 8.86 32.42
C VAL A 88 -12.93 9.57 31.56
N LEU A 89 -12.05 8.77 31.00
CA LEU A 89 -11.07 9.30 30.10
C LEU A 89 -11.18 8.50 28.81
N PHE A 90 -11.29 9.18 27.67
CA PHE A 90 -11.23 8.53 26.36
C PHE A 90 -9.82 8.79 25.84
N PRO A 91 -9.00 7.72 25.74
CA PRO A 91 -7.61 7.87 25.40
C PRO A 91 -7.35 7.91 23.88
N GLY A 92 -6.12 8.27 23.48
CA GLY A 92 -5.76 8.33 22.06
C GLY A 92 -5.74 6.92 21.51
N GLY A 93 -5.63 6.81 20.19
CA GLY A 93 -5.51 5.49 19.54
C GLY A 93 -5.64 5.47 18.02
N GLY A 94 -5.86 4.29 17.45
CA GLY A 94 -5.95 4.15 15.99
C GLY A 94 -7.14 3.29 15.60
N VAL A 95 -8.33 3.78 15.89
CA VAL A 95 -9.53 2.99 15.80
C VAL A 95 -10.63 3.91 15.32
N SER A 96 -11.64 3.34 14.67
CA SER A 96 -12.64 4.14 14.00
C SER A 96 -13.45 4.97 15.00
N LEU A 97 -13.89 6.14 14.56
CA LEU A 97 -14.70 7.03 15.37
C LEU A 97 -16.18 6.69 15.27
N GLU A 98 -16.50 5.64 14.52
CA GLU A 98 -17.90 5.22 14.26
C GLU A 98 -18.22 3.73 14.39
N SER A 99 -17.27 2.85 14.06
CA SER A 99 -17.56 1.43 13.91
C SER A 99 -16.98 0.57 15.03
N SER A 100 -16.10 1.16 15.85
CA SER A 100 -15.30 0.43 16.87
C SER A 100 -16.12 0.20 18.14
N GLY A 101 -15.75 -0.81 18.92
CA GLY A 101 -16.21 -0.91 20.30
C GLY A 101 -16.06 0.41 21.06
N TYR A 102 -14.86 1.01 20.96
CA TYR A 102 -14.47 2.26 21.66
C TYR A 102 -15.45 3.38 21.41
N SER A 103 -15.81 3.58 20.15
CA SER A 103 -16.75 4.65 19.79
C SER A 103 -18.11 4.41 20.41
N LYS A 104 -18.47 3.12 20.49
CA LYS A 104 -19.78 2.72 20.97
C LYS A 104 -19.84 3.07 22.46
N ALA A 105 -18.84 2.58 23.19
CA ALA A 105 -18.77 2.82 24.62
C ALA A 105 -18.69 4.31 25.01
N ALA A 106 -17.87 5.07 24.30
CA ALA A 106 -17.67 6.47 24.66
C ALA A 106 -18.92 7.26 24.34
N GLY A 107 -19.63 6.85 23.29
CA GLY A 107 -20.92 7.43 23.00
C GLY A 107 -21.83 7.34 24.21
N ILE A 108 -22.06 6.11 24.65
CA ILE A 108 -22.82 5.84 25.88
C ILE A 108 -22.38 6.66 27.15
N PHE A 109 -21.08 6.61 27.48
CA PHE A 109 -20.59 7.37 28.63
C PHE A 109 -20.84 8.85 28.47
N TYR A 110 -20.55 9.36 27.28
CA TYR A 110 -20.81 10.74 26.98
C TYR A 110 -22.27 11.14 27.29
N ARG A 111 -23.22 10.32 26.81
CA ARG A 111 -24.65 10.64 26.97
C ARG A 111 -25.10 10.44 28.41
N LEU A 112 -24.59 9.39 29.08
CA LEU A 112 -24.79 9.24 30.56
C LEU A 112 -24.32 10.48 31.35
N ALA A 113 -23.17 11.03 30.94
CA ALA A 113 -22.54 12.12 31.66
C ALA A 113 -23.25 13.42 31.44
N LEU A 114 -23.74 13.61 30.21
CA LEU A 114 -24.60 14.75 29.91
C LEU A 114 -25.82 14.71 30.85
N GLU A 115 -26.39 13.51 31.01
CA GLU A 115 -27.54 13.32 31.87
C GLU A 115 -27.22 13.63 33.36
N ALA A 116 -26.28 12.88 33.94
CA ALA A 116 -25.91 13.08 35.35
C ALA A 116 -25.60 14.56 35.63
N ASN A 117 -24.78 15.19 34.80
CA ASN A 117 -24.47 16.58 35.04
C ASN A 117 -25.70 17.55 35.08
N SER A 118 -26.65 17.38 34.15
CA SER A 118 -27.76 18.34 34.13
C SER A 118 -28.78 17.97 35.22
N ASN A 119 -28.67 16.75 35.74
CA ASN A 119 -29.33 16.37 37.00
C ASN A 119 -28.61 16.83 38.29
N GLY A 120 -27.48 17.56 38.18
CA GLY A 120 -26.72 18.02 39.35
C GLY A 120 -25.71 17.01 39.97
N ASP A 121 -25.54 15.87 39.30
CA ASP A 121 -24.56 14.86 39.63
C ASP A 121 -23.23 15.07 38.84
N TYR A 122 -22.28 15.83 39.41
CA TYR A 122 -21.06 16.26 38.72
C TYR A 122 -20.17 15.08 38.33
N PHE A 123 -20.02 14.88 37.01
CA PHE A 123 -19.23 13.81 36.39
C PHE A 123 -18.24 14.31 35.28
N PRO A 124 -16.92 14.12 35.45
CA PRO A 124 -16.08 14.80 34.45
C PRO A 124 -15.68 13.90 33.29
N VAL A 125 -15.52 14.46 32.10
CA VAL A 125 -15.02 13.65 30.97
C VAL A 125 -13.80 14.26 30.38
N TRP A 126 -12.87 13.39 30.03
CA TRP A 126 -11.61 13.78 29.44
C TRP A 126 -11.36 13.02 28.12
N GLY A 127 -11.15 13.76 27.03
CA GLY A 127 -10.75 13.12 25.74
C GLY A 127 -9.32 13.47 25.33
N THR A 128 -8.51 12.45 25.09
CA THR A 128 -7.12 12.66 24.62
C THR A 128 -6.91 12.17 23.19
N CYS A 129 -6.49 13.13 22.35
CA CYS A 129 -6.13 12.91 20.94
C CYS A 129 -7.32 12.37 20.17
N LEU A 130 -7.29 11.07 19.86
CA LEU A 130 -8.49 10.35 19.38
C LEU A 130 -9.73 10.70 20.22
N GLY A 131 -9.62 10.53 21.52
CA GLY A 131 -10.68 10.96 22.44
C GLY A 131 -11.11 12.39 22.19
N PHE A 132 -10.16 13.25 21.87
CA PHE A 132 -10.53 14.65 21.57
C PHE A 132 -11.36 14.65 20.28
N GLU A 133 -10.85 13.98 19.26
CA GLU A 133 -11.57 13.84 17.99
C GLU A 133 -12.96 13.21 18.14
N LEU A 134 -13.09 12.21 19.02
CA LEU A 134 -14.35 11.60 19.29
C LEU A 134 -15.30 12.66 19.81
N LEU A 135 -14.79 13.50 20.69
CA LEU A 135 -15.65 14.48 21.29
C LEU A 135 -16.25 15.44 20.29
N THR A 136 -15.52 15.82 19.23
CA THR A 136 -16.08 16.77 18.28
C THR A 136 -17.24 16.16 17.53
N LEU A 137 -17.14 14.86 17.28
CA LEU A 137 -18.15 14.10 16.55
C LEU A 137 -19.40 13.92 17.41
N LEU A 138 -19.22 13.44 18.65
CA LEU A 138 -20.34 13.25 19.57
C LEU A 138 -21.16 14.51 19.70
N THR A 139 -20.52 15.63 20.03
CA THR A 139 -21.26 16.85 20.31
C THR A 139 -21.76 17.67 19.07
N SER A 140 -21.17 17.44 17.88
CA SER A 140 -21.59 18.14 16.65
C SER A 140 -22.55 17.32 15.77
N GLY A 141 -22.50 15.99 15.84
CA GLY A 141 -23.19 15.16 14.87
C GLY A 141 -22.32 14.80 13.66
N GLU A 142 -21.42 15.73 13.28
CA GLU A 142 -20.60 15.62 12.05
C GLU A 142 -19.11 15.28 12.26
N LEU A 143 -18.47 14.75 11.20
CA LEU A 143 -17.02 14.58 11.11
C LEU A 143 -16.46 15.80 10.44
N LEU A 144 -15.71 16.60 11.16
CA LEU A 144 -15.32 17.89 10.63
C LEU A 144 -13.81 18.04 10.61
N LEU A 145 -13.12 16.88 10.57
CA LEU A 145 -11.67 16.77 10.70
C LEU A 145 -10.93 16.71 9.37
N SER A 146 -9.96 17.62 9.19
CA SER A 146 -9.04 17.61 8.04
C SER A 146 -7.60 17.22 8.41
N HIS A 147 -6.76 16.92 7.41
CA HIS A 147 -5.36 16.46 7.63
C HIS A 147 -4.38 17.53 8.13
N THR A 148 -3.46 17.13 9.03
CA THR A 148 -2.47 18.05 9.54
C THR A 148 -1.12 17.41 9.59
N ASN A 149 -0.09 18.24 9.55
CA ASN A 149 1.29 17.75 9.55
C ASN A 149 1.79 17.71 11.04
N THR A 150 1.19 16.77 11.79
CA THR A 150 1.28 16.78 13.24
C THR A 150 1.54 15.37 13.81
N SER A 151 1.97 14.45 12.95
CA SER A 151 2.38 13.12 13.35
C SER A 151 3.81 13.10 13.84
N GLY A 152 4.06 13.65 15.03
CA GLY A 152 5.34 13.40 15.68
C GLY A 152 6.11 14.66 15.86
N ILE A 153 5.55 15.64 16.57
CA ILE A 153 6.21 16.93 16.91
C ILE A 153 5.88 17.34 18.36
N ALA A 154 6.78 18.13 18.94
CA ALA A 154 6.49 18.81 20.18
C ALA A 154 6.30 20.28 19.93
N LEU A 155 5.28 20.84 20.57
CA LEU A 155 4.81 22.18 20.34
C LEU A 155 4.45 22.87 21.64
N PRO A 156 4.57 24.21 21.64
CA PRO A 156 3.94 25.03 22.67
C PRO A 156 2.44 25.05 22.48
N LEU A 157 1.76 25.76 23.34
CA LEU A 157 0.36 25.99 23.13
C LEU A 157 0.20 27.46 22.82
N ASP A 158 -0.61 27.81 21.84
CA ASP A 158 -0.93 29.22 21.55
C ASP A 158 -2.27 29.44 22.15
N PHE A 159 -2.23 29.99 23.34
CA PHE A 159 -3.42 30.18 24.15
C PHE A 159 -4.36 31.20 23.53
N THR A 160 -5.66 30.91 23.57
CA THR A 160 -6.61 31.91 23.13
C THR A 160 -6.79 32.82 24.31
N GLU A 161 -7.44 33.95 24.10
CA GLU A 161 -7.62 34.99 25.11
C GLU A 161 -8.52 34.49 26.22
N ASP A 162 -9.34 33.51 25.86
CA ASP A 162 -10.31 32.83 26.72
C ASP A 162 -9.69 31.98 27.84
N VAL A 163 -8.36 31.77 27.85
CA VAL A 163 -7.77 30.98 28.92
C VAL A 163 -7.80 31.72 30.23
N LYS A 164 -7.81 33.05 30.15
CA LYS A 164 -7.71 33.86 31.34
C LYS A 164 -8.89 33.58 32.28
N GLY A 165 -10.11 33.58 31.76
CA GLY A 165 -11.21 33.02 32.57
C GLY A 165 -11.42 31.49 32.61
N SER A 166 -10.41 30.66 32.32
CA SER A 166 -10.70 29.19 32.15
C SER A 166 -10.67 28.29 33.41
N ARG A 167 -11.30 27.12 33.32
CA ARG A 167 -11.23 26.17 34.47
C ARG A 167 -9.98 25.23 34.43
N LEU A 168 -9.73 24.60 33.29
CA LEU A 168 -8.58 23.71 33.16
C LEU A 168 -7.31 24.30 33.73
N PHE A 169 -7.07 25.58 33.52
CA PHE A 169 -5.75 26.08 33.79
C PHE A 169 -5.70 26.99 35.01
N LYS A 170 -6.82 27.11 35.73
CA LYS A 170 -6.92 27.91 36.99
C LYS A 170 -5.79 27.71 38.00
N GLU A 171 -5.33 26.48 38.20
CA GLU A 171 -4.34 26.19 39.24
C GLU A 171 -2.92 25.99 38.70
N PHE A 172 -2.70 26.11 37.39
CA PHE A 172 -1.30 26.00 36.95
C PHE A 172 -0.57 27.22 37.52
N PRO A 173 0.66 27.06 38.01
CA PRO A 173 1.55 28.17 38.38
C PRO A 173 1.80 29.04 37.17
N GLU A 174 1.71 30.37 37.35
CA GLU A 174 2.08 31.32 36.31
C GLU A 174 3.30 30.91 35.47
N GLU A 175 4.38 30.48 36.13
CA GLU A 175 5.64 30.14 35.47
C GLU A 175 5.49 28.96 34.48
N LEU A 176 4.57 28.05 34.77
CA LEU A 176 4.30 26.92 33.89
C LEU A 176 3.43 27.33 32.67
N MET A 177 2.50 28.26 32.90
CA MET A 177 1.72 28.84 31.81
C MET A 177 2.62 29.52 30.82
N LYS A 178 3.62 30.27 31.32
CA LYS A 178 4.59 30.94 30.44
C LYS A 178 5.45 29.95 29.68
N SER A 179 5.91 28.88 30.31
CA SER A 179 6.74 27.93 29.62
C SER A 179 5.97 27.24 28.53
N LEU A 180 4.72 26.95 28.83
CA LEU A 180 3.86 26.21 27.95
C LEU A 180 3.54 26.99 26.68
N ALA A 181 3.52 28.30 26.84
CA ALA A 181 3.26 29.21 25.73
C ALA A 181 4.48 29.32 24.77
N THR A 182 5.69 29.07 25.26
CA THR A 182 6.90 29.36 24.48
C THR A 182 7.77 28.17 24.18
N GLU A 183 7.59 27.05 24.87
CA GLU A 183 8.53 25.95 24.78
C GLU A 183 7.85 24.70 24.30
N PRO A 184 8.62 23.79 23.69
CA PRO A 184 7.91 22.63 23.08
C PRO A 184 7.52 21.55 24.13
N LEU A 185 6.36 21.72 24.75
CA LEU A 185 6.04 20.85 25.91
C LEU A 185 4.91 19.86 25.71
N THR A 186 4.26 19.93 24.55
CA THR A 186 3.05 19.15 24.29
C THR A 186 3.22 18.23 23.11
N GLU A 187 3.02 16.94 23.34
CA GLU A 187 3.32 16.01 22.27
C GLU A 187 2.15 15.82 21.32
N ASN A 188 2.44 16.01 20.03
CA ASN A 188 1.49 15.84 18.95
C ASN A 188 1.89 14.63 18.11
N SER A 189 0.96 13.67 18.05
CA SER A 189 1.11 12.48 17.23
C SER A 189 -0.24 12.10 16.67
N HIS A 190 -0.70 12.87 15.71
CA HIS A 190 -2.01 12.69 15.13
C HIS A 190 -2.04 13.24 13.68
N GLN A 191 -2.70 12.51 12.79
CA GLN A 191 -2.87 12.88 11.41
C GLN A 191 -3.99 13.84 11.16
N TRP A 192 -4.97 13.86 12.07
CA TRP A 192 -6.20 14.66 11.92
C TRP A 192 -6.36 15.75 13.01
N SER A 193 -7.05 16.82 12.65
CA SER A 193 -7.38 17.92 13.54
C SER A 193 -8.66 18.57 13.03
N ILE A 194 -9.29 19.41 13.82
CA ILE A 194 -10.30 20.30 13.35
C ILE A 194 -9.58 21.63 13.37
N THR A 195 -9.53 22.26 12.22
CA THR A 195 -9.05 23.61 12.10
C THR A 195 -9.95 24.60 12.86
N THR A 196 -9.42 25.75 13.20
CA THR A 196 -10.21 26.76 13.83
C THR A 196 -11.41 27.29 12.97
N GLU A 197 -11.24 27.19 11.65
CA GLU A 197 -12.25 27.54 10.66
C GLU A 197 -13.40 26.54 10.75
N ASN A 198 -13.08 25.26 10.67
CA ASN A 198 -14.09 24.26 10.68
C ASN A 198 -14.75 24.11 12.03
N PHE A 199 -14.07 24.57 13.08
CA PHE A 199 -14.64 24.63 14.42
C PHE A 199 -15.57 25.81 14.57
N THR A 200 -15.16 27.00 14.12
CA THR A 200 -16.02 28.22 14.21
C THR A 200 -17.37 28.14 13.40
N ALA A 201 -17.34 27.39 12.29
CA ALA A 201 -18.46 27.28 11.33
C ALA A 201 -19.52 26.29 11.78
N ASN A 202 -19.12 25.42 12.72
CA ASN A 202 -20.06 24.57 13.41
C ASN A 202 -20.69 25.36 14.53
N LYS A 203 -22.01 25.35 14.55
CA LYS A 203 -22.75 26.15 15.51
C LYS A 203 -22.82 25.31 16.79
N LYS A 204 -22.86 23.99 16.59
CA LYS A 204 -22.97 23.05 17.72
C LYS A 204 -21.71 23.02 18.59
N LEU A 205 -20.54 22.92 17.93
CA LEU A 205 -19.25 23.10 18.61
C LEU A 205 -19.09 24.49 19.18
N LYS A 206 -19.49 25.54 18.45
CA LYS A 206 -19.28 26.89 19.00
C LYS A 206 -20.10 27.21 20.26
N LYS A 207 -21.29 26.59 20.35
CA LYS A 207 -22.18 26.71 21.55
C LYS A 207 -21.56 26.05 22.79
N PHE A 208 -20.98 24.88 22.57
CA PHE A 208 -20.67 23.93 23.62
C PHE A 208 -19.27 24.07 24.30
N TYR A 209 -18.27 24.55 23.60
CA TYR A 209 -16.89 24.44 24.01
C TYR A 209 -16.12 25.72 23.96
N ARG A 210 -15.48 26.06 25.05
CA ARG A 210 -14.54 27.18 25.07
C ARG A 210 -13.21 26.65 24.49
N VAL A 211 -12.64 27.33 23.50
CA VAL A 211 -11.32 26.93 22.94
C VAL A 211 -10.18 27.50 23.80
N LEU A 212 -9.28 26.65 24.29
CA LEU A 212 -8.25 27.19 25.22
C LEU A 212 -6.88 27.45 24.60
N SER A 213 -6.52 26.60 23.65
CA SER A 213 -5.36 26.89 22.87
C SER A 213 -5.57 26.43 21.40
N THR A 214 -4.83 27.05 20.52
CA THR A 214 -4.77 26.62 19.14
C THR A 214 -3.31 26.30 18.79
N ASN A 215 -3.09 25.58 17.73
CA ASN A 215 -1.75 25.28 17.29
C ASN A 215 -1.73 25.36 15.78
N THR A 216 -0.51 25.42 15.25
CA THR A 216 -0.34 25.28 13.82
C THR A 216 0.67 24.24 13.39
N ASP A 217 0.63 23.88 12.11
CA ASP A 217 1.60 22.94 11.56
C ASP A 217 2.52 23.51 10.49
N GLY A 218 2.53 24.84 10.38
CA GLY A 218 3.25 25.55 9.30
C GLY A 218 2.28 26.20 8.33
N TYR A 219 1.06 25.65 8.24
CA TYR A 219 0.05 26.17 7.36
C TYR A 219 -1.40 26.13 7.96
N ASN A 220 -1.84 24.99 8.47
CA ASN A 220 -3.17 24.88 9.08
C ASN A 220 -3.18 25.32 10.53
N LYS A 221 -4.22 26.07 10.93
CA LYS A 221 -4.43 26.39 12.32
C LYS A 221 -5.58 25.52 12.93
N PHE A 222 -5.27 24.74 13.97
CA PHE A 222 -6.25 23.86 14.61
C PHE A 222 -6.41 24.02 16.14
N VAL A 223 -7.47 23.39 16.64
CA VAL A 223 -7.82 23.49 18.03
C VAL A 223 -7.02 22.43 18.73
N SER A 224 -6.28 22.84 19.76
CA SER A 224 -5.46 21.89 20.52
C SER A 224 -5.97 21.60 21.94
N THR A 225 -6.56 22.58 22.64
CA THR A 225 -7.13 22.30 23.95
C THR A 225 -8.49 22.95 24.08
N MET A 226 -9.46 22.29 24.72
CA MET A 226 -10.77 22.93 24.93
C MET A 226 -11.48 22.35 26.15
N GLU A 227 -12.41 23.15 26.69
CA GLU A 227 -13.34 22.73 27.76
C GLU A 227 -14.79 23.15 27.47
N ALA A 228 -15.73 22.33 27.94
CA ALA A 228 -17.16 22.67 27.81
C ALA A 228 -17.51 23.88 28.65
N TYR A 229 -18.39 24.76 28.13
CA TYR A 229 -18.89 25.93 28.87
C TYR A 229 -19.74 25.54 30.08
N ASP A 230 -20.53 24.49 29.91
CA ASP A 230 -21.56 24.15 30.88
C ASP A 230 -21.44 22.75 31.38
N PHE A 231 -20.33 22.11 31.07
CA PHE A 231 -20.12 20.76 31.51
C PHE A 231 -18.62 20.53 31.82
N PRO A 232 -18.34 19.64 32.80
CA PRO A 232 -16.95 19.25 33.09
C PRO A 232 -16.43 18.33 31.98
N ILE A 233 -16.26 18.89 30.78
CA ILE A 233 -15.74 18.11 29.64
C ILE A 233 -14.49 18.74 29.10
N TYR A 234 -13.40 17.97 29.01
CA TYR A 234 -12.08 18.54 28.78
C TYR A 234 -11.41 17.74 27.70
N ALA A 235 -10.62 18.40 26.88
CA ALA A 235 -10.10 17.71 25.70
C ALA A 235 -8.84 18.34 25.16
N THR A 236 -7.93 17.47 24.77
CA THR A 236 -6.64 17.93 24.26
C THR A 236 -6.35 17.09 23.04
N GLN A 237 -6.05 17.79 21.95
CA GLN A 237 -5.62 17.15 20.70
C GLN A 237 -4.25 16.59 20.92
N TRP A 238 -3.51 17.18 21.84
CA TRP A 238 -2.19 16.67 22.18
C TRP A 238 -2.29 15.63 23.28
N ASN A 239 -1.14 15.04 23.67
CA ASN A 239 -1.12 13.89 24.59
C ASN A 239 -0.33 14.16 25.87
N PRO A 240 -0.98 14.73 26.90
CA PRO A 240 -0.16 15.17 28.05
C PRO A 240 0.48 14.00 28.78
N GLU A 241 -0.10 12.81 28.64
CA GLU A 241 0.39 11.68 29.42
C GLU A 241 1.79 11.16 29.07
N LYS A 242 2.27 11.47 27.86
CA LYS A 242 3.54 10.91 27.39
C LYS A 242 4.77 11.56 28.06
N ASN A 243 4.69 12.82 28.45
CA ASN A 243 5.92 13.47 28.89
C ASN A 243 6.67 12.70 29.96
N ALA A 244 5.93 12.19 30.93
CA ALA A 244 6.57 11.58 32.07
C ALA A 244 6.73 10.07 31.89
N PHE A 245 5.95 9.47 31.01
CA PHE A 245 5.76 8.04 31.08
C PHE A 245 6.16 7.28 29.83
N GLU A 246 6.29 7.96 28.67
CA GLU A 246 6.77 7.26 27.43
C GLU A 246 8.12 7.76 26.95
N TRP A 247 8.98 6.85 26.51
CA TRP A 247 10.39 7.15 26.28
C TRP A 247 10.94 6.61 24.96
N THR A 248 10.03 6.28 24.06
CA THR A 248 10.38 5.45 22.94
C THR A 248 10.37 6.22 21.65
N ARG A 249 10.12 7.54 21.70
CA ARG A 249 10.04 8.40 20.49
C ARG A 249 10.71 9.72 20.75
N PRO A 250 11.44 10.25 19.75
CA PRO A 250 12.31 11.44 19.99
C PRO A 250 11.52 12.73 20.05
N TYR A 251 10.23 12.69 19.71
CA TYR A 251 9.44 13.91 19.75
C TYR A 251 8.57 13.99 21.03
N ILE A 252 8.81 13.08 21.98
CA ILE A 252 8.28 13.22 23.34
C ILE A 252 9.14 14.18 24.19
N PRO A 253 8.59 15.33 24.58
CA PRO A 253 9.28 16.34 25.38
C PRO A 253 9.45 15.86 26.86
N HIS A 254 10.66 15.93 27.42
CA HIS A 254 10.92 15.46 28.75
C HIS A 254 11.70 16.46 29.56
N THR A 255 11.59 17.74 29.25
CA THR A 255 12.24 18.72 30.09
C THR A 255 11.48 18.80 31.39
N PRO A 256 12.05 19.48 32.38
CA PRO A 256 11.31 19.59 33.64
C PRO A 256 9.92 20.23 33.54
N SER A 257 9.74 21.22 32.70
CA SER A 257 8.42 21.83 32.64
C SER A 257 7.42 20.89 31.96
N ALA A 258 7.97 20.06 31.08
CA ALA A 258 7.20 19.01 30.42
C ALA A 258 6.65 18.01 31.44
N ILE A 259 7.49 17.65 32.40
CA ILE A 259 7.07 16.73 33.45
C ILE A 259 5.97 17.38 34.30
N LYS A 260 6.10 18.68 34.56
CA LYS A 260 5.12 19.37 35.37
C LYS A 260 3.80 19.54 34.66
N THR A 261 3.88 19.81 33.34
CA THR A 261 2.69 19.81 32.52
C THR A 261 1.93 18.50 32.72
N THR A 262 2.58 17.35 32.58
CA THR A 262 1.77 16.12 32.77
C THR A 262 1.14 16.00 34.15
N PHE A 263 1.88 16.34 35.21
CA PHE A 263 1.30 16.37 36.53
C PHE A 263 0.13 17.35 36.67
N TYR A 264 0.31 18.64 36.31
CA TYR A 264 -0.80 19.61 36.46
C TYR A 264 -2.09 19.33 35.63
N MET A 265 -1.93 18.83 34.39
CA MET A 265 -3.08 18.37 33.64
C MET A 265 -3.84 17.26 34.37
N ALA A 266 -3.16 16.25 34.88
CA ALA A 266 -3.91 15.17 35.53
C ALA A 266 -4.52 15.63 36.88
N ASN A 267 -3.78 16.45 37.60
CA ASN A 267 -4.22 17.01 38.88
C ASN A 267 -5.56 17.67 38.73
N PHE A 268 -5.67 18.50 37.70
CA PHE A 268 -6.93 19.16 37.42
C PHE A 268 -8.08 18.16 37.28
N PHE A 269 -7.89 17.19 36.40
CA PHE A 269 -8.94 16.24 36.06
C PHE A 269 -9.32 15.41 37.29
N VAL A 270 -8.31 15.00 38.05
CA VAL A 270 -8.62 14.24 39.22
C VAL A 270 -9.33 15.12 40.24
N ASN A 271 -8.94 16.37 40.42
CA ASN A 271 -9.68 17.21 41.34
C ASN A 271 -11.13 17.38 40.96
N GLU A 272 -11.42 17.30 39.66
CA GLU A 272 -12.79 17.32 39.13
C GLU A 272 -13.54 16.04 39.47
N ALA A 273 -12.83 14.92 39.46
CA ALA A 273 -13.47 13.68 39.84
C ALA A 273 -13.76 13.56 41.36
N ARG A 274 -13.09 14.38 42.17
CA ARG A 274 -13.28 14.38 43.62
C ARG A 274 -14.63 15.03 43.95
N LYS A 275 -15.17 15.84 43.02
CA LYS A 275 -16.51 16.32 43.14
C LYS A 275 -17.59 15.28 42.90
N ASN A 276 -17.25 14.06 42.45
CA ASN A 276 -18.27 13.06 42.11
C ASN A 276 -18.42 11.96 43.17
N LEU A 277 -19.65 11.67 43.59
CA LEU A 277 -19.86 10.83 44.78
C LEU A 277 -20.29 9.41 44.57
N HIS A 278 -20.26 8.92 43.33
CA HIS A 278 -20.59 7.53 43.10
C HIS A 278 -19.65 6.67 43.93
N SER A 279 -20.03 5.42 44.18
CA SER A 279 -19.12 4.42 44.72
C SER A 279 -19.59 3.11 44.19
N PHE A 280 -18.72 2.11 44.22
CA PHE A 280 -19.13 0.76 43.92
C PHE A 280 -20.13 0.28 44.96
N ALA A 281 -21.06 -0.57 44.53
CA ALA A 281 -22.14 -1.01 45.44
C ALA A 281 -21.56 -1.70 46.67
N SER A 282 -20.45 -2.43 46.45
CA SER A 282 -19.71 -3.13 47.52
C SER A 282 -18.20 -3.07 47.27
N THR A 283 -17.42 -3.14 48.34
CA THR A 283 -15.99 -2.91 48.22
C THR A 283 -15.23 -4.09 47.60
N GLU A 284 -15.85 -5.26 47.50
CA GLU A 284 -15.16 -6.32 46.77
C GLU A 284 -15.48 -6.28 45.26
N GLU A 285 -16.59 -5.64 44.91
CA GLU A 285 -16.92 -5.42 43.52
C GLU A 285 -16.01 -4.30 42.97
N GLU A 286 -15.67 -3.33 43.83
CA GLU A 286 -14.61 -2.36 43.55
C GLU A 286 -13.27 -3.04 43.26
N GLU A 287 -12.86 -3.94 44.14
CA GLU A 287 -11.59 -4.65 44.00
C GLU A 287 -11.49 -5.46 42.73
N LYS A 288 -12.64 -5.87 42.20
CA LYS A 288 -12.73 -6.77 41.06
C LYS A 288 -12.55 -5.93 39.82
N ALA A 289 -12.95 -4.67 39.92
CA ALA A 289 -12.96 -3.80 38.80
C ALA A 289 -11.59 -3.10 38.56
N LEU A 290 -10.78 -2.91 39.61
CA LEU A 290 -9.59 -2.05 39.59
C LEU A 290 -8.51 -2.56 38.65
N ILE A 291 -7.73 -1.64 38.10
CA ILE A 291 -6.62 -1.94 37.19
C ILE A 291 -5.58 -2.93 37.75
N TYR A 292 -5.41 -2.95 39.07
CA TYR A 292 -4.48 -3.87 39.74
C TYR A 292 -4.60 -5.34 39.34
N ASN A 293 -5.81 -5.79 38.98
CA ASN A 293 -5.99 -7.20 38.66
C ASN A 293 -5.20 -7.61 37.42
N TYR A 294 -4.85 -6.61 36.60
CA TYR A 294 -4.32 -6.89 35.27
C TYR A 294 -2.81 -6.67 35.18
N LYS A 295 -2.16 -7.40 34.29
CA LYS A 295 -0.74 -7.20 34.07
C LYS A 295 -0.45 -6.66 32.66
N PRO A 296 0.27 -5.53 32.58
CA PRO A 296 0.64 -4.96 31.30
C PRO A 296 1.75 -5.78 30.67
N GLU A 297 1.89 -5.73 29.35
CA GLU A 297 3.08 -6.31 28.69
C GLU A 297 4.06 -5.21 28.36
N TYR A 298 5.34 -5.59 28.32
CA TYR A 298 6.39 -4.74 27.84
C TYR A 298 6.34 -4.67 26.31
N THR A 299 5.92 -3.53 25.76
CA THR A 299 5.75 -3.39 24.33
C THR A 299 6.67 -2.33 23.70
N GLY A 300 7.50 -1.71 24.52
CA GLY A 300 8.31 -0.59 24.07
C GLY A 300 9.42 -0.84 23.04
N ILE A 301 9.85 -2.10 22.88
CA ILE A 301 10.85 -2.40 21.85
C ILE A 301 10.32 -2.05 20.48
N GLN A 302 9.07 -2.43 20.22
CA GLN A 302 8.43 -2.17 18.95
C GLN A 302 7.00 -1.56 19.04
N SER A 303 6.81 -0.58 19.94
CA SER A 303 5.67 0.38 19.87
C SER A 303 5.95 1.72 20.51
N ALA A 304 5.02 2.64 20.31
CA ALA A 304 5.11 3.95 20.90
C ALA A 304 4.95 3.89 22.41
N PHE A 305 4.45 2.77 22.90
CA PHE A 305 4.11 2.65 24.32
C PHE A 305 5.03 1.73 25.06
N GLU A 306 5.55 2.18 26.19
CA GLU A 306 6.40 1.32 27.01
C GLU A 306 5.67 0.03 27.50
N GLN A 307 4.43 0.16 27.96
CA GLN A 307 3.69 -0.98 28.51
C GLN A 307 2.26 -0.90 28.04
N THR A 308 1.72 -2.04 27.61
CA THR A 308 0.32 -2.06 27.30
C THR A 308 -0.49 -3.19 27.98
N TYR A 309 -1.67 -2.85 28.50
CA TYR A 309 -2.60 -3.83 29.05
C TYR A 309 -3.45 -4.37 27.90
N PHE A 310 -3.54 -5.71 27.80
CA PHE A 310 -4.42 -6.33 26.81
C PHE A 310 -5.54 -7.08 27.50
N PHE A 311 -6.73 -7.01 26.93
CA PHE A 311 -7.87 -7.63 27.55
C PHE A 311 -8.59 -8.58 26.61
N ASN A 312 -9.20 -9.60 27.24
CA ASN A 312 -10.10 -10.51 26.54
C ASN A 312 -11.48 -9.85 26.31
N LYS B 26 -7.45 -55.58 -14.78
CA LYS B 26 -6.15 -54.88 -15.06
C LYS B 26 -6.28 -53.79 -16.12
N THR B 27 -6.40 -52.54 -15.68
CA THR B 27 -6.36 -51.36 -16.54
C THR B 27 -5.16 -50.56 -16.12
N ASN B 28 -4.82 -49.60 -16.99
CA ASN B 28 -3.83 -48.57 -16.72
C ASN B 28 -4.66 -47.38 -16.30
N GLU B 29 -4.51 -46.97 -15.05
CA GLU B 29 -5.27 -45.80 -14.55
C GLU B 29 -4.43 -44.53 -14.58
N ARG B 30 -3.22 -44.63 -15.09
CA ARG B 30 -2.40 -43.46 -15.32
C ARG B 30 -2.07 -43.26 -16.83
N PRO B 31 -3.07 -43.32 -17.74
CA PRO B 31 -2.75 -43.38 -19.19
C PRO B 31 -2.05 -42.12 -19.67
N ILE B 32 -1.04 -42.30 -20.51
CA ILE B 32 -0.30 -41.20 -21.13
C ILE B 32 -0.44 -41.31 -22.65
N ILE B 33 -1.00 -40.25 -23.27
CA ILE B 33 -1.29 -40.24 -24.69
C ILE B 33 -0.38 -39.33 -25.49
N GLY B 34 0.16 -39.92 -26.58
CA GLY B 34 0.95 -39.17 -27.56
C GLY B 34 0.09 -38.29 -28.47
N VAL B 35 0.63 -37.09 -28.77
CA VAL B 35 0.02 -36.17 -29.72
C VAL B 35 1.05 -35.67 -30.70
N LEU B 36 0.79 -35.93 -31.97
CA LEU B 36 1.66 -35.50 -33.04
C LEU B 36 1.81 -34.00 -33.24
N ALA B 37 3.03 -33.48 -33.10
CA ALA B 37 3.37 -32.14 -33.59
C ALA B 37 3.36 -32.18 -35.12
N GLN B 38 3.49 -30.98 -35.72
CA GLN B 38 3.26 -30.72 -37.13
C GLN B 38 4.27 -29.72 -37.63
N ASP B 39 4.71 -29.88 -38.88
CA ASP B 39 5.73 -29.03 -39.52
C ASP B 39 5.14 -27.62 -39.47
N VAL B 40 5.90 -26.66 -38.97
CA VAL B 40 5.42 -25.26 -38.98
C VAL B 40 5.54 -24.73 -40.42
N PHE B 41 4.53 -24.00 -40.88
CA PHE B 41 4.49 -23.48 -42.25
C PHE B 41 5.73 -22.61 -42.62
N ASP B 42 6.26 -21.85 -41.66
CA ASP B 42 7.43 -21.00 -41.88
C ASP B 42 8.47 -21.26 -40.79
N PRO B 43 9.23 -22.36 -40.91
CA PRO B 43 9.98 -22.83 -39.73
C PRO B 43 11.20 -22.00 -39.33
N LYS B 44 11.14 -21.44 -38.12
CA LYS B 44 12.29 -20.76 -37.51
C LYS B 44 12.79 -21.63 -36.35
N PRO B 45 14.01 -21.35 -35.85
CA PRO B 45 14.34 -22.19 -34.69
C PRO B 45 13.49 -21.87 -33.47
N ASP B 46 13.28 -22.90 -32.66
CA ASP B 46 12.30 -22.89 -31.58
C ASP B 46 10.87 -23.08 -32.09
N ARG B 47 10.75 -23.13 -33.40
CA ARG B 47 9.52 -22.98 -34.08
C ARG B 47 9.48 -23.83 -35.34
N ASN B 48 9.90 -25.07 -35.22
CA ASN B 48 9.88 -25.99 -36.33
C ASN B 48 8.56 -26.71 -36.47
N SER B 49 7.92 -26.99 -35.34
CA SER B 49 6.67 -27.70 -35.26
C SER B 49 5.79 -27.16 -34.12
N TYR B 50 4.51 -27.51 -34.20
CA TYR B 50 3.59 -27.08 -33.19
C TYR B 50 2.53 -28.11 -32.84
N ILE B 51 1.95 -27.94 -31.65
CA ILE B 51 0.65 -28.53 -31.34
C ILE B 51 -0.19 -27.46 -30.72
N ALA B 52 -1.37 -27.28 -31.31
CA ALA B 52 -2.47 -26.51 -30.76
C ALA B 52 -2.87 -27.04 -29.37
N ALA B 53 -2.94 -26.19 -28.36
CA ALA B 53 -3.15 -26.63 -26.97
C ALA B 53 -4.52 -27.23 -26.71
N SER B 54 -5.53 -26.88 -27.48
CA SER B 54 -6.83 -27.55 -27.35
C SER B 54 -6.73 -29.11 -27.48
N TYR B 55 -5.74 -29.67 -28.20
CA TYR B 55 -5.63 -31.15 -28.22
C TYR B 55 -5.07 -31.68 -26.92
N VAL B 56 -4.20 -30.92 -26.27
CA VAL B 56 -3.69 -31.36 -25.02
C VAL B 56 -4.81 -31.28 -23.96
N LYS B 57 -5.62 -30.20 -23.99
CA LYS B 57 -6.67 -29.97 -22.98
C LYS B 57 -7.80 -30.98 -23.11
N PHE B 58 -8.10 -31.35 -24.36
CA PHE B 58 -9.07 -32.35 -24.73
C PHE B 58 -8.76 -33.70 -24.03
N LEU B 59 -7.51 -34.13 -24.09
CA LEU B 59 -7.16 -35.40 -23.50
C LEU B 59 -7.02 -35.31 -21.97
N GLU B 60 -6.42 -34.24 -21.46
CA GLU B 60 -6.23 -34.10 -20.00
C GLU B 60 -7.56 -34.12 -19.29
N SER B 61 -8.57 -33.55 -19.90
CA SER B 61 -9.88 -33.41 -19.28
C SER B 61 -10.55 -34.78 -19.16
N ALA B 62 -10.14 -35.75 -19.96
CA ALA B 62 -10.73 -37.07 -19.79
C ALA B 62 -9.82 -37.94 -18.88
N GLY B 63 -8.81 -37.29 -18.29
CA GLY B 63 -7.92 -37.98 -17.37
C GLY B 63 -6.74 -38.69 -17.98
N ALA B 64 -6.01 -38.03 -18.88
CA ALA B 64 -4.73 -38.53 -19.36
C ALA B 64 -3.69 -37.47 -19.21
N ARG B 65 -2.45 -37.89 -19.30
CA ARG B 65 -1.36 -36.95 -19.40
C ARG B 65 -0.92 -37.14 -20.82
N VAL B 66 -0.28 -36.12 -21.34
CA VAL B 66 0.07 -36.03 -22.74
C VAL B 66 1.57 -35.92 -22.94
N VAL B 67 2.03 -36.64 -23.96
CA VAL B 67 3.38 -36.57 -24.46
C VAL B 67 3.31 -35.98 -25.89
N PRO B 68 4.07 -34.90 -26.13
CA PRO B 68 4.11 -34.40 -27.51
C PRO B 68 5.10 -35.27 -28.31
N VAL B 69 4.67 -35.73 -29.48
CA VAL B 69 5.48 -36.61 -30.28
C VAL B 69 6.19 -35.76 -31.32
N MET B 70 7.51 -35.69 -31.24
CA MET B 70 8.27 -34.75 -32.07
C MET B 70 8.30 -35.18 -33.51
N ILE B 71 8.65 -34.22 -34.36
CA ILE B 71 8.50 -34.44 -35.78
C ILE B 71 9.65 -35.10 -36.56
N ASN B 72 10.91 -34.69 -36.42
CA ASN B 72 11.85 -35.30 -37.41
C ASN B 72 12.77 -36.47 -36.97
N LYS B 73 12.21 -37.47 -36.27
CA LYS B 73 12.97 -38.46 -35.51
C LYS B 73 13.12 -39.82 -36.22
N SER B 74 14.08 -40.62 -35.76
CA SER B 74 14.33 -41.92 -36.36
C SER B 74 13.25 -42.92 -35.97
N GLU B 75 13.16 -44.00 -36.74
CA GLU B 75 12.12 -44.99 -36.55
C GLU B 75 12.31 -45.70 -35.22
N ASP B 76 13.55 -45.69 -34.75
CA ASP B 76 13.87 -46.36 -33.49
C ASP B 76 13.38 -45.57 -32.27
N GLU B 77 13.65 -44.28 -32.28
CA GLU B 77 13.05 -43.33 -31.34
C GLU B 77 11.54 -43.47 -31.24
N TYR B 78 10.87 -43.52 -32.38
CA TYR B 78 9.43 -43.74 -32.38
C TYR B 78 8.95 -45.06 -31.74
N SER B 79 9.72 -46.14 -31.94
CA SER B 79 9.48 -47.44 -31.30
C SER B 79 9.60 -47.30 -29.83
N ARG B 80 10.71 -46.72 -29.38
CA ARG B 80 10.88 -46.46 -27.95
C ARG B 80 9.69 -45.69 -27.41
N LEU B 81 9.35 -44.54 -27.99
CA LEU B 81 8.17 -43.78 -27.51
C LEU B 81 6.89 -44.59 -27.53
N PHE B 82 6.66 -45.31 -28.60
CA PHE B 82 5.46 -46.08 -28.79
C PHE B 82 5.28 -47.16 -27.72
N LYS B 83 6.39 -47.76 -27.30
CA LYS B 83 6.37 -48.87 -26.34
C LYS B 83 6.07 -48.35 -24.95
N SER B 84 6.35 -47.04 -24.76
CA SER B 84 6.13 -46.33 -23.49
C SER B 84 4.70 -45.79 -23.32
N ILE B 85 4.08 -45.34 -24.40
CA ILE B 85 2.78 -44.66 -24.27
C ILE B 85 1.63 -45.54 -24.64
N ASN B 86 0.44 -45.01 -24.40
CA ASN B 86 -0.73 -45.77 -24.24
C ASN B 86 -1.74 -45.42 -25.31
N GLY B 87 -1.35 -44.54 -26.21
CA GLY B 87 -2.25 -44.13 -27.28
C GLY B 87 -1.67 -42.97 -28.07
N VAL B 88 -2.26 -42.68 -29.25
CA VAL B 88 -1.87 -41.49 -30.04
C VAL B 88 -3.00 -40.80 -30.75
N LEU B 89 -2.84 -39.49 -30.82
CA LEU B 89 -3.77 -38.67 -31.53
C LEU B 89 -3.08 -38.01 -32.72
N PHE B 90 -3.74 -38.11 -33.89
CA PHE B 90 -3.35 -37.33 -35.08
C PHE B 90 -4.24 -36.11 -35.22
N PRO B 91 -3.72 -34.93 -34.89
CA PRO B 91 -4.64 -33.80 -34.80
C PRO B 91 -4.88 -33.16 -36.17
N GLY B 92 -5.74 -32.13 -36.23
CA GLY B 92 -5.86 -31.29 -37.40
C GLY B 92 -4.61 -30.47 -37.71
N GLY B 93 -4.60 -29.80 -38.85
CA GLY B 93 -3.42 -29.05 -39.30
C GLY B 93 -3.50 -28.72 -40.76
N GLY B 94 -2.46 -28.04 -41.27
CA GLY B 94 -2.34 -27.67 -42.70
C GLY B 94 -0.94 -28.02 -43.20
N VAL B 95 -0.68 -29.30 -43.32
CA VAL B 95 0.61 -29.83 -43.51
C VAL B 95 0.34 -30.89 -44.57
N SER B 96 1.27 -31.09 -45.49
CA SER B 96 1.10 -32.08 -46.54
C SER B 96 0.83 -33.50 -46.01
N LEU B 97 -0.14 -34.20 -46.64
CA LEU B 97 -0.45 -35.59 -46.28
C LEU B 97 0.57 -36.61 -46.71
N GLU B 98 1.54 -36.22 -47.54
CA GLU B 98 2.42 -37.22 -48.17
C GLU B 98 3.90 -37.04 -47.90
N SER B 99 4.35 -35.80 -47.71
CA SER B 99 5.76 -35.51 -47.67
C SER B 99 6.21 -34.79 -46.40
N SER B 100 5.28 -34.48 -45.51
CA SER B 100 5.63 -33.82 -44.25
C SER B 100 6.18 -34.76 -43.17
N GLY B 101 6.88 -34.18 -42.19
CA GLY B 101 7.25 -34.87 -40.94
C GLY B 101 6.04 -35.49 -40.25
N TYR B 102 5.01 -34.68 -40.07
CA TYR B 102 3.77 -35.18 -39.52
C TYR B 102 3.34 -36.48 -40.21
N SER B 103 3.26 -36.49 -41.55
CA SER B 103 2.79 -37.69 -42.30
C SER B 103 3.67 -38.92 -42.09
N LYS B 104 5.00 -38.70 -42.09
CA LYS B 104 6.00 -39.76 -41.82
C LYS B 104 5.81 -40.42 -40.46
N ALA B 105 5.67 -39.59 -39.41
CA ALA B 105 5.64 -40.06 -38.03
C ALA B 105 4.33 -40.76 -37.80
N ALA B 106 3.28 -40.22 -38.41
CA ALA B 106 2.00 -40.80 -38.23
C ALA B 106 1.97 -42.15 -38.95
N GLY B 107 2.56 -42.20 -40.15
CA GLY B 107 2.78 -43.50 -40.86
C GLY B 107 3.35 -44.58 -39.95
N ILE B 108 4.49 -44.25 -39.36
CA ILE B 108 5.19 -45.09 -38.43
C ILE B 108 4.31 -45.50 -37.21
N PHE B 109 3.63 -44.54 -36.58
CA PHE B 109 2.73 -44.88 -35.49
C PHE B 109 1.58 -45.76 -35.94
N TYR B 110 1.01 -45.44 -37.08
CA TYR B 110 -0.05 -46.28 -37.59
C TYR B 110 0.39 -47.76 -37.78
N ARG B 111 1.56 -47.97 -38.42
CA ARG B 111 2.08 -49.34 -38.63
C ARG B 111 2.42 -50.06 -37.30
N LEU B 112 3.07 -49.36 -36.36
CA LEU B 112 3.22 -49.91 -35.00
C LEU B 112 1.92 -50.27 -34.34
N ALA B 113 0.90 -49.47 -34.54
CA ALA B 113 -0.34 -49.77 -33.86
C ALA B 113 -1.03 -51.03 -34.43
N LEU B 114 -0.98 -51.22 -35.73
CA LEU B 114 -1.62 -52.41 -36.33
C LEU B 114 -0.86 -53.68 -35.91
N GLU B 115 0.45 -53.57 -35.89
CA GLU B 115 1.26 -54.66 -35.39
C GLU B 115 0.79 -54.93 -33.96
N ALA B 116 1.09 -54.02 -33.04
CA ALA B 116 0.73 -54.24 -31.65
C ALA B 116 -0.67 -54.80 -31.39
N ASN B 117 -1.70 -54.29 -32.04
CA ASN B 117 -3.08 -54.77 -31.77
C ASN B 117 -3.34 -56.20 -32.25
N SER B 118 -2.66 -56.54 -33.34
CA SER B 118 -2.65 -57.88 -33.89
C SER B 118 -1.90 -58.87 -32.94
N ASN B 119 -0.78 -58.43 -32.35
CA ASN B 119 -0.08 -59.28 -31.38
C ASN B 119 -0.69 -59.17 -29.99
N GLY B 120 -2.01 -58.91 -29.89
CA GLY B 120 -2.72 -58.86 -28.59
C GLY B 120 -2.58 -57.62 -27.68
N ASP B 121 -1.67 -56.72 -28.02
CA ASP B 121 -1.40 -55.50 -27.24
C ASP B 121 -2.28 -54.28 -27.69
N TYR B 122 -3.44 -54.09 -27.04
CA TYR B 122 -4.42 -53.01 -27.32
C TYR B 122 -3.84 -51.58 -27.31
N PHE B 123 -3.95 -50.89 -28.43
CA PHE B 123 -3.33 -49.59 -28.57
C PHE B 123 -4.20 -48.68 -29.47
N PRO B 124 -4.87 -47.66 -28.90
CA PRO B 124 -5.83 -47.02 -29.81
C PRO B 124 -5.23 -45.80 -30.55
N VAL B 125 -5.81 -45.46 -31.70
CA VAL B 125 -5.46 -44.30 -32.51
C VAL B 125 -6.70 -43.45 -32.77
N TRP B 126 -6.51 -42.15 -32.66
CA TRP B 126 -7.55 -41.15 -32.95
C TRP B 126 -7.00 -40.21 -34.01
N GLY B 127 -7.82 -39.92 -35.01
CA GLY B 127 -7.46 -38.95 -36.07
C GLY B 127 -8.54 -37.91 -36.20
N THR B 128 -8.14 -36.65 -36.06
CA THR B 128 -9.04 -35.50 -36.10
C THR B 128 -8.74 -34.69 -37.36
N CYS B 129 -9.75 -34.56 -38.19
CA CYS B 129 -9.69 -33.65 -39.35
C CYS B 129 -8.57 -34.02 -40.30
N LEU B 130 -7.52 -33.23 -40.39
CA LEU B 130 -6.37 -33.65 -41.11
C LEU B 130 -5.94 -35.11 -40.76
N GLY B 131 -6.06 -35.48 -39.49
CA GLY B 131 -5.62 -36.80 -39.04
C GLY B 131 -6.55 -37.88 -39.56
N PHE B 132 -7.81 -37.55 -39.66
CA PHE B 132 -8.80 -38.37 -40.29
C PHE B 132 -8.49 -38.54 -41.80
N GLU B 133 -8.10 -37.43 -42.43
CA GLU B 133 -7.88 -37.42 -43.85
C GLU B 133 -6.68 -38.31 -44.04
N LEU B 134 -5.71 -38.26 -43.12
CA LEU B 134 -4.50 -39.03 -43.25
C LEU B 134 -4.81 -40.52 -43.10
N LEU B 135 -5.74 -40.82 -42.21
CA LEU B 135 -6.14 -42.18 -42.04
C LEU B 135 -6.75 -42.72 -43.30
N THR B 136 -7.56 -41.96 -44.04
CA THR B 136 -8.12 -42.50 -45.25
C THR B 136 -7.02 -42.88 -46.25
N LEU B 137 -5.93 -42.13 -46.25
CA LEU B 137 -4.77 -42.45 -47.08
C LEU B 137 -3.91 -43.59 -46.54
N LEU B 138 -3.77 -43.69 -45.22
CA LEU B 138 -2.87 -44.73 -44.71
C LEU B 138 -3.48 -46.13 -44.89
N THR B 139 -4.80 -46.23 -44.84
CA THR B 139 -5.42 -47.55 -45.06
C THR B 139 -5.84 -47.93 -46.52
N SER B 140 -6.14 -46.95 -47.37
CA SER B 140 -6.56 -47.20 -48.73
C SER B 140 -5.34 -47.24 -49.63
N GLY B 141 -4.27 -46.54 -49.22
CA GLY B 141 -3.09 -46.35 -50.05
C GLY B 141 -3.26 -45.19 -51.01
N GLU B 142 -4.48 -44.67 -51.13
CA GLU B 142 -4.78 -43.60 -52.06
C GLU B 142 -5.27 -42.34 -51.41
N LEU B 143 -5.10 -41.23 -52.14
CA LEU B 143 -5.76 -39.95 -51.89
C LEU B 143 -7.10 -39.86 -52.55
N LEU B 144 -8.14 -39.83 -51.74
CA LEU B 144 -9.49 -39.92 -52.24
C LEU B 144 -10.38 -38.70 -51.89
N LEU B 145 -9.77 -37.54 -51.72
CA LEU B 145 -10.49 -36.41 -51.16
C LEU B 145 -11.07 -35.52 -52.24
N SER B 146 -12.22 -34.92 -51.94
CA SER B 146 -12.88 -33.90 -52.75
C SER B 146 -13.05 -32.62 -51.93
N HIS B 147 -13.34 -31.52 -52.62
CA HIS B 147 -13.56 -30.19 -52.03
C HIS B 147 -14.98 -30.03 -51.53
N THR B 148 -15.15 -29.48 -50.33
CA THR B 148 -16.49 -29.33 -49.72
C THR B 148 -16.73 -27.94 -49.11
N ASN B 149 -17.95 -27.50 -49.09
CA ASN B 149 -18.14 -26.14 -48.61
C ASN B 149 -18.27 -26.11 -47.07
N THR B 150 -17.19 -26.46 -46.37
CA THR B 150 -17.24 -26.83 -44.93
C THR B 150 -16.11 -26.17 -44.15
N SER B 151 -15.66 -25.04 -44.64
CA SER B 151 -14.57 -24.30 -44.02
C SER B 151 -14.79 -23.66 -42.62
N GLY B 152 -16.00 -23.28 -42.33
CA GLY B 152 -16.39 -22.81 -40.99
C GLY B 152 -17.89 -22.96 -40.81
N ILE B 153 -18.35 -24.13 -40.39
CA ILE B 153 -19.78 -24.27 -39.99
C ILE B 153 -19.82 -25.30 -38.91
N ALA B 154 -20.89 -25.20 -38.12
CA ALA B 154 -21.24 -26.15 -37.08
C ALA B 154 -22.42 -26.98 -37.61
N LEU B 155 -22.27 -28.31 -37.51
CA LEU B 155 -23.27 -29.23 -38.04
C LEU B 155 -23.67 -30.23 -37.02
N PRO B 156 -24.92 -30.74 -37.15
CA PRO B 156 -25.32 -31.92 -36.42
C PRO B 156 -24.61 -33.12 -37.01
N LEU B 157 -24.80 -34.30 -36.42
CA LEU B 157 -24.25 -35.52 -37.03
C LEU B 157 -25.43 -36.18 -37.68
N ASP B 158 -25.30 -36.60 -38.94
CA ASP B 158 -26.39 -37.46 -39.55
C ASP B 158 -25.95 -38.88 -39.43
N PHE B 159 -26.51 -39.53 -38.42
CA PHE B 159 -26.03 -40.84 -38.01
C PHE B 159 -26.44 -41.94 -38.99
N THR B 160 -25.54 -42.91 -39.18
CA THR B 160 -25.81 -44.07 -40.02
C THR B 160 -26.45 -45.14 -39.18
N GLU B 161 -27.07 -46.09 -39.85
CA GLU B 161 -27.69 -47.21 -39.16
C GLU B 161 -26.69 -47.88 -38.22
N ASP B 162 -25.44 -47.92 -38.66
CA ASP B 162 -24.39 -48.54 -37.93
C ASP B 162 -23.91 -47.90 -36.67
N VAL B 163 -24.54 -46.80 -36.20
CA VAL B 163 -24.14 -46.33 -34.86
C VAL B 163 -24.65 -47.18 -33.74
N LYS B 164 -25.79 -47.83 -33.94
CA LYS B 164 -26.48 -48.59 -32.85
C LYS B 164 -25.59 -49.70 -32.29
N GLY B 165 -24.83 -50.35 -33.17
CA GLY B 165 -23.75 -51.20 -32.68
C GLY B 165 -22.59 -50.54 -31.90
N SER B 166 -22.27 -49.29 -32.25
CA SER B 166 -20.86 -48.79 -32.25
C SER B 166 -20.15 -48.80 -30.90
N ARG B 167 -18.82 -48.84 -30.97
CA ARG B 167 -17.97 -48.67 -29.78
C ARG B 167 -17.90 -47.20 -29.28
N LEU B 168 -17.56 -46.29 -30.17
CA LEU B 168 -17.41 -44.88 -29.84
C LEU B 168 -18.55 -44.27 -29.02
N PHE B 169 -19.78 -44.51 -29.42
CA PHE B 169 -20.89 -43.78 -28.80
C PHE B 169 -21.63 -44.53 -27.68
N LYS B 170 -21.13 -45.71 -27.36
CA LYS B 170 -21.76 -46.66 -26.43
C LYS B 170 -22.16 -46.11 -25.04
N GLU B 171 -21.35 -45.23 -24.46
CA GLU B 171 -21.68 -44.61 -23.19
C GLU B 171 -22.24 -43.21 -23.27
N PHE B 172 -22.46 -42.68 -24.47
CA PHE B 172 -23.07 -41.37 -24.60
C PHE B 172 -24.47 -41.36 -24.00
N PRO B 173 -24.80 -40.38 -23.16
CA PRO B 173 -26.19 -40.29 -22.73
C PRO B 173 -27.12 -40.24 -23.92
N GLU B 174 -28.21 -41.00 -23.88
CA GLU B 174 -29.12 -41.04 -25.03
C GLU B 174 -29.57 -39.62 -25.43
N GLU B 175 -29.84 -38.79 -24.43
CA GLU B 175 -30.19 -37.40 -24.59
C GLU B 175 -29.15 -36.63 -25.43
N LEU B 176 -27.86 -36.93 -25.21
CA LEU B 176 -26.80 -36.27 -25.90
C LEU B 176 -26.82 -36.71 -27.36
N MET B 177 -27.03 -38.02 -27.57
CA MET B 177 -27.18 -38.59 -28.92
C MET B 177 -28.30 -37.92 -29.65
N LYS B 178 -29.43 -37.69 -29.00
CA LYS B 178 -30.52 -36.93 -29.65
C LYS B 178 -30.15 -35.45 -30.02
N SER B 179 -29.44 -34.74 -29.15
CA SER B 179 -28.97 -33.40 -29.48
C SER B 179 -27.96 -33.37 -30.64
N LEU B 180 -27.11 -34.37 -30.72
CA LEU B 180 -26.06 -34.37 -31.72
C LEU B 180 -26.66 -34.60 -33.09
N ALA B 181 -27.85 -35.19 -33.14
CA ALA B 181 -28.54 -35.47 -34.41
C ALA B 181 -29.35 -34.27 -34.88
N THR B 182 -29.71 -33.36 -33.99
CA THR B 182 -30.57 -32.27 -34.39
C THR B 182 -29.92 -30.92 -34.19
N GLU B 183 -28.77 -30.88 -33.51
CA GLU B 183 -28.28 -29.60 -33.03
C GLU B 183 -26.90 -29.30 -33.56
N PRO B 184 -26.65 -28.03 -33.90
CA PRO B 184 -25.36 -27.77 -34.57
C PRO B 184 -24.14 -27.95 -33.65
N LEU B 185 -23.74 -29.17 -33.32
CA LEU B 185 -22.72 -29.37 -32.26
C LEU B 185 -21.29 -29.75 -32.64
N THR B 186 -20.99 -29.84 -33.93
CA THR B 186 -19.67 -30.31 -34.38
C THR B 186 -19.06 -29.30 -35.31
N GLU B 187 -17.87 -28.78 -35.01
CA GLU B 187 -17.39 -27.78 -35.85
C GLU B 187 -16.60 -28.39 -36.95
N ASN B 188 -16.80 -27.87 -38.15
CA ASN B 188 -16.09 -28.34 -39.33
C ASN B 188 -15.25 -27.21 -39.79
N SER B 189 -13.99 -27.47 -40.04
CA SER B 189 -13.21 -26.42 -40.63
C SER B 189 -12.25 -27.11 -41.55
N HIS B 190 -12.79 -27.58 -42.67
CA HIS B 190 -12.01 -28.33 -43.63
C HIS B 190 -12.48 -28.03 -45.02
N GLN B 191 -11.48 -27.94 -45.89
CA GLN B 191 -11.61 -27.87 -47.32
C GLN B 191 -11.85 -29.26 -48.01
N TRP B 192 -11.43 -30.35 -47.39
CA TRP B 192 -11.50 -31.65 -48.04
C TRP B 192 -12.30 -32.65 -47.25
N SER B 193 -12.76 -33.69 -47.92
CA SER B 193 -13.55 -34.78 -47.36
C SER B 193 -13.52 -35.98 -48.30
N ILE B 194 -13.82 -37.21 -47.80
CA ILE B 194 -14.13 -38.37 -48.64
C ILE B 194 -15.68 -38.33 -48.75
N THR B 195 -16.17 -38.28 -49.98
CA THR B 195 -17.61 -38.48 -50.20
C THR B 195 -17.96 -39.87 -49.74
N THR B 196 -19.21 -40.06 -49.35
CA THR B 196 -19.58 -41.40 -48.99
C THR B 196 -19.59 -42.34 -50.18
N GLU B 197 -19.86 -41.80 -51.37
CA GLU B 197 -19.72 -42.58 -52.60
C GLU B 197 -18.26 -43.01 -52.84
N ASN B 198 -17.27 -42.11 -52.75
CA ASN B 198 -15.85 -42.50 -52.94
C ASN B 198 -15.32 -43.46 -51.86
N PHE B 199 -15.88 -43.34 -50.66
CA PHE B 199 -15.55 -44.25 -49.58
C PHE B 199 -16.02 -45.67 -49.90
N THR B 200 -17.33 -45.82 -50.10
CA THR B 200 -17.97 -47.07 -50.51
C THR B 200 -17.23 -47.78 -51.64
N ALA B 201 -16.87 -47.03 -52.68
CA ALA B 201 -16.25 -47.57 -53.88
C ALA B 201 -14.82 -48.01 -53.62
N ASN B 202 -14.24 -47.58 -52.51
CA ASN B 202 -12.91 -48.06 -52.14
C ASN B 202 -12.97 -49.26 -51.21
N LYS B 203 -12.35 -50.33 -51.66
CA LYS B 203 -12.58 -51.67 -51.15
C LYS B 203 -11.86 -51.85 -49.82
N LYS B 204 -10.66 -51.30 -49.74
CA LYS B 204 -9.90 -51.27 -48.50
C LYS B 204 -10.59 -50.46 -47.38
N LEU B 205 -11.17 -49.29 -47.73
CA LEU B 205 -11.87 -48.46 -46.74
C LEU B 205 -13.18 -49.09 -46.31
N LYS B 206 -14.00 -49.54 -47.27
CA LYS B 206 -15.29 -50.17 -46.96
C LYS B 206 -15.19 -51.36 -45.99
N LYS B 207 -14.06 -52.06 -46.04
CA LYS B 207 -13.86 -53.31 -45.30
C LYS B 207 -13.23 -52.99 -43.96
N PHE B 208 -12.34 -52.02 -43.95
CA PHE B 208 -11.65 -51.65 -42.73
C PHE B 208 -12.41 -50.77 -41.70
N TYR B 209 -13.26 -49.87 -42.14
CA TYR B 209 -13.96 -48.92 -41.28
C TYR B 209 -15.46 -48.98 -41.26
N ARG B 210 -16.02 -48.88 -40.07
CA ARG B 210 -17.46 -48.73 -39.96
C ARG B 210 -17.67 -47.22 -39.98
N VAL B 211 -18.69 -46.73 -40.68
CA VAL B 211 -19.02 -45.30 -40.80
C VAL B 211 -20.13 -44.96 -39.81
N LEU B 212 -19.84 -44.10 -38.85
CA LEU B 212 -20.88 -43.80 -37.82
C LEU B 212 -21.78 -42.67 -38.19
N SER B 213 -21.26 -41.69 -38.92
CA SER B 213 -22.09 -40.51 -39.25
C SER B 213 -21.67 -39.94 -40.58
N THR B 214 -22.55 -39.19 -41.19
CA THR B 214 -22.20 -38.53 -42.41
C THR B 214 -22.64 -37.05 -42.29
N ASN B 215 -22.10 -36.23 -43.19
CA ASN B 215 -22.65 -34.93 -43.39
C ASN B 215 -22.70 -34.53 -44.88
N THR B 216 -23.50 -33.52 -45.19
CA THR B 216 -23.49 -32.91 -46.49
C THR B 216 -23.23 -31.38 -46.46
N ASP B 217 -22.69 -30.83 -47.52
CA ASP B 217 -22.61 -29.37 -47.65
C ASP B 217 -23.71 -28.85 -48.55
N GLY B 218 -24.62 -29.74 -48.91
CA GLY B 218 -25.75 -29.43 -49.76
C GLY B 218 -25.59 -30.04 -51.15
N TYR B 219 -24.35 -30.37 -51.49
CA TYR B 219 -24.05 -31.00 -52.75
C TYR B 219 -23.40 -32.35 -52.54
N ASN B 220 -22.23 -32.35 -51.90
CA ASN B 220 -21.46 -33.53 -51.49
C ASN B 220 -21.94 -34.09 -50.11
N LYS B 221 -22.04 -35.41 -50.03
CA LYS B 221 -22.28 -36.10 -48.82
C LYS B 221 -21.02 -36.83 -48.39
N PHE B 222 -20.53 -36.58 -47.17
CA PHE B 222 -19.23 -37.13 -46.76
C PHE B 222 -19.27 -37.83 -45.38
N VAL B 223 -18.28 -38.69 -45.15
CA VAL B 223 -18.04 -39.37 -43.86
C VAL B 223 -17.55 -38.38 -42.79
N SER B 224 -18.21 -38.33 -41.65
CA SER B 224 -17.79 -37.37 -40.64
C SER B 224 -17.24 -38.10 -39.39
N THR B 225 -17.76 -39.31 -39.17
CA THR B 225 -17.24 -40.12 -38.12
C THR B 225 -17.12 -41.56 -38.51
N MET B 226 -15.95 -42.10 -38.24
CA MET B 226 -15.77 -43.53 -38.42
C MET B 226 -14.94 -44.22 -37.32
N GLU B 227 -15.06 -45.55 -37.26
CA GLU B 227 -14.22 -46.41 -36.39
C GLU B 227 -13.91 -47.72 -37.14
N ALA B 228 -12.67 -48.21 -37.00
CA ALA B 228 -12.25 -49.50 -37.54
C ALA B 228 -13.06 -50.68 -36.98
N TYR B 229 -13.36 -51.64 -37.87
CA TYR B 229 -14.16 -52.81 -37.43
C TYR B 229 -13.44 -53.62 -36.37
N ASP B 230 -12.15 -53.86 -36.60
CA ASP B 230 -11.36 -54.83 -35.84
C ASP B 230 -10.19 -54.19 -35.12
N PHE B 231 -10.13 -52.87 -35.14
CA PHE B 231 -9.07 -52.15 -34.47
C PHE B 231 -9.63 -50.92 -33.75
N PRO B 232 -8.95 -50.52 -32.66
CA PRO B 232 -9.24 -49.28 -31.96
C PRO B 232 -8.59 -48.05 -32.67
N ILE B 233 -8.99 -47.88 -33.94
CA ILE B 233 -8.73 -46.66 -34.71
C ILE B 233 -10.05 -45.95 -34.80
N TYR B 234 -10.07 -44.68 -34.36
CA TYR B 234 -11.31 -43.85 -34.41
C TYR B 234 -11.02 -42.52 -35.10
N ALA B 235 -11.94 -41.98 -35.90
CA ALA B 235 -11.62 -40.72 -36.62
C ALA B 235 -12.80 -39.78 -36.87
N THR B 236 -12.54 -38.49 -36.75
CA THR B 236 -13.58 -37.52 -36.99
C THR B 236 -13.11 -36.46 -37.96
N GLN B 237 -14.00 -36.09 -38.89
CA GLN B 237 -13.71 -35.10 -39.93
C GLN B 237 -13.91 -33.73 -39.31
N TRP B 238 -14.76 -33.67 -38.29
CA TRP B 238 -14.95 -32.53 -37.45
C TRP B 238 -13.98 -32.45 -36.23
N ASN B 239 -13.99 -31.31 -35.50
CA ASN B 239 -13.01 -31.03 -34.42
C ASN B 239 -13.71 -30.96 -33.07
N PRO B 240 -13.66 -32.06 -32.33
CA PRO B 240 -14.36 -32.15 -31.04
C PRO B 240 -13.68 -31.26 -30.00
N GLU B 241 -12.36 -31.17 -30.08
CA GLU B 241 -11.62 -30.42 -29.09
C GLU B 241 -12.03 -28.93 -29.00
N LYS B 242 -12.61 -28.37 -30.06
CA LYS B 242 -12.78 -26.91 -30.15
C LYS B 242 -13.92 -26.42 -29.26
N ASN B 243 -14.97 -27.21 -29.13
CA ASN B 243 -16.14 -26.67 -28.42
C ASN B 243 -15.79 -26.06 -27.03
N ALA B 244 -14.88 -26.68 -26.28
CA ALA B 244 -14.70 -26.26 -24.89
C ALA B 244 -13.57 -25.27 -24.77
N PHE B 245 -12.68 -25.28 -25.75
CA PHE B 245 -11.34 -24.78 -25.54
C PHE B 245 -10.91 -23.74 -26.55
N GLU B 246 -11.68 -23.54 -27.63
CA GLU B 246 -11.35 -22.52 -28.66
C GLU B 246 -12.46 -21.50 -28.79
N TRP B 247 -12.12 -20.21 -28.78
CA TRP B 247 -13.10 -19.16 -28.60
C TRP B 247 -12.95 -18.07 -29.71
N THR B 248 -12.16 -18.41 -30.74
CA THR B 248 -11.70 -17.53 -31.81
C THR B 248 -12.58 -17.33 -33.04
N ARG B 249 -13.63 -18.13 -33.24
CA ARG B 249 -14.38 -18.16 -34.48
C ARG B 249 -15.84 -18.30 -34.15
N PRO B 250 -16.69 -17.65 -34.94
CA PRO B 250 -18.12 -17.71 -34.62
C PRO B 250 -18.76 -19.02 -34.98
N TYR B 251 -18.07 -19.95 -35.63
CA TYR B 251 -18.75 -21.20 -35.97
C TYR B 251 -18.29 -22.36 -35.06
N ILE B 252 -17.60 -22.03 -33.96
CA ILE B 252 -17.33 -23.05 -32.92
C ILE B 252 -18.53 -23.07 -31.96
N PRO B 253 -19.19 -24.23 -31.83
CA PRO B 253 -20.34 -24.31 -30.96
C PRO B 253 -19.93 -24.39 -29.50
N HIS B 254 -20.73 -23.79 -28.61
CA HIS B 254 -20.38 -23.68 -27.23
C HIS B 254 -21.62 -23.83 -26.38
N THR B 255 -22.65 -24.48 -26.91
CA THR B 255 -23.87 -24.70 -26.12
C THR B 255 -23.58 -25.73 -25.05
N PRO B 256 -24.39 -25.80 -23.97
CA PRO B 256 -24.09 -26.86 -22.97
C PRO B 256 -23.91 -28.27 -23.61
N SER B 257 -24.79 -28.69 -24.53
CA SER B 257 -24.61 -30.02 -25.14
C SER B 257 -23.34 -30.13 -25.99
N ALA B 258 -22.91 -29.02 -26.55
CA ALA B 258 -21.65 -28.97 -27.25
C ALA B 258 -20.50 -29.26 -26.31
N ILE B 259 -20.54 -28.62 -25.13
CA ILE B 259 -19.55 -28.92 -24.09
C ILE B 259 -19.49 -30.43 -23.67
N LYS B 260 -20.63 -31.09 -23.61
CA LYS B 260 -20.66 -32.49 -23.18
C LYS B 260 -20.11 -33.39 -24.29
N THR B 261 -20.33 -32.96 -25.53
CA THR B 261 -19.89 -33.71 -26.69
C THR B 261 -18.37 -33.77 -26.72
N THR B 262 -17.73 -32.69 -26.26
CA THR B 262 -16.30 -32.66 -26.22
C THR B 262 -15.82 -33.63 -25.17
N PHE B 263 -16.47 -33.60 -24.04
CA PHE B 263 -16.11 -34.48 -22.96
C PHE B 263 -16.34 -35.98 -23.28
N TYR B 264 -17.55 -36.34 -23.70
CA TYR B 264 -17.79 -37.74 -24.04
C TYR B 264 -16.87 -38.29 -25.08
N MET B 265 -16.53 -37.52 -26.11
CA MET B 265 -15.62 -38.02 -27.14
C MET B 265 -14.24 -38.36 -26.56
N ALA B 266 -13.71 -37.46 -25.73
CA ALA B 266 -12.39 -37.70 -25.14
C ALA B 266 -12.44 -38.83 -24.09
N ASN B 267 -13.53 -38.87 -23.34
CA ASN B 267 -13.77 -39.89 -22.33
C ASN B 267 -13.66 -41.27 -22.97
N PHE B 268 -14.36 -41.46 -24.08
CA PHE B 268 -14.24 -42.70 -24.77
C PHE B 268 -12.83 -43.03 -25.21
N PHE B 269 -12.12 -42.09 -25.82
CA PHE B 269 -10.78 -42.39 -26.25
C PHE B 269 -9.77 -42.63 -25.09
N VAL B 270 -9.90 -41.93 -23.97
CA VAL B 270 -9.00 -42.25 -22.87
C VAL B 270 -9.35 -43.62 -22.24
N ASN B 271 -10.62 -43.97 -22.10
CA ASN B 271 -10.96 -45.32 -21.65
C ASN B 271 -10.34 -46.46 -22.53
N GLU B 272 -10.19 -46.23 -23.82
CA GLU B 272 -9.47 -47.13 -24.68
C GLU B 272 -7.98 -47.18 -24.32
N ALA B 273 -7.37 -46.01 -24.10
CA ALA B 273 -5.94 -45.98 -23.74
C ALA B 273 -5.74 -46.68 -22.38
N ARG B 274 -6.78 -46.74 -21.56
CA ARG B 274 -6.73 -47.40 -20.24
C ARG B 274 -6.55 -48.94 -20.34
N LYS B 275 -6.93 -49.48 -21.50
CA LYS B 275 -6.75 -50.89 -21.84
C LYS B 275 -5.30 -51.21 -22.24
N ASN B 276 -4.45 -50.17 -22.36
CA ASN B 276 -3.05 -50.35 -22.74
C ASN B 276 -2.10 -50.21 -21.58
N LEU B 277 -1.21 -51.19 -21.45
CA LEU B 277 -0.40 -51.34 -20.24
C LEU B 277 1.06 -50.96 -20.41
N HIS B 278 1.43 -50.36 -21.55
CA HIS B 278 2.77 -49.83 -21.68
C HIS B 278 3.04 -48.84 -20.56
N SER B 279 4.32 -48.56 -20.36
CA SER B 279 4.74 -47.53 -19.43
C SER B 279 6.18 -47.25 -19.75
N PHE B 280 6.65 -46.12 -19.27
CA PHE B 280 8.00 -45.70 -19.48
C PHE B 280 8.96 -46.62 -18.71
N ALA B 281 10.21 -46.74 -19.18
CA ALA B 281 11.25 -47.57 -18.53
C ALA B 281 11.64 -47.08 -17.11
N SER B 282 11.77 -45.76 -16.92
CA SER B 282 11.88 -45.15 -15.58
C SER B 282 10.90 -43.97 -15.39
N THR B 283 10.68 -43.51 -14.16
CA THR B 283 9.95 -42.26 -13.94
C THR B 283 10.73 -41.00 -14.44
N GLU B 284 12.04 -40.95 -14.21
CA GLU B 284 12.85 -39.84 -14.73
C GLU B 284 12.61 -39.60 -16.22
N GLU B 285 12.41 -40.68 -16.98
CA GLU B 285 12.17 -40.63 -18.43
C GLU B 285 10.76 -40.17 -18.75
N GLU B 286 9.80 -40.62 -17.96
CA GLU B 286 8.43 -40.26 -18.17
C GLU B 286 8.30 -38.74 -17.89
N GLU B 287 8.88 -38.31 -16.77
CA GLU B 287 8.82 -36.94 -16.40
C GLU B 287 9.43 -36.01 -17.45
N LYS B 288 10.49 -36.43 -18.12
CA LYS B 288 11.13 -35.60 -19.16
C LYS B 288 10.32 -35.53 -20.47
N ALA B 289 9.51 -36.55 -20.74
CA ALA B 289 8.67 -36.59 -21.93
C ALA B 289 7.37 -35.72 -21.89
N LEU B 290 6.85 -35.49 -20.69
CA LEU B 290 5.50 -34.90 -20.51
C LEU B 290 5.38 -33.46 -21.03
N ILE B 291 4.21 -33.15 -21.56
CA ILE B 291 3.93 -31.84 -22.11
C ILE B 291 4.09 -30.67 -21.10
N TYR B 292 4.15 -30.99 -19.81
CA TYR B 292 4.31 -30.00 -18.75
C TYR B 292 5.65 -29.26 -18.87
N ASN B 293 6.66 -29.95 -19.41
CA ASN B 293 7.96 -29.34 -19.69
C ASN B 293 7.94 -28.15 -20.65
N TYR B 294 6.84 -27.98 -21.38
CA TYR B 294 6.72 -26.98 -22.42
C TYR B 294 5.62 -25.98 -22.08
N LYS B 295 5.85 -24.73 -22.44
CA LYS B 295 4.93 -23.65 -22.19
C LYS B 295 4.38 -23.16 -23.52
N PRO B 296 3.07 -23.05 -23.64
CA PRO B 296 2.51 -22.56 -24.91
C PRO B 296 2.58 -21.01 -25.05
N GLU B 297 2.37 -20.48 -26.28
CA GLU B 297 2.30 -19.04 -26.50
C GLU B 297 0.82 -18.66 -26.71
N TYR B 298 0.50 -17.41 -26.40
CA TYR B 298 -0.84 -16.91 -26.61
C TYR B 298 -0.99 -16.51 -28.09
N THR B 299 -1.65 -17.32 -28.90
CA THR B 299 -1.73 -17.01 -30.32
C THR B 299 -3.16 -16.72 -30.72
N GLY B 300 -4.07 -16.71 -29.79
CA GLY B 300 -5.45 -16.33 -30.04
C GLY B 300 -5.83 -15.08 -30.84
N ILE B 301 -4.97 -14.09 -30.97
CA ILE B 301 -5.38 -12.80 -31.53
C ILE B 301 -5.32 -12.88 -33.03
N GLN B 302 -4.20 -13.39 -33.50
CA GLN B 302 -3.97 -13.82 -34.88
C GLN B 302 -4.74 -15.11 -35.23
N SER B 303 -4.24 -16.23 -34.69
CA SER B 303 -4.54 -17.61 -35.11
C SER B 303 -5.93 -18.05 -34.72
N ALA B 304 -6.35 -19.25 -35.15
CA ALA B 304 -7.62 -19.84 -34.77
C ALA B 304 -7.46 -20.57 -33.45
N PHE B 305 -6.22 -20.71 -33.04
CA PHE B 305 -5.87 -21.37 -31.77
C PHE B 305 -5.58 -20.33 -30.72
N GLU B 306 -6.31 -20.41 -29.59
CA GLU B 306 -6.05 -19.61 -28.39
C GLU B 306 -4.60 -19.74 -27.98
N GLN B 307 -4.08 -20.96 -27.88
CA GLN B 307 -2.73 -21.15 -27.36
C GLN B 307 -2.05 -22.13 -28.24
N THR B 308 -0.76 -21.95 -28.53
CA THR B 308 -0.08 -23.01 -29.25
C THR B 308 1.31 -23.27 -28.71
N TYR B 309 1.67 -24.56 -28.74
CA TYR B 309 2.98 -25.05 -28.30
C TYR B 309 3.90 -25.18 -29.49
N PHE B 310 5.07 -24.55 -29.39
CA PHE B 310 6.07 -24.58 -30.44
C PHE B 310 7.24 -25.36 -29.97
N PHE B 311 7.73 -26.21 -30.84
CA PHE B 311 8.95 -26.90 -30.56
C PHE B 311 10.00 -26.59 -31.61
N ASN B 312 11.25 -26.74 -31.17
CA ASN B 312 12.43 -26.78 -32.02
C ASN B 312 12.57 -28.23 -32.50
N LYS C 26 25.17 39.51 -26.14
CA LYS C 26 25.45 38.06 -26.47
C LYS C 26 24.92 37.08 -25.36
N THR C 27 23.93 36.25 -25.71
CA THR C 27 23.43 35.15 -24.89
C THR C 27 23.54 33.85 -25.67
N ASN C 28 23.23 32.77 -24.95
CA ASN C 28 23.30 31.45 -25.44
C ASN C 28 21.89 30.90 -25.39
N GLU C 29 21.27 30.70 -26.55
CA GLU C 29 19.91 30.22 -26.58
C GLU C 29 19.79 28.70 -26.84
N ARG C 30 20.92 27.99 -26.75
CA ARG C 30 20.97 26.52 -26.72
C ARG C 30 21.57 26.01 -25.43
N PRO C 31 21.10 26.50 -24.28
CA PRO C 31 21.70 26.12 -22.98
C PRO C 31 21.57 24.64 -22.62
N ILE C 32 22.63 24.10 -22.00
CA ILE C 32 22.69 22.70 -21.58
C ILE C 32 23.19 22.66 -20.16
N ILE C 33 22.43 21.99 -19.29
CA ILE C 33 22.65 22.13 -17.87
C ILE C 33 22.89 20.74 -17.27
N GLY C 34 23.87 20.65 -16.40
CA GLY C 34 24.19 19.39 -15.76
C GLY C 34 23.32 19.25 -14.50
N VAL C 35 22.83 18.04 -14.31
CA VAL C 35 22.21 17.60 -13.12
C VAL C 35 23.05 16.44 -12.57
N LEU C 36 23.47 16.64 -11.32
CA LEU C 36 24.21 15.61 -10.59
C LEU C 36 23.44 14.36 -10.26
N ALA C 37 24.09 13.22 -10.50
CA ALA C 37 23.55 11.94 -10.08
C ALA C 37 23.85 11.71 -8.59
N GLN C 38 23.24 10.67 -8.03
CA GLN C 38 23.28 10.44 -6.61
C GLN C 38 23.55 8.98 -6.35
N ASP C 39 24.36 8.69 -5.33
CA ASP C 39 24.74 7.31 -5.00
C ASP C 39 23.48 6.54 -4.59
N VAL C 40 23.29 5.35 -5.14
CA VAL C 40 22.20 4.45 -4.78
C VAL C 40 22.50 3.76 -3.45
N PHE C 41 21.47 3.67 -2.61
CA PHE C 41 21.43 2.93 -1.33
C PHE C 41 22.17 1.59 -1.42
N ASP C 42 21.60 0.63 -2.15
CA ASP C 42 22.24 -0.71 -2.23
C ASP C 42 22.72 -0.96 -3.68
N PRO C 43 23.91 -0.42 -4.06
CA PRO C 43 24.34 -0.29 -5.43
C PRO C 43 24.74 -1.59 -6.14
N LYS C 44 24.15 -1.83 -7.31
CA LYS C 44 24.51 -2.95 -8.17
C LYS C 44 25.01 -2.42 -9.52
N PRO C 45 25.70 -3.29 -10.32
CA PRO C 45 25.95 -2.98 -11.74
C PRO C 45 24.69 -2.48 -12.50
N ASP C 46 24.89 -1.47 -13.34
CA ASP C 46 23.84 -0.72 -14.03
C ASP C 46 23.03 0.16 -13.09
N ARG C 47 23.44 0.22 -11.82
CA ARG C 47 22.62 0.86 -10.78
C ARG C 47 23.43 1.46 -9.61
N ASN C 48 24.45 2.24 -9.92
CA ASN C 48 25.31 2.87 -8.91
C ASN C 48 24.82 4.28 -8.52
N SER C 49 24.09 4.93 -9.43
CA SER C 49 23.60 6.27 -9.13
C SER C 49 22.32 6.57 -9.89
N TYR C 50 21.69 7.69 -9.59
CA TYR C 50 20.37 7.92 -10.08
C TYR C 50 20.05 9.41 -10.08
N ILE C 51 19.19 9.80 -11.04
CA ILE C 51 18.55 11.09 -11.07
C ILE C 51 17.07 10.86 -11.30
N ALA C 52 16.29 11.48 -10.42
CA ALA C 52 14.83 11.54 -10.52
C ALA C 52 14.50 12.37 -11.77
N ALA C 53 13.62 11.83 -12.61
CA ALA C 53 13.31 12.38 -13.93
C ALA C 53 12.71 13.74 -13.78
N SER C 54 11.98 13.98 -12.67
CA SER C 54 11.37 15.30 -12.46
C SER C 54 12.40 16.42 -12.53
N TYR C 55 13.67 16.18 -12.27
CA TYR C 55 14.63 17.28 -12.39
C TYR C 55 14.97 17.52 -13.85
N VAL C 56 14.94 16.44 -14.65
CA VAL C 56 15.27 16.59 -16.03
C VAL C 56 14.14 17.40 -16.67
N LYS C 57 12.90 16.97 -16.41
CA LYS C 57 11.73 17.66 -16.97
C LYS C 57 11.64 19.13 -16.58
N PHE C 58 12.06 19.46 -15.35
CA PHE C 58 12.01 20.81 -14.82
C PHE C 58 12.86 21.71 -15.69
N LEU C 59 14.05 21.26 -16.10
CA LEU C 59 14.95 22.09 -16.88
C LEU C 59 14.48 22.21 -18.35
N GLU C 60 14.04 21.11 -18.93
CA GLU C 60 13.68 21.05 -20.35
C GLU C 60 12.50 21.94 -20.57
N SER C 61 11.60 21.94 -19.60
CA SER C 61 10.40 22.70 -19.78
C SER C 61 10.69 24.20 -19.84
N ALA C 62 11.79 24.63 -19.26
CA ALA C 62 12.17 26.03 -19.41
C ALA C 62 13.14 26.24 -20.58
N GLY C 63 13.28 25.25 -21.46
CA GLY C 63 14.07 25.45 -22.64
C GLY C 63 15.57 25.20 -22.47
N ALA C 64 15.92 24.22 -21.66
CA ALA C 64 17.29 23.77 -21.67
C ALA C 64 17.37 22.30 -22.05
N ARG C 65 18.57 21.89 -22.44
CA ARG C 65 18.84 20.49 -22.62
C ARG C 65 19.60 20.02 -21.37
N VAL C 66 19.62 18.73 -21.17
CA VAL C 66 20.17 18.20 -19.93
C VAL C 66 21.26 17.17 -20.13
N VAL C 67 22.26 17.22 -19.26
CA VAL C 67 23.35 16.23 -19.24
C VAL C 67 23.48 15.72 -17.81
N PRO C 68 23.43 14.38 -17.59
CA PRO C 68 23.58 13.86 -16.22
C PRO C 68 25.07 13.88 -15.88
N VAL C 69 25.41 14.33 -14.67
CA VAL C 69 26.80 14.38 -14.21
C VAL C 69 27.05 13.18 -13.35
N MET C 70 27.98 12.30 -13.73
CA MET C 70 28.20 11.03 -13.03
C MET C 70 28.91 11.16 -11.67
N ILE C 71 28.67 10.23 -10.75
CA ILE C 71 29.47 10.25 -9.52
C ILE C 71 30.85 9.59 -9.71
N ASN C 72 31.72 9.83 -8.72
CA ASN C 72 32.93 9.07 -8.56
C ASN C 72 33.75 9.20 -9.82
N LYS C 73 33.83 10.43 -10.34
CA LYS C 73 34.67 10.70 -11.48
C LYS C 73 35.85 11.56 -11.01
N SER C 74 36.87 11.72 -11.85
CA SER C 74 38.04 12.52 -11.46
C SER C 74 37.84 14.03 -11.63
N GLU C 75 38.50 14.81 -10.77
CA GLU C 75 38.58 16.27 -10.89
C GLU C 75 38.80 16.70 -12.35
N ASP C 76 39.63 15.95 -13.07
CA ASP C 76 39.93 16.28 -14.47
C ASP C 76 38.66 16.20 -15.35
N GLU C 77 37.98 15.05 -15.33
CA GLU C 77 36.73 14.85 -16.04
C GLU C 77 35.62 15.88 -15.73
N TYR C 78 35.52 16.32 -14.49
CA TYR C 78 34.53 17.35 -14.12
C TYR C 78 34.81 18.75 -14.69
N SER C 79 36.03 19.24 -14.52
CA SER C 79 36.45 20.50 -15.14
C SER C 79 36.22 20.50 -16.66
N ARG C 80 36.44 19.37 -17.34
CA ARG C 80 36.15 19.31 -18.77
C ARG C 80 34.66 19.39 -19.02
N LEU C 81 33.86 18.73 -18.16
CA LEU C 81 32.43 18.81 -18.31
C LEU C 81 31.96 20.23 -18.02
N PHE C 82 32.49 20.79 -16.94
CA PHE C 82 32.18 22.10 -16.48
C PHE C 82 32.39 23.11 -17.60
N LYS C 83 33.39 22.85 -18.41
CA LYS C 83 33.74 23.74 -19.49
C LYS C 83 32.82 23.58 -20.69
N SER C 84 32.05 22.50 -20.75
CA SER C 84 31.12 22.40 -21.89
C SER C 84 29.66 22.81 -21.60
N ILE C 85 29.21 22.67 -20.35
CA ILE C 85 27.79 22.98 -19.98
C ILE C 85 27.62 24.41 -19.44
N ASN C 86 26.37 24.79 -19.22
CA ASN C 86 26.09 26.18 -18.97
C ASN C 86 25.56 26.46 -17.59
N GLY C 87 25.56 25.45 -16.71
CA GLY C 87 24.83 25.53 -15.43
C GLY C 87 24.80 24.16 -14.76
N VAL C 88 24.63 24.12 -13.42
CA VAL C 88 24.49 22.87 -12.70
C VAL C 88 23.41 22.97 -11.65
N LEU C 89 22.71 21.85 -11.51
CA LEU C 89 21.72 21.68 -10.47
C LEU C 89 22.14 20.57 -9.51
N PHE C 90 22.13 20.88 -8.22
CA PHE C 90 22.19 19.88 -7.12
C PHE C 90 20.76 19.46 -6.62
N PRO C 91 20.30 18.23 -6.96
CA PRO C 91 18.95 17.80 -6.66
C PRO C 91 18.75 17.35 -5.19
N GLY C 92 17.51 17.08 -4.77
CA GLY C 92 17.23 16.52 -3.45
C GLY C 92 17.68 15.05 -3.43
N GLY C 93 17.46 14.36 -2.31
CA GLY C 93 17.94 13.00 -2.11
C GLY C 93 18.18 12.67 -0.65
N GLY C 94 18.75 11.50 -0.39
CA GLY C 94 18.91 11.05 1.03
C GLY C 94 20.33 10.71 1.42
N VAL C 95 21.17 10.76 0.41
CA VAL C 95 22.58 10.64 0.46
C VAL C 95 23.35 11.60 1.43
N SER C 96 24.55 11.19 1.83
CA SER C 96 25.30 11.92 2.87
C SER C 96 25.85 13.22 2.32
N LEU C 97 25.76 14.29 3.13
CA LEU C 97 26.38 15.57 2.80
C LEU C 97 27.90 15.59 2.87
N GLU C 98 28.51 14.57 3.43
CA GLU C 98 29.97 14.65 3.58
C GLU C 98 30.79 13.57 2.90
N SER C 99 30.33 12.34 2.95
CA SER C 99 31.18 11.28 2.46
C SER C 99 30.69 10.59 1.19
N SER C 100 29.69 11.17 0.53
CA SER C 100 29.13 10.55 -0.69
C SER C 100 29.78 11.07 -1.94
N GLY C 101 29.77 10.23 -2.98
CA GLY C 101 30.12 10.59 -4.36
C GLY C 101 29.42 11.86 -4.86
N TYR C 102 28.12 11.96 -4.61
CA TYR C 102 27.39 13.18 -4.92
C TYR C 102 28.02 14.41 -4.23
N SER C 103 28.24 14.34 -2.92
CA SER C 103 28.78 15.53 -2.24
C SER C 103 30.20 15.82 -2.68
N LYS C 104 31.00 14.80 -3.01
CA LYS C 104 32.35 15.14 -3.48
C LYS C 104 32.24 15.86 -4.81
N ALA C 105 31.40 15.34 -5.72
CA ALA C 105 31.15 15.97 -7.03
C ALA C 105 30.55 17.41 -6.95
N ALA C 106 29.64 17.59 -6.02
CA ALA C 106 29.04 18.91 -5.86
C ALA C 106 30.09 19.98 -5.39
N GLY C 107 30.97 19.62 -4.46
CA GLY C 107 32.03 20.57 -3.97
C GLY C 107 32.98 21.04 -5.08
N ILE C 108 33.40 20.08 -5.88
CA ILE C 108 34.14 20.38 -7.09
C ILE C 108 33.37 21.35 -8.01
N PHE C 109 32.10 21.06 -8.32
CA PHE C 109 31.35 22.00 -9.17
C PHE C 109 31.15 23.36 -8.52
N TYR C 110 30.89 23.38 -7.24
CA TYR C 110 30.84 24.63 -6.51
C TYR C 110 32.17 25.46 -6.54
N ARG C 111 33.30 24.82 -6.25
CA ARG C 111 34.59 25.51 -6.33
C ARG C 111 34.86 25.94 -7.75
N LEU C 112 34.55 25.09 -8.74
CA LEU C 112 34.75 25.50 -10.15
C LEU C 112 33.85 26.65 -10.54
N ALA C 113 32.63 26.68 -10.03
CA ALA C 113 31.71 27.78 -10.33
C ALA C 113 32.05 29.14 -9.62
N LEU C 114 32.53 29.08 -8.38
CA LEU C 114 33.01 30.30 -7.73
C LEU C 114 34.16 30.94 -8.53
N GLU C 115 35.20 30.15 -8.81
CA GLU C 115 36.37 30.56 -9.60
C GLU C 115 35.94 31.12 -10.97
N ALA C 116 35.08 30.42 -11.69
CA ALA C 116 34.69 30.91 -13.03
C ALA C 116 33.93 32.22 -12.98
N ASN C 117 33.09 32.37 -11.96
CA ASN C 117 32.30 33.62 -11.84
C ASN C 117 33.22 34.77 -11.52
N SER C 118 34.27 34.45 -10.78
CA SER C 118 35.28 35.43 -10.41
C SER C 118 36.06 35.98 -11.59
N ASN C 119 36.15 35.17 -12.64
CA ASN C 119 36.86 35.55 -13.86
C ASN C 119 35.97 36.08 -14.96
N GLY C 120 34.81 36.65 -14.61
CA GLY C 120 33.79 37.12 -15.57
C GLY C 120 33.08 36.05 -16.43
N ASP C 121 33.03 34.81 -15.94
CA ASP C 121 32.44 33.68 -16.70
C ASP C 121 31.17 33.26 -15.96
N TYR C 122 30.05 33.90 -16.30
CA TYR C 122 28.83 33.75 -15.53
C TYR C 122 28.30 32.27 -15.48
N PHE C 123 28.33 31.62 -14.32
CA PHE C 123 27.97 30.17 -14.27
C PHE C 123 27.02 29.83 -13.12
N PRO C 124 25.74 29.57 -13.41
CA PRO C 124 24.77 29.46 -12.31
C PRO C 124 24.68 28.10 -11.64
N VAL C 125 24.30 28.11 -10.38
CA VAL C 125 24.20 26.89 -9.58
C VAL C 125 22.85 26.92 -8.82
N TRP C 126 22.10 25.82 -8.88
CA TRP C 126 20.82 25.74 -8.19
C TRP C 126 20.94 24.49 -7.30
N GLY C 127 20.52 24.62 -6.05
CA GLY C 127 20.53 23.50 -5.11
C GLY C 127 19.13 23.28 -4.56
N THR C 128 18.58 22.08 -4.75
CA THR C 128 17.22 21.81 -4.24
C THR C 128 17.20 20.87 -3.01
N CYS C 129 16.52 21.30 -1.95
CA CYS C 129 16.34 20.43 -0.77
C CYS C 129 17.72 19.95 -0.29
N LEU C 130 18.08 18.68 -0.42
CA LEU C 130 19.45 18.23 -0.09
C LEU C 130 20.49 19.16 -0.70
N GLY C 131 20.28 19.54 -1.97
CA GLY C 131 21.19 20.48 -2.64
C GLY C 131 21.28 21.82 -1.90
N PHE C 132 20.14 22.30 -1.40
CA PHE C 132 20.17 23.52 -0.65
C PHE C 132 21.03 23.25 0.63
N GLU C 133 20.81 22.13 1.32
CA GLU C 133 21.56 21.84 2.53
C GLU C 133 23.04 21.77 2.29
N LEU C 134 23.40 21.08 1.22
CA LEU C 134 24.79 20.94 0.76
C LEU C 134 25.45 22.28 0.57
N LEU C 135 24.68 23.22 0.06
CA LEU C 135 25.16 24.58 -0.11
C LEU C 135 25.38 25.26 1.20
N THR C 136 24.63 24.97 2.26
CA THR C 136 24.94 25.64 3.51
C THR C 136 26.30 25.21 4.05
N LEU C 137 26.61 23.95 3.81
CA LEU C 137 27.84 23.31 4.22
C LEU C 137 29.04 23.75 3.40
N LEU C 138 28.87 23.86 2.10
CA LEU C 138 30.00 24.24 1.23
C LEU C 138 30.49 25.67 1.47
N THR C 139 29.55 26.58 1.76
CA THR C 139 29.97 27.99 1.85
C THR C 139 30.34 28.42 3.28
N SER C 140 29.70 27.79 4.27
CA SER C 140 30.04 28.04 5.69
C SER C 140 31.19 27.19 6.23
N GLY C 141 31.41 26.03 5.62
CA GLY C 141 32.37 25.03 6.13
C GLY C 141 31.80 24.16 7.24
N GLU C 142 30.57 24.43 7.70
CA GLU C 142 29.95 23.73 8.88
C GLU C 142 28.59 22.98 8.58
N LEU C 143 28.24 22.02 9.43
CA LEU C 143 26.90 21.43 9.45
C LEU C 143 26.09 22.16 10.51
N LEU C 144 25.11 22.93 10.09
CA LEU C 144 24.31 23.76 10.95
C LEU C 144 22.84 23.38 10.89
N LEU C 145 22.59 22.17 10.38
CA LEU C 145 21.21 21.71 10.22
C LEU C 145 20.61 21.24 11.51
N SER C 146 19.33 21.51 11.71
CA SER C 146 18.51 20.84 12.76
C SER C 146 17.24 20.14 12.24
N HIS C 147 16.65 19.26 13.04
CA HIS C 147 15.39 18.60 12.71
C HIS C 147 14.20 19.55 12.62
N THR C 148 13.39 19.39 11.57
CA THR C 148 12.13 20.10 11.45
C THR C 148 10.97 19.15 11.13
N ASN C 149 9.79 19.59 11.46
CA ASN C 149 8.61 18.81 11.25
C ASN C 149 8.11 19.02 9.79
N THR C 150 8.91 18.68 8.79
CA THR C 150 8.61 19.14 7.42
C THR C 150 8.74 18.09 6.38
N SER C 151 8.61 16.83 6.83
CA SER C 151 8.56 15.64 5.98
C SER C 151 7.16 15.45 5.40
N GLY C 152 6.82 16.16 4.32
CA GLY C 152 5.52 15.97 3.65
C GLY C 152 4.39 16.96 3.93
N ILE C 153 4.58 18.25 3.58
CA ILE C 153 3.51 19.25 3.69
C ILE C 153 3.73 20.22 2.54
N ALA C 154 2.64 20.70 1.97
CA ALA C 154 2.65 21.82 1.07
C ALA C 154 2.49 23.15 1.84
N LEU C 155 3.42 24.07 1.62
CA LEU C 155 3.44 25.41 2.31
C LEU C 155 3.47 26.63 1.39
N PRO C 156 2.84 27.76 1.79
CA PRO C 156 3.18 29.06 1.23
C PRO C 156 4.64 29.44 1.49
N LEU C 157 5.09 30.54 0.90
CA LEU C 157 6.36 31.09 1.28
C LEU C 157 6.07 32.34 2.12
N ASP C 158 6.76 32.50 3.25
CA ASP C 158 6.80 33.78 3.96
C ASP C 158 7.97 34.63 3.46
N PHE C 159 7.67 35.50 2.52
CA PHE C 159 8.71 36.30 1.93
C PHE C 159 9.34 37.26 2.94
N THR C 160 10.65 37.44 2.80
CA THR C 160 11.37 38.40 3.61
C THR C 160 11.19 39.73 2.91
N GLU C 161 11.48 40.81 3.60
CA GLU C 161 11.40 42.15 3.03
C GLU C 161 12.42 42.31 1.85
N ASP C 162 13.58 41.67 1.99
CA ASP C 162 14.56 41.50 0.92
C ASP C 162 14.14 40.96 -0.48
N VAL C 163 12.92 40.43 -0.67
CA VAL C 163 12.50 39.94 -1.99
C VAL C 163 12.31 41.01 -3.02
N LYS C 164 12.12 42.24 -2.54
CA LYS C 164 11.56 43.30 -3.37
C LYS C 164 12.44 43.75 -4.54
N GLY C 165 13.74 43.59 -4.41
CA GLY C 165 14.56 43.63 -5.61
C GLY C 165 15.47 42.42 -5.74
N SER C 166 15.02 41.25 -5.28
CA SER C 166 15.75 40.01 -5.57
C SER C 166 15.85 39.72 -7.10
N ARG C 167 16.86 38.96 -7.49
CA ARG C 167 17.02 38.51 -8.88
C ARG C 167 16.02 37.38 -9.18
N LEU C 168 15.94 36.40 -8.30
CA LEU C 168 15.20 35.16 -8.56
C LEU C 168 13.72 35.39 -8.93
N PHE C 169 13.07 36.32 -8.22
CA PHE C 169 11.65 36.57 -8.37
C PHE C 169 11.31 37.79 -9.25
N LYS C 170 12.33 38.39 -9.89
CA LYS C 170 12.16 39.64 -10.68
C LYS C 170 11.09 39.52 -11.75
N GLU C 171 11.10 38.40 -12.45
CA GLU C 171 10.17 38.16 -13.54
C GLU C 171 8.87 37.44 -13.19
N PHE C 172 8.60 37.11 -11.93
CA PHE C 172 7.38 36.36 -11.59
C PHE C 172 6.23 37.32 -11.72
N PRO C 173 5.07 36.88 -12.27
CA PRO C 173 3.93 37.82 -12.24
C PRO C 173 3.52 38.18 -10.80
N GLU C 174 3.08 39.41 -10.61
CA GLU C 174 2.59 39.91 -9.32
C GLU C 174 1.51 39.02 -8.68
N GLU C 175 0.49 38.65 -9.46
CA GLU C 175 -0.59 37.78 -8.98
C GLU C 175 -0.02 36.42 -8.54
N LEU C 176 1.05 35.97 -9.20
CA LEU C 176 1.69 34.73 -8.78
C LEU C 176 2.50 34.90 -7.48
N MET C 177 3.23 36.00 -7.36
CA MET C 177 3.92 36.27 -6.09
C MET C 177 2.89 36.32 -4.93
N LYS C 178 1.73 36.93 -5.16
CA LYS C 178 0.70 36.95 -4.15
C LYS C 178 0.18 35.55 -3.78
N SER C 179 -0.16 34.70 -4.75
CA SER C 179 -0.61 33.35 -4.44
C SER C 179 0.40 32.58 -3.62
N LEU C 180 1.66 32.79 -3.93
CA LEU C 180 2.72 32.04 -3.35
C LEU C 180 2.91 32.43 -1.86
N ALA C 181 2.37 33.60 -1.48
CA ALA C 181 2.52 34.14 -0.14
C ALA C 181 1.41 33.63 0.74
N THR C 182 0.34 33.11 0.13
CA THR C 182 -0.88 32.82 0.87
C THR C 182 -1.37 31.40 0.55
N GLU C 183 -0.80 30.76 -0.47
CA GLU C 183 -1.31 29.42 -0.83
C GLU C 183 -0.29 28.32 -0.67
N PRO C 184 -0.77 27.12 -0.29
CA PRO C 184 0.17 26.04 -0.10
C PRO C 184 0.77 25.56 -1.46
N LEU C 185 1.78 26.26 -1.98
CA LEU C 185 2.32 25.97 -3.31
C LEU C 185 3.73 25.35 -3.33
N THR C 186 4.40 25.25 -2.19
CA THR C 186 5.79 24.76 -2.26
C THR C 186 5.90 23.47 -1.51
N GLU C 187 6.37 22.40 -2.16
CA GLU C 187 6.40 21.14 -1.47
C GLU C 187 7.61 20.89 -0.59
N ASN C 188 7.37 20.46 0.65
CA ASN C 188 8.48 20.25 1.61
C ASN C 188 8.55 18.76 1.97
N SER C 189 9.69 18.13 1.79
CA SER C 189 9.87 16.74 2.19
C SER C 189 11.31 16.59 2.68
N HIS C 190 11.63 17.35 3.72
CA HIS C 190 12.97 17.33 4.36
C HIS C 190 12.88 17.06 5.87
N GLN C 191 13.79 16.25 6.39
CA GLN C 191 13.91 16.02 7.85
C GLN C 191 14.68 17.14 8.52
N TRP C 192 15.55 17.77 7.73
CA TRP C 192 16.54 18.77 8.14
C TRP C 192 16.34 20.14 7.48
N SER C 193 16.76 21.22 8.19
CA SER C 193 16.68 22.61 7.71
C SER C 193 17.71 23.48 8.45
N ILE C 194 17.97 24.72 8.01
CA ILE C 194 18.68 25.68 8.86
C ILE C 194 17.60 26.61 9.37
N THR C 195 17.51 26.78 10.68
CA THR C 195 16.66 27.83 11.29
C THR C 195 17.24 29.17 10.94
N THR C 196 16.39 30.17 10.86
CA THR C 196 16.86 31.53 10.65
C THR C 196 17.94 31.90 11.67
N GLU C 197 17.66 31.58 12.92
CA GLU C 197 18.61 31.79 14.01
C GLU C 197 19.99 31.23 13.66
N ASN C 198 20.07 29.97 13.28
CA ASN C 198 21.35 29.37 12.98
C ASN C 198 21.95 29.96 11.73
N PHE C 199 21.09 30.31 10.79
CA PHE C 199 21.56 31.05 9.64
C PHE C 199 22.20 32.37 10.09
N THR C 200 21.48 33.14 10.91
CA THR C 200 21.95 34.50 11.19
C THR C 200 23.23 34.48 12.04
N ALA C 201 23.40 33.47 12.89
CA ALA C 201 24.61 33.36 13.73
C ALA C 201 25.89 32.91 12.99
N ASN C 202 25.74 32.55 11.71
CA ASN C 202 26.88 32.10 10.92
C ASN C 202 27.32 33.24 10.03
N LYS C 203 28.55 33.70 10.23
CA LYS C 203 29.03 34.93 9.62
C LYS C 203 29.15 34.76 8.10
N LYS C 204 29.74 33.64 7.70
CA LYS C 204 29.88 33.31 6.29
C LYS C 204 28.52 33.25 5.58
N LEU C 205 27.51 32.58 6.17
CA LEU C 205 26.23 32.46 5.47
C LEU C 205 25.52 33.79 5.42
N LYS C 206 25.52 34.53 6.54
CA LYS C 206 24.90 35.84 6.61
C LYS C 206 25.51 36.80 5.60
N LYS C 207 26.81 36.65 5.34
CA LYS C 207 27.47 37.58 4.42
C LYS C 207 27.34 37.18 2.93
N PHE C 208 27.03 35.91 2.68
CA PHE C 208 27.08 35.35 1.32
C PHE C 208 25.70 35.19 0.65
N TYR C 209 24.66 34.92 1.42
CA TYR C 209 23.34 34.68 0.89
C TYR C 209 22.28 35.66 1.31
N ARG C 210 21.59 36.21 0.34
CA ARG C 210 20.33 36.92 0.60
C ARG C 210 19.26 35.86 0.75
N VAL C 211 18.59 35.83 1.92
CA VAL C 211 17.43 34.99 2.24
C VAL C 211 16.16 35.63 1.70
N LEU C 212 15.35 34.90 0.91
CA LEU C 212 14.21 35.53 0.24
C LEU C 212 12.87 35.15 0.85
N SER C 213 12.83 34.03 1.56
CA SER C 213 11.63 33.60 2.25
C SER C 213 11.99 32.69 3.41
N THR C 214 11.08 32.60 4.37
CA THR C 214 11.31 31.62 5.41
C THR C 214 10.06 30.75 5.57
N ASN C 215 10.12 29.73 6.40
CA ASN C 215 8.93 28.99 6.71
C ASN C 215 8.85 28.57 8.16
N THR C 216 7.67 28.12 8.54
CA THR C 216 7.57 27.48 9.83
C THR C 216 7.04 26.04 9.81
N ASP C 217 7.15 25.30 10.93
CA ASP C 217 6.61 23.94 10.97
C ASP C 217 5.62 23.72 12.11
N GLY C 218 5.21 24.83 12.71
CA GLY C 218 4.57 24.78 14.02
C GLY C 218 5.42 25.29 15.19
N TYR C 219 6.62 25.25 15.11
CA TYR C 219 7.57 25.59 16.12
C TYR C 219 8.86 26.06 15.49
N ASN C 220 9.59 25.27 14.66
CA ASN C 220 10.78 25.92 14.15
C ASN C 220 10.59 26.97 13.01
N LYS C 221 11.37 28.05 12.97
CA LYS C 221 11.41 28.93 11.83
C LYS C 221 12.69 28.69 11.00
N PHE C 222 12.53 28.37 9.69
CA PHE C 222 13.70 28.04 8.85
C PHE C 222 13.79 28.77 7.48
N VAL C 223 14.99 28.84 6.92
CA VAL C 223 15.20 29.46 5.62
C VAL C 223 14.65 28.58 4.45
N SER C 224 13.78 29.08 3.60
CA SER C 224 13.26 28.22 2.51
C SER C 224 13.79 28.58 1.12
N THR C 225 14.14 29.84 0.92
CA THR C 225 14.67 30.23 -0.35
C THR C 225 15.81 31.23 -0.13
N MET C 226 16.86 31.11 -0.92
CA MET C 226 17.96 32.09 -0.88
C MET C 226 18.76 32.23 -2.20
N GLU C 227 19.47 33.34 -2.33
CA GLU C 227 20.29 33.64 -3.52
C GLU C 227 21.55 34.30 -3.00
N ALA C 228 22.70 34.02 -3.59
CA ALA C 228 23.92 34.63 -3.12
C ALA C 228 23.94 36.09 -3.60
N TYR C 229 24.41 37.00 -2.74
CA TYR C 229 24.55 38.40 -3.10
C TYR C 229 25.38 38.64 -4.33
N ASP C 230 26.51 37.94 -4.44
CA ASP C 230 27.49 38.34 -5.44
C ASP C 230 27.76 37.24 -6.49
N PHE C 231 27.04 36.12 -6.38
CA PHE C 231 27.17 34.97 -7.29
C PHE C 231 25.79 34.41 -7.71
N PRO C 232 25.71 33.81 -8.90
CA PRO C 232 24.40 33.29 -9.29
C PRO C 232 24.17 31.91 -8.70
N ILE C 233 24.00 31.88 -7.38
CA ILE C 233 23.82 30.64 -6.65
C ILE C 233 22.46 30.81 -6.01
N TYR C 234 21.57 29.82 -6.22
CA TYR C 234 20.16 29.92 -5.80
C TYR C 234 19.80 28.61 -5.15
N ALA C 235 18.90 28.65 -4.17
CA ALA C 235 18.62 27.42 -3.43
C ALA C 235 17.27 27.44 -2.75
N THR C 236 16.55 26.34 -2.91
CA THR C 236 15.29 26.21 -2.25
C THR C 236 15.34 24.99 -1.35
N GLN C 237 14.88 25.19 -0.12
CA GLN C 237 14.67 24.06 0.82
C GLN C 237 13.51 23.16 0.36
N TRP C 238 12.54 23.75 -0.30
CA TRP C 238 11.45 23.04 -0.91
C TRP C 238 11.79 22.55 -2.38
N ASN C 239 10.86 21.84 -3.03
CA ASN C 239 11.13 21.12 -4.30
C ASN C 239 10.19 21.59 -5.41
N PRO C 240 10.55 22.68 -6.10
CA PRO C 240 9.62 23.26 -7.14
C PRO C 240 9.38 22.28 -8.35
N GLU C 241 10.35 21.46 -8.70
CA GLU C 241 10.12 20.46 -9.76
C GLU C 241 8.89 19.56 -9.56
N LYS C 242 8.51 19.33 -8.31
CA LYS C 242 7.50 18.35 -8.03
C LYS C 242 6.07 18.69 -8.50
N ASN C 243 5.70 19.96 -8.48
CA ASN C 243 4.32 20.32 -8.69
C ASN C 243 3.76 19.88 -10.05
N ALA C 244 4.55 20.01 -11.10
CA ALA C 244 4.05 19.71 -12.43
C ALA C 244 4.32 18.26 -12.75
N PHE C 245 5.34 17.67 -12.10
CA PHE C 245 5.88 16.39 -12.59
C PHE C 245 5.71 15.17 -11.69
N GLU C 246 5.38 15.33 -10.39
CA GLU C 246 5.27 14.14 -9.51
C GLU C 246 3.89 14.03 -8.90
N TRP C 247 3.37 12.80 -8.95
CA TRP C 247 2.00 12.54 -8.64
C TRP C 247 1.80 11.45 -7.56
N THR C 248 2.83 11.11 -6.79
CA THR C 248 2.79 9.89 -5.94
C THR C 248 2.41 10.15 -4.43
N ARG C 249 2.24 11.42 -4.05
CA ARG C 249 2.12 11.84 -2.66
C ARG C 249 1.07 12.92 -2.53
N PRO C 250 0.19 12.81 -1.51
CA PRO C 250 -0.91 13.75 -1.35
C PRO C 250 -0.48 15.15 -0.96
N TYR C 251 0.81 15.32 -0.60
CA TYR C 251 1.29 16.66 -0.18
C TYR C 251 2.01 17.44 -1.32
N ILE C 252 1.91 16.92 -2.55
CA ILE C 252 2.44 17.64 -3.70
C ILE C 252 1.35 18.51 -4.27
N PRO C 253 1.51 19.84 -4.23
CA PRO C 253 0.47 20.71 -4.78
C PRO C 253 0.45 20.71 -6.31
N HIS C 254 -0.77 20.78 -6.85
CA HIS C 254 -1.04 20.64 -8.27
C HIS C 254 -2.05 21.66 -8.74
N THR C 255 -2.27 22.70 -7.97
CA THR C 255 -3.19 23.76 -8.41
C THR C 255 -2.57 24.49 -9.60
N PRO C 256 -3.37 25.32 -10.30
CA PRO C 256 -2.79 26.11 -11.39
C PRO C 256 -1.63 27.02 -11.03
N SER C 257 -1.69 27.73 -9.91
CA SER C 257 -0.49 28.47 -9.46
C SER C 257 0.68 27.58 -9.07
N ALA C 258 0.41 26.36 -8.69
CA ALA C 258 1.53 25.49 -8.29
C ALA C 258 2.30 25.13 -9.54
N ILE C 259 1.56 24.81 -10.62
CA ILE C 259 2.14 24.56 -11.93
C ILE C 259 2.96 25.74 -12.46
N LYS C 260 2.45 26.94 -12.30
CA LYS C 260 3.14 28.11 -12.83
C LYS C 260 4.37 28.34 -12.00
N THR C 261 4.29 28.00 -10.71
CA THR C 261 5.40 28.22 -9.83
C THR C 261 6.50 27.38 -10.38
N THR C 262 6.21 26.12 -10.70
CA THR C 262 7.29 25.34 -11.21
C THR C 262 7.84 25.83 -12.53
N PHE C 263 7.03 26.34 -13.43
CA PHE C 263 7.61 26.98 -14.59
C PHE C 263 8.47 28.26 -14.32
N TYR C 264 7.95 29.21 -13.56
CA TYR C 264 8.75 30.44 -13.35
C TYR C 264 10.04 30.20 -12.56
N MET C 265 10.07 29.29 -11.59
CA MET C 265 11.36 28.91 -10.98
C MET C 265 12.32 28.43 -12.06
N ALA C 266 11.91 27.47 -12.92
CA ALA C 266 12.88 26.84 -13.89
C ALA C 266 13.32 27.92 -14.92
N ASN C 267 12.34 28.69 -15.33
CA ASN C 267 12.53 29.77 -16.25
C ASN C 267 13.56 30.77 -15.80
N PHE C 268 13.46 31.19 -14.54
CA PHE C 268 14.54 32.01 -14.01
C PHE C 268 15.92 31.31 -14.10
N PHE C 269 15.99 30.07 -13.65
CA PHE C 269 17.31 29.43 -13.65
C PHE C 269 17.88 29.23 -15.05
N VAL C 270 17.06 28.77 -15.98
CA VAL C 270 17.56 28.61 -17.34
C VAL C 270 17.91 29.93 -18.03
N ASN C 271 17.23 31.04 -17.72
CA ASN C 271 17.70 32.33 -18.23
C ASN C 271 19.06 32.68 -17.67
N GLU C 272 19.34 32.22 -16.47
CA GLU C 272 20.64 32.41 -15.89
C GLU C 272 21.67 31.65 -16.67
N ALA C 273 21.38 30.42 -17.05
CA ALA C 273 22.33 29.62 -17.84
C ALA C 273 22.53 30.21 -19.25
N ARG C 274 21.58 31.01 -19.74
CA ARG C 274 21.72 31.64 -21.07
C ARG C 274 22.79 32.71 -21.07
N LYS C 275 23.14 33.22 -19.90
CA LYS C 275 24.24 34.18 -19.78
C LYS C 275 25.59 33.52 -19.85
N ASN C 276 25.57 32.19 -19.93
CA ASN C 276 26.80 31.41 -20.02
C ASN C 276 27.11 30.92 -21.44
N LEU C 277 28.37 31.14 -21.86
CA LEU C 277 28.87 30.93 -23.23
C LEU C 277 29.77 29.69 -23.47
N HIS C 278 29.92 28.82 -22.48
CA HIS C 278 30.55 27.52 -22.75
C HIS C 278 29.80 26.80 -23.89
N SER C 279 30.46 25.86 -24.57
CA SER C 279 29.70 24.90 -25.35
C SER C 279 30.50 23.64 -25.51
N PHE C 280 29.83 22.54 -25.82
CA PHE C 280 30.57 21.41 -26.31
C PHE C 280 31.34 21.77 -27.58
N ALA C 281 32.33 20.96 -27.90
CA ALA C 281 33.32 21.21 -28.94
C ALA C 281 32.75 20.89 -30.30
N SER C 282 31.83 19.93 -30.34
CA SER C 282 31.09 19.60 -31.54
C SER C 282 29.70 19.08 -31.18
N THR C 283 28.85 18.93 -32.18
CA THR C 283 27.54 18.36 -31.87
C THR C 283 27.61 16.88 -31.52
N GLU C 284 28.66 16.18 -31.98
CA GLU C 284 28.79 14.75 -31.62
C GLU C 284 29.15 14.55 -30.17
N GLU C 285 29.91 15.48 -29.62
CA GLU C 285 30.14 15.46 -28.21
C GLU C 285 28.85 15.71 -27.45
N GLU C 286 28.05 16.70 -27.86
CA GLU C 286 26.74 16.89 -27.19
C GLU C 286 26.00 15.58 -27.19
N GLU C 287 25.90 14.99 -28.40
CA GLU C 287 25.15 13.75 -28.58
C GLU C 287 25.56 12.62 -27.64
N LYS C 288 26.87 12.42 -27.45
CA LYS C 288 27.42 11.48 -26.46
C LYS C 288 26.95 11.75 -25.04
N ALA C 289 26.64 13.02 -24.73
CA ALA C 289 26.47 13.40 -23.33
C ALA C 289 25.03 13.58 -22.83
N LEU C 290 24.11 13.99 -23.73
CA LEU C 290 22.73 14.30 -23.38
C LEU C 290 21.97 13.19 -22.66
N ILE C 291 21.08 13.60 -21.75
CA ILE C 291 20.19 12.69 -21.06
C ILE C 291 19.38 11.81 -22.01
N TYR C 292 19.17 12.25 -23.25
CA TYR C 292 18.51 11.42 -24.25
C TYR C 292 19.09 10.01 -24.45
N ASN C 293 20.37 9.83 -24.11
CA ASN C 293 21.02 8.51 -24.26
C ASN C 293 20.48 7.49 -23.25
N TYR C 294 19.69 7.96 -22.27
CA TYR C 294 19.28 7.10 -21.18
C TYR C 294 17.76 7.03 -21.01
N LYS C 295 17.30 5.84 -20.63
CA LYS C 295 15.91 5.55 -20.46
C LYS C 295 15.64 5.36 -18.98
N PRO C 296 14.59 6.03 -18.47
CA PRO C 296 14.25 5.84 -17.06
C PRO C 296 13.29 4.65 -16.84
N GLU C 297 13.22 4.19 -15.59
CA GLU C 297 12.32 3.08 -15.18
C GLU C 297 11.10 3.68 -14.52
N TYR C 298 10.00 2.96 -14.61
CA TYR C 298 8.77 3.45 -14.02
C TYR C 298 8.81 3.07 -12.55
N THR C 299 9.04 4.04 -11.67
CA THR C 299 9.33 3.75 -10.29
C THR C 299 8.26 4.30 -9.38
N GLY C 300 7.16 4.73 -9.97
CA GLY C 300 6.13 5.40 -9.22
C GLY C 300 5.17 4.61 -8.35
N ILE C 301 5.11 3.30 -8.51
CA ILE C 301 4.16 2.53 -7.73
C ILE C 301 4.74 2.46 -6.33
N GLN C 302 6.02 2.20 -6.31
CA GLN C 302 6.80 2.14 -5.13
C GLN C 302 7.22 3.52 -4.64
N SER C 303 8.32 4.04 -5.14
CA SER C 303 8.92 5.32 -4.65
C SER C 303 8.14 6.61 -4.90
N ALA C 304 8.65 7.70 -4.36
CA ALA C 304 8.00 8.94 -4.51
C ALA C 304 8.18 9.59 -5.88
N PHE C 305 9.04 9.01 -6.71
CA PHE C 305 9.39 9.50 -8.10
C PHE C 305 8.71 8.68 -9.19
N GLU C 306 7.87 9.30 -10.01
CA GLU C 306 7.29 8.54 -11.06
C GLU C 306 8.34 7.77 -11.88
N GLN C 307 9.47 8.42 -12.17
CA GLN C 307 10.45 7.85 -13.10
C GLN C 307 11.82 8.15 -12.62
N THR C 308 12.74 7.22 -12.86
CA THR C 308 14.11 7.47 -12.42
C THR C 308 15.17 6.94 -13.36
N TYR C 309 16.21 7.76 -13.53
CA TYR C 309 17.35 7.36 -14.36
C TYR C 309 18.38 6.73 -13.43
N PHE C 310 18.75 5.49 -13.76
CA PHE C 310 19.77 4.77 -13.04
C PHE C 310 21.01 4.67 -13.90
N PHE C 311 22.18 4.86 -13.29
CA PHE C 311 23.40 4.78 -14.10
C PHE C 311 24.36 3.71 -13.57
N ASN C 312 25.17 3.16 -14.48
CA ASN C 312 26.37 2.47 -14.04
C ASN C 312 27.37 3.52 -13.52
N LYS D 26 -32.58 -16.01 -22.13
CA LYS D 26 -31.26 -15.32 -22.38
C LYS D 26 -30.02 -15.77 -21.52
N THR D 27 -29.06 -16.48 -22.14
CA THR D 27 -27.81 -16.95 -21.49
C THR D 27 -26.57 -16.40 -22.19
N ASN D 28 -25.45 -16.49 -21.49
CA ASN D 28 -24.18 -16.10 -22.01
C ASN D 28 -23.32 -17.32 -22.37
N GLU D 29 -22.98 -17.48 -23.63
CA GLU D 29 -22.29 -18.71 -24.12
C GLU D 29 -20.78 -18.60 -24.25
N ARG D 30 -20.25 -17.44 -23.91
CA ARG D 30 -18.81 -17.19 -23.76
C ARG D 30 -18.51 -16.80 -22.26
N PRO D 31 -18.86 -17.67 -21.31
CA PRO D 31 -18.65 -17.33 -19.90
C PRO D 31 -17.20 -17.19 -19.48
N ILE D 32 -16.88 -16.08 -18.84
CA ILE D 32 -15.53 -15.93 -18.35
C ILE D 32 -15.56 -16.00 -16.83
N ILE D 33 -14.72 -16.85 -16.25
CA ILE D 33 -14.75 -16.97 -14.78
C ILE D 33 -13.44 -16.60 -14.10
N GLY D 34 -13.55 -15.85 -13.01
CA GLY D 34 -12.41 -15.47 -12.19
C GLY D 34 -11.97 -16.58 -11.23
N VAL D 35 -10.66 -16.78 -11.12
CA VAL D 35 -10.03 -17.62 -10.12
C VAL D 35 -9.06 -16.78 -9.26
N LEU D 36 -9.29 -16.77 -7.95
CA LEU D 36 -8.45 -15.97 -7.03
C LEU D 36 -7.09 -16.54 -6.85
N ALA D 37 -6.08 -15.73 -7.03
CA ALA D 37 -4.72 -16.13 -6.67
C ALA D 37 -4.57 -16.05 -5.15
N GLN D 38 -3.51 -16.66 -4.61
CA GLN D 38 -3.24 -16.56 -3.17
C GLN D 38 -1.78 -16.35 -2.81
N ASP D 39 -1.56 -15.81 -1.61
CA ASP D 39 -0.24 -15.31 -1.14
C ASP D 39 0.76 -16.44 -1.19
N VAL D 40 1.94 -16.23 -1.73
CA VAL D 40 2.97 -17.30 -1.67
C VAL D 40 3.66 -17.37 -0.30
N PHE D 41 3.93 -18.60 0.14
CA PHE D 41 4.52 -18.88 1.48
C PHE D 41 5.79 -18.10 1.84
N ASP D 42 6.76 -18.01 0.92
CA ASP D 42 7.85 -17.04 1.09
C ASP D 42 8.03 -16.18 -0.16
N PRO D 43 7.46 -14.97 -0.15
CA PRO D 43 7.33 -14.19 -1.39
C PRO D 43 8.63 -13.62 -1.97
N LYS D 44 8.76 -13.68 -3.30
CA LYS D 44 9.80 -13.00 -4.08
C LYS D 44 9.14 -12.26 -5.28
N PRO D 45 9.83 -11.27 -5.90
CA PRO D 45 9.34 -10.65 -7.14
C PRO D 45 9.03 -11.67 -8.26
N ASP D 46 7.85 -11.52 -8.89
CA ASP D 46 7.25 -12.48 -9.86
C ASP D 46 6.72 -13.74 -9.21
N ARG D 47 6.68 -13.73 -7.89
CA ARG D 47 6.34 -14.92 -7.15
C ARG D 47 5.77 -14.49 -5.80
N ASN D 48 4.79 -13.58 -5.83
CA ASN D 48 4.05 -13.12 -4.65
C ASN D 48 2.73 -13.88 -4.43
N SER D 49 2.21 -14.45 -5.52
CA SER D 49 0.95 -15.22 -5.45
C SER D 49 0.90 -16.30 -6.49
N TYR D 50 -0.03 -17.22 -6.31
CA TYR D 50 -0.08 -18.37 -7.20
C TYR D 50 -1.49 -18.86 -7.42
N ILE D 51 -1.66 -19.57 -8.54
CA ILE D 51 -2.85 -20.35 -8.83
C ILE D 51 -2.37 -21.68 -9.34
N ALA D 52 -2.82 -22.76 -8.70
CA ALA D 52 -2.62 -24.08 -9.28
C ALA D 52 -3.41 -24.27 -10.63
N ALA D 53 -2.74 -24.74 -11.68
CA ALA D 53 -3.36 -24.84 -13.01
C ALA D 53 -4.47 -25.83 -13.05
N SER D 54 -4.57 -26.70 -12.06
CA SER D 54 -5.69 -27.63 -12.07
C SER D 54 -7.07 -26.93 -11.91
N TYR D 55 -7.07 -25.75 -11.28
CA TYR D 55 -8.26 -24.92 -11.13
C TYR D 55 -8.68 -24.29 -12.46
N VAL D 56 -7.69 -23.91 -13.25
CA VAL D 56 -7.90 -23.32 -14.58
C VAL D 56 -8.44 -24.42 -15.50
N LYS D 57 -7.72 -25.55 -15.61
CA LYS D 57 -8.15 -26.71 -16.45
C LYS D 57 -9.57 -27.21 -16.20
N PHE D 58 -9.89 -27.32 -14.92
CA PHE D 58 -11.22 -27.68 -14.43
C PHE D 58 -12.28 -26.76 -15.02
N LEU D 59 -12.07 -25.46 -14.98
CA LEU D 59 -13.10 -24.56 -15.51
C LEU D 59 -13.18 -24.57 -17.06
N GLU D 60 -12.02 -24.71 -17.70
CA GLU D 60 -11.90 -24.60 -19.16
C GLU D 60 -12.58 -25.79 -19.77
N SER D 61 -12.34 -26.95 -19.20
CA SER D 61 -13.01 -28.16 -19.65
C SER D 61 -14.54 -28.08 -19.67
N ALA D 62 -15.12 -27.19 -18.89
CA ALA D 62 -16.55 -27.14 -18.87
C ALA D 62 -17.03 -25.98 -19.72
N GLY D 63 -16.11 -25.42 -20.51
CA GLY D 63 -16.49 -24.42 -21.52
C GLY D 63 -16.46 -22.98 -21.05
N ALA D 64 -15.54 -22.66 -20.15
CA ALA D 64 -15.38 -21.28 -19.67
C ALA D 64 -13.95 -20.84 -19.98
N ARG D 65 -13.74 -19.54 -20.10
CA ARG D 65 -12.40 -19.02 -20.15
C ARG D 65 -12.12 -18.49 -18.74
N VAL D 66 -10.86 -18.20 -18.43
CA VAL D 66 -10.45 -17.89 -17.05
C VAL D 66 -9.61 -16.65 -16.94
N VAL D 67 -9.91 -15.90 -15.89
CA VAL D 67 -9.23 -14.65 -15.55
C VAL D 67 -8.59 -14.87 -14.18
N PRO D 68 -7.26 -14.79 -14.09
CA PRO D 68 -6.61 -14.85 -12.78
C PRO D 68 -6.91 -13.57 -12.04
N VAL D 69 -7.39 -13.64 -10.80
CA VAL D 69 -7.66 -12.40 -10.03
C VAL D 69 -6.53 -12.13 -9.03
N MET D 70 -5.84 -11.02 -9.20
CA MET D 70 -4.58 -10.75 -8.46
C MET D 70 -4.81 -10.39 -7.00
N ILE D 71 -3.76 -10.55 -6.22
CA ILE D 71 -3.95 -10.46 -4.78
C ILE D 71 -3.83 -9.11 -4.04
N ASN D 72 -3.08 -8.16 -4.44
CA ASN D 72 -3.18 -7.10 -3.40
C ASN D 72 -3.76 -5.77 -3.90
N LYS D 73 -4.96 -5.83 -4.47
CA LYS D 73 -5.32 -4.75 -5.38
C LYS D 73 -6.34 -3.89 -4.74
N SER D 74 -6.56 -2.69 -5.25
CA SER D 74 -7.62 -1.84 -4.70
C SER D 74 -9.05 -2.39 -4.85
N GLU D 75 -9.98 -1.76 -4.17
CA GLU D 75 -11.33 -2.23 -4.20
C GLU D 75 -12.04 -1.88 -5.52
N ASP D 76 -11.68 -0.75 -6.13
CA ASP D 76 -12.27 -0.37 -7.39
C ASP D 76 -11.83 -1.32 -8.51
N GLU D 77 -10.61 -1.85 -8.34
CA GLU D 77 -10.11 -2.82 -9.27
C GLU D 77 -10.94 -4.09 -9.20
N TYR D 78 -11.28 -4.54 -7.99
CA TYR D 78 -11.99 -5.79 -7.88
C TYR D 78 -13.40 -5.61 -8.36
N SER D 79 -14.02 -4.42 -8.22
CA SER D 79 -15.36 -4.26 -8.84
C SER D 79 -15.32 -4.20 -10.34
N ARG D 80 -14.39 -3.44 -10.91
CA ARG D 80 -14.16 -3.47 -12.34
C ARG D 80 -14.12 -4.93 -12.81
N LEU D 81 -13.32 -5.76 -12.18
CA LEU D 81 -13.24 -7.13 -12.61
C LEU D 81 -14.52 -7.89 -12.35
N PHE D 82 -15.17 -7.57 -11.23
CA PHE D 82 -16.41 -8.25 -10.90
C PHE D 82 -17.45 -7.96 -11.97
N LYS D 83 -17.60 -6.71 -12.34
CA LYS D 83 -18.60 -6.33 -13.32
C LYS D 83 -18.21 -6.86 -14.71
N SER D 84 -17.02 -7.46 -14.84
CA SER D 84 -16.56 -7.93 -16.16
C SER D 84 -16.75 -9.43 -16.33
N ILE D 85 -16.44 -10.20 -15.31
CA ILE D 85 -16.50 -11.65 -15.37
C ILE D 85 -17.88 -12.17 -15.00
N ASN D 86 -18.04 -13.47 -15.12
CA ASN D 86 -19.34 -14.08 -14.98
C ASN D 86 -19.49 -15.04 -13.82
N GLY D 87 -18.43 -15.21 -13.01
CA GLY D 87 -18.48 -16.00 -11.79
C GLY D 87 -17.08 -15.97 -11.19
N VAL D 88 -16.98 -16.40 -9.92
CA VAL D 88 -15.70 -16.56 -9.24
C VAL D 88 -15.52 -17.88 -8.54
N LEU D 89 -14.28 -18.34 -8.50
CA LEU D 89 -13.93 -19.51 -7.71
C LEU D 89 -12.87 -19.13 -6.65
N PHE D 90 -13.11 -19.51 -5.38
CA PHE D 90 -12.10 -19.37 -4.32
C PHE D 90 -11.48 -20.73 -4.15
N PRO D 91 -10.25 -20.87 -4.56
CA PRO D 91 -9.61 -22.15 -4.55
C PRO D 91 -9.07 -22.65 -3.20
N GLY D 92 -8.67 -23.93 -3.18
CA GLY D 92 -7.88 -24.49 -2.06
C GLY D 92 -6.54 -23.80 -1.87
N GLY D 93 -5.82 -24.23 -0.81
CA GLY D 93 -4.51 -23.66 -0.44
C GLY D 93 -4.29 -23.67 1.06
N GLY D 94 -3.15 -23.14 1.49
CA GLY D 94 -2.76 -23.18 2.89
C GLY D 94 -2.51 -21.79 3.43
N VAL D 95 -3.34 -20.83 3.03
CA VAL D 95 -3.13 -19.44 3.37
C VAL D 95 -4.11 -18.98 4.47
N SER D 96 -3.85 -17.84 5.12
CA SER D 96 -4.64 -17.52 6.31
C SER D 96 -6.04 -17.11 5.88
N LEU D 97 -7.03 -17.48 6.70
CA LEU D 97 -8.42 -17.23 6.41
C LEU D 97 -8.85 -15.86 6.83
N GLU D 98 -7.93 -15.05 7.35
CA GLU D 98 -8.31 -13.73 7.92
C GLU D 98 -7.38 -12.59 7.57
N SER D 99 -6.09 -12.89 7.41
CA SER D 99 -5.17 -11.80 7.20
C SER D 99 -4.51 -11.80 5.81
N SER D 100 -4.80 -12.81 4.99
CA SER D 100 -4.14 -12.89 3.69
C SER D 100 -4.71 -11.98 2.62
N GLY D 101 -3.85 -11.59 1.68
CA GLY D 101 -4.30 -11.09 0.37
C GLY D 101 -5.56 -11.80 -0.16
N TYR D 102 -5.49 -13.12 -0.29
CA TYR D 102 -6.59 -14.00 -0.72
C TYR D 102 -7.88 -13.73 0.02
N SER D 103 -7.85 -13.79 1.35
CA SER D 103 -9.06 -13.56 2.12
C SER D 103 -9.61 -12.15 1.95
N LYS D 104 -8.78 -11.13 1.85
CA LYS D 104 -9.32 -9.77 1.65
C LYS D 104 -10.07 -9.65 0.32
N ALA D 105 -9.45 -10.20 -0.75
CA ALA D 105 -10.06 -10.24 -2.07
C ALA D 105 -11.38 -11.01 -2.11
N ALA D 106 -11.44 -12.14 -1.44
CA ALA D 106 -12.58 -13.00 -1.57
C ALA D 106 -13.77 -12.40 -0.82
N GLY D 107 -13.46 -11.73 0.31
CA GLY D 107 -14.46 -10.99 1.10
C GLY D 107 -15.17 -9.95 0.23
N ILE D 108 -14.39 -9.13 -0.45
CA ILE D 108 -14.95 -8.15 -1.37
C ILE D 108 -15.82 -8.80 -2.53
N PHE D 109 -15.33 -9.90 -3.11
CA PHE D 109 -16.03 -10.60 -4.18
C PHE D 109 -17.28 -11.29 -3.64
N TYR D 110 -17.20 -11.76 -2.40
CA TYR D 110 -18.37 -12.29 -1.72
C TYR D 110 -19.50 -11.24 -1.55
N ARG D 111 -19.13 -10.04 -1.14
CA ARG D 111 -20.12 -9.00 -0.85
C ARG D 111 -20.70 -8.39 -2.11
N LEU D 112 -19.86 -8.15 -3.12
CA LEU D 112 -20.33 -7.81 -4.47
C LEU D 112 -21.34 -8.85 -4.98
N ALA D 113 -21.06 -10.14 -4.82
CA ALA D 113 -21.91 -11.17 -5.41
C ALA D 113 -23.28 -11.26 -4.71
N LEU D 114 -23.28 -11.18 -3.37
CA LEU D 114 -24.56 -11.09 -2.63
C LEU D 114 -25.40 -9.91 -3.11
N GLU D 115 -24.76 -8.75 -3.27
CA GLU D 115 -25.47 -7.52 -3.72
C GLU D 115 -26.05 -7.64 -5.16
N ALA D 116 -25.27 -8.21 -6.07
CA ALA D 116 -25.72 -8.38 -7.45
C ALA D 116 -26.88 -9.38 -7.53
N ASN D 117 -26.75 -10.48 -6.83
CA ASN D 117 -27.85 -11.43 -6.77
C ASN D 117 -29.16 -10.86 -6.19
N SER D 118 -29.05 -10.00 -5.17
CA SER D 118 -30.20 -9.33 -4.57
C SER D 118 -30.80 -8.28 -5.51
N ASN D 119 -29.98 -7.69 -6.38
CA ASN D 119 -30.43 -6.79 -7.43
C ASN D 119 -30.81 -7.51 -8.76
N GLY D 120 -30.95 -8.85 -8.77
CA GLY D 120 -31.39 -9.52 -10.00
C GLY D 120 -30.30 -9.85 -11.02
N ASP D 121 -29.05 -9.52 -10.66
CA ASP D 121 -27.91 -9.85 -11.48
C ASP D 121 -27.30 -11.21 -11.05
N TYR D 122 -27.65 -12.29 -11.72
CA TYR D 122 -27.26 -13.62 -11.22
C TYR D 122 -25.72 -13.89 -11.33
N PHE D 123 -25.06 -14.28 -10.25
CA PHE D 123 -23.59 -14.31 -10.20
C PHE D 123 -23.10 -15.42 -9.30
N PRO D 124 -22.47 -16.47 -9.89
CA PRO D 124 -22.18 -17.63 -9.02
C PRO D 124 -20.85 -17.57 -8.34
N VAL D 125 -20.76 -18.17 -7.16
CA VAL D 125 -19.52 -18.20 -6.42
C VAL D 125 -19.21 -19.66 -6.12
N TRP D 126 -17.96 -20.07 -6.28
CA TRP D 126 -17.57 -21.41 -5.90
C TRP D 126 -16.38 -21.42 -4.93
N GLY D 127 -16.50 -22.20 -3.86
CA GLY D 127 -15.44 -22.35 -2.83
C GLY D 127 -15.01 -23.80 -2.69
N THR D 128 -13.73 -24.04 -2.93
CA THR D 128 -13.11 -25.32 -2.80
C THR D 128 -12.12 -25.37 -1.63
N CYS D 129 -12.35 -26.33 -0.73
CA CYS D 129 -11.46 -26.62 0.42
C CYS D 129 -11.28 -25.37 1.26
N LEU D 130 -10.08 -24.80 1.20
CA LEU D 130 -9.79 -23.50 1.79
C LEU D 130 -10.90 -22.50 1.46
N GLY D 131 -11.40 -22.51 0.22
CA GLY D 131 -12.38 -21.53 -0.18
C GLY D 131 -13.73 -21.84 0.44
N PHE D 132 -14.04 -23.14 0.62
CA PHE D 132 -15.20 -23.59 1.41
C PHE D 132 -15.10 -23.11 2.85
N GLU D 133 -13.92 -23.26 3.43
CA GLU D 133 -13.67 -22.78 4.78
C GLU D 133 -13.86 -21.25 4.87
N LEU D 134 -13.41 -20.53 3.83
CA LEU D 134 -13.61 -19.09 3.79
C LEU D 134 -15.08 -18.72 3.76
N LEU D 135 -15.85 -19.53 3.07
CA LEU D 135 -17.23 -19.19 2.94
C LEU D 135 -17.96 -19.28 4.31
N THR D 136 -17.59 -20.25 5.15
CA THR D 136 -18.26 -20.41 6.42
C THR D 136 -17.98 -19.22 7.30
N LEU D 137 -16.75 -18.75 7.23
CA LEU D 137 -16.32 -17.55 7.91
C LEU D 137 -17.02 -16.26 7.41
N LEU D 138 -17.21 -16.15 6.08
CA LEU D 138 -17.77 -14.95 5.51
C LEU D 138 -19.25 -14.86 5.84
N THR D 139 -19.90 -16.01 5.85
CA THR D 139 -21.31 -15.95 6.05
C THR D 139 -21.73 -15.99 7.53
N SER D 140 -20.96 -16.66 8.37
CA SER D 140 -21.20 -16.67 9.82
C SER D 140 -20.56 -15.47 10.55
N GLY D 141 -19.43 -15.00 10.05
CA GLY D 141 -18.71 -13.95 10.73
C GLY D 141 -17.80 -14.59 11.76
N GLU D 142 -17.78 -15.93 11.83
CA GLU D 142 -16.98 -16.66 12.82
C GLU D 142 -16.07 -17.74 12.23
N LEU D 143 -14.89 -17.88 12.84
CA LEU D 143 -14.03 -19.05 12.65
C LEU D 143 -14.55 -20.21 13.45
N LEU D 144 -15.16 -21.17 12.80
CA LEU D 144 -15.76 -22.32 13.49
C LEU D 144 -15.18 -23.67 13.08
N LEU D 145 -13.92 -23.71 12.68
CA LEU D 145 -13.30 -24.93 12.17
C LEU D 145 -12.54 -25.71 13.22
N SER D 146 -12.46 -27.03 13.07
CA SER D 146 -11.68 -27.87 13.97
C SER D 146 -10.87 -28.91 13.18
N HIS D 147 -9.87 -29.56 13.80
CA HIS D 147 -9.01 -30.53 13.11
C HIS D 147 -9.74 -31.79 12.80
N THR D 148 -9.41 -32.39 11.67
CA THR D 148 -9.88 -33.68 11.27
C THR D 148 -8.72 -34.40 10.57
N ASN D 149 -8.77 -35.72 10.58
CA ASN D 149 -7.74 -36.53 10.02
C ASN D 149 -8.00 -36.76 8.50
N THR D 150 -7.86 -35.69 7.71
CA THR D 150 -8.30 -35.64 6.33
C THR D 150 -7.24 -35.05 5.36
N SER D 151 -5.97 -35.01 5.77
CA SER D 151 -4.92 -34.60 4.86
C SER D 151 -4.54 -35.75 3.94
N GLY D 152 -5.26 -35.99 2.85
CA GLY D 152 -4.89 -37.07 1.98
C GLY D 152 -5.62 -38.38 2.10
N ILE D 153 -6.92 -38.39 1.80
CA ILE D 153 -7.69 -39.64 1.57
C ILE D 153 -8.75 -39.42 0.50
N ALA D 154 -9.01 -40.48 -0.23
CA ALA D 154 -10.11 -40.60 -1.15
C ALA D 154 -11.35 -41.07 -0.39
N LEU D 155 -12.53 -40.48 -0.65
CA LEU D 155 -13.76 -40.79 0.11
C LEU D 155 -15.01 -40.82 -0.77
N PRO D 156 -16.01 -41.66 -0.40
CA PRO D 156 -17.35 -41.53 -0.93
C PRO D 156 -17.96 -40.26 -0.41
N LEU D 157 -19.15 -39.91 -0.86
CA LEU D 157 -19.80 -38.80 -0.23
C LEU D 157 -20.99 -39.40 0.55
N ASP D 158 -21.22 -38.95 1.78
CA ASP D 158 -22.39 -39.45 2.54
C ASP D 158 -23.51 -38.41 2.34
N PHE D 159 -24.31 -38.61 1.31
CA PHE D 159 -25.36 -37.66 0.97
C PHE D 159 -26.36 -37.48 2.13
N THR D 160 -26.81 -36.24 2.32
CA THR D 160 -27.89 -35.98 3.26
C THR D 160 -29.19 -36.22 2.54
N GLU D 161 -30.31 -36.25 3.28
CA GLU D 161 -31.60 -36.40 2.59
C GLU D 161 -31.88 -35.21 1.64
N ASP D 162 -31.28 -34.05 1.92
CA ASP D 162 -31.51 -32.84 1.11
C ASP D 162 -30.77 -32.79 -0.20
N VAL D 163 -30.00 -33.81 -0.61
CA VAL D 163 -29.47 -33.77 -1.98
C VAL D 163 -30.59 -33.92 -2.94
N LYS D 164 -31.67 -34.51 -2.50
CA LYS D 164 -32.75 -34.88 -3.36
C LYS D 164 -33.45 -33.69 -3.99
N GLY D 165 -33.64 -32.62 -3.22
CA GLY D 165 -33.92 -31.35 -3.86
C GLY D 165 -32.67 -30.99 -4.64
N SER D 166 -31.96 -29.96 -4.16
CA SER D 166 -30.62 -29.62 -4.59
C SER D 166 -30.40 -29.23 -6.06
N ARG D 167 -29.83 -28.04 -6.25
CA ARG D 167 -29.36 -27.53 -7.54
C ARG D 167 -28.11 -28.26 -8.02
N LEU D 168 -27.11 -28.37 -7.17
CA LEU D 168 -25.78 -28.79 -7.62
C LEU D 168 -25.80 -30.11 -8.35
N PHE D 169 -26.61 -31.03 -7.81
CA PHE D 169 -26.59 -32.41 -8.27
C PHE D 169 -27.68 -32.82 -9.25
N LYS D 170 -28.54 -31.87 -9.60
CA LYS D 170 -29.66 -32.11 -10.51
C LYS D 170 -29.27 -32.71 -11.89
N GLU D 171 -28.21 -32.25 -12.51
CA GLU D 171 -27.94 -32.83 -13.84
C GLU D 171 -27.06 -34.07 -13.82
N PHE D 172 -26.58 -34.46 -12.65
CA PHE D 172 -25.67 -35.61 -12.54
C PHE D 172 -26.38 -36.91 -12.97
N PRO D 173 -25.72 -37.73 -13.80
CA PRO D 173 -26.37 -39.03 -14.08
C PRO D 173 -26.58 -39.87 -12.82
N GLU D 174 -27.73 -40.54 -12.76
CA GLU D 174 -28.06 -41.46 -11.67
C GLU D 174 -26.95 -42.44 -11.32
N GLU D 175 -26.38 -43.10 -12.33
CA GLU D 175 -25.30 -44.07 -12.10
C GLU D 175 -24.06 -43.44 -11.46
N LEU D 176 -23.87 -42.16 -11.77
CA LEU D 176 -22.80 -41.39 -11.14
C LEU D 176 -23.09 -41.00 -9.67
N MET D 177 -24.28 -40.47 -9.38
CA MET D 177 -24.70 -40.28 -7.97
C MET D 177 -24.42 -41.51 -7.10
N LYS D 178 -24.79 -42.72 -7.57
CA LYS D 178 -24.55 -43.97 -6.86
C LYS D 178 -23.05 -44.24 -6.68
N SER D 179 -22.23 -44.02 -7.72
CA SER D 179 -20.79 -44.23 -7.58
C SER D 179 -20.18 -43.32 -6.54
N LEU D 180 -20.59 -42.07 -6.61
CA LEU D 180 -20.26 -41.07 -5.63
C LEU D 180 -20.70 -41.44 -4.21
N ALA D 181 -21.84 -42.15 -4.07
CA ALA D 181 -22.29 -42.59 -2.74
C ALA D 181 -21.44 -43.73 -2.18
N THR D 182 -20.80 -44.52 -3.05
CA THR D 182 -20.19 -45.79 -2.64
C THR D 182 -18.71 -46.01 -2.94
N GLU D 183 -18.09 -45.14 -3.75
CA GLU D 183 -16.74 -45.35 -4.21
C GLU D 183 -15.87 -44.21 -3.71
N PRO D 184 -14.55 -44.46 -3.57
CA PRO D 184 -13.66 -43.38 -3.13
C PRO D 184 -13.35 -42.36 -4.27
N LEU D 185 -14.27 -41.43 -4.57
CA LEU D 185 -14.15 -40.52 -5.72
C LEU D 185 -13.78 -39.10 -5.38
N THR D 186 -13.85 -38.75 -4.09
CA THR D 186 -13.58 -37.39 -3.70
C THR D 186 -12.28 -37.29 -2.89
N GLU D 187 -11.35 -36.51 -3.43
CA GLU D 187 -10.11 -36.41 -2.71
C GLU D 187 -10.21 -35.32 -1.67
N ASN D 188 -9.71 -35.67 -0.47
CA ASN D 188 -9.63 -34.78 0.68
C ASN D 188 -8.17 -34.55 1.02
N SER D 189 -7.73 -33.31 1.01
CA SER D 189 -6.40 -32.90 1.47
C SER D 189 -6.55 -31.67 2.37
N HIS D 190 -7.20 -31.81 3.51
CA HIS D 190 -7.45 -30.65 4.39
C HIS D 190 -7.18 -30.98 5.86
N GLN D 191 -6.51 -30.09 6.58
CA GLN D 191 -6.29 -30.22 8.02
C GLN D 191 -7.62 -29.96 8.75
N TRP D 192 -8.42 -29.04 8.17
CA TRP D 192 -9.57 -28.42 8.86
C TRP D 192 -10.89 -28.72 8.19
N SER D 193 -11.97 -28.63 8.98
CA SER D 193 -13.36 -28.88 8.57
C SER D 193 -14.29 -28.15 9.54
N ILE D 194 -15.58 -28.06 9.22
CA ILE D 194 -16.56 -27.70 10.23
C ILE D 194 -17.37 -28.95 10.56
N THR D 195 -17.53 -29.24 11.86
CA THR D 195 -18.35 -30.37 12.21
C THR D 195 -19.77 -30.03 11.87
N THR D 196 -20.60 -31.05 11.69
CA THR D 196 -22.02 -30.86 11.42
C THR D 196 -22.68 -30.27 12.64
N GLU D 197 -22.12 -30.64 13.80
CA GLU D 197 -22.57 -30.12 15.09
C GLU D 197 -22.31 -28.62 15.21
N ASN D 198 -21.12 -28.15 14.85
CA ASN D 198 -20.89 -26.71 14.87
C ASN D 198 -21.59 -25.94 13.75
N PHE D 199 -21.98 -26.65 12.71
CA PHE D 199 -22.64 -26.02 11.59
C PHE D 199 -24.07 -25.77 11.96
N THR D 200 -24.73 -26.80 12.52
CA THR D 200 -26.12 -26.69 12.98
C THR D 200 -26.28 -25.66 14.09
N ALA D 201 -25.35 -25.62 15.03
CA ALA D 201 -25.33 -24.62 16.10
C ALA D 201 -25.25 -23.16 15.61
N ASN D 202 -24.51 -22.86 14.54
CA ASN D 202 -24.47 -21.46 14.08
C ASN D 202 -25.77 -21.13 13.39
N LYS D 203 -26.36 -19.98 13.72
CA LYS D 203 -27.72 -19.68 13.22
C LYS D 203 -27.68 -19.12 11.78
N LYS D 204 -26.63 -18.34 11.50
CA LYS D 204 -26.42 -17.79 10.13
C LYS D 204 -26.17 -18.89 9.08
N LEU D 205 -25.22 -19.76 9.34
CA LEU D 205 -24.93 -20.88 8.46
C LEU D 205 -26.15 -21.75 8.24
N LYS D 206 -26.76 -22.20 9.33
CA LYS D 206 -27.88 -23.12 9.27
C LYS D 206 -28.99 -22.60 8.35
N LYS D 207 -29.31 -21.31 8.50
CA LYS D 207 -30.32 -20.60 7.73
C LYS D 207 -29.93 -20.40 6.25
N PHE D 208 -28.64 -20.23 6.00
CA PHE D 208 -28.15 -19.78 4.69
C PHE D 208 -27.64 -20.95 3.81
N TYR D 209 -27.08 -21.98 4.40
CA TYR D 209 -26.57 -23.08 3.63
C TYR D 209 -27.31 -24.41 3.74
N ARG D 210 -27.64 -25.03 2.62
CA ARG D 210 -28.21 -26.37 2.61
C ARG D 210 -27.09 -27.38 2.46
N VAL D 211 -27.03 -28.37 3.36
CA VAL D 211 -25.90 -29.28 3.45
C VAL D 211 -26.25 -30.45 2.58
N LEU D 212 -25.38 -30.79 1.65
CA LEU D 212 -25.71 -31.78 0.65
C LEU D 212 -25.06 -33.14 0.92
N SER D 213 -23.88 -33.09 1.54
CA SER D 213 -23.17 -34.29 1.84
C SER D 213 -22.31 -34.06 3.09
N THR D 214 -22.00 -35.15 3.79
CA THR D 214 -21.21 -35.11 5.01
C THR D 214 -20.13 -36.18 4.89
N ASN D 215 -19.12 -36.03 5.73
CA ASN D 215 -18.12 -37.04 5.83
C ASN D 215 -17.63 -37.21 7.29
N THR D 216 -16.89 -38.28 7.54
CA THR D 216 -16.36 -38.48 8.85
C THR D 216 -14.98 -39.03 8.81
N ASP D 217 -14.11 -38.53 9.67
CA ASP D 217 -12.74 -39.07 9.82
C ASP D 217 -12.66 -40.20 10.85
N GLY D 218 -13.80 -40.62 11.41
CA GLY D 218 -13.78 -41.57 12.51
C GLY D 218 -14.13 -41.01 13.89
N TYR D 219 -13.93 -39.72 14.13
CA TYR D 219 -14.60 -39.11 15.28
C TYR D 219 -15.25 -37.78 15.09
N ASN D 220 -15.09 -37.16 13.93
CA ASN D 220 -15.89 -35.98 13.65
C ASN D 220 -16.60 -36.14 12.30
N LYS D 221 -17.90 -35.91 12.33
CA LYS D 221 -18.72 -35.76 11.17
C LYS D 221 -18.65 -34.31 10.74
N PHE D 222 -18.16 -34.04 9.52
CA PHE D 222 -18.07 -32.68 8.96
C PHE D 222 -18.89 -32.55 7.68
N VAL D 223 -19.28 -31.31 7.36
CA VAL D 223 -20.00 -30.96 6.14
C VAL D 223 -19.02 -31.11 5.00
N SER D 224 -19.41 -31.75 3.91
CA SER D 224 -18.45 -31.90 2.88
C SER D 224 -18.84 -31.15 1.56
N THR D 225 -20.14 -30.93 1.36
CA THR D 225 -20.64 -30.24 0.16
C THR D 225 -21.86 -29.42 0.60
N MET D 226 -21.90 -28.16 0.21
CA MET D 226 -23.10 -27.38 0.52
C MET D 226 -23.45 -26.43 -0.61
N GLU D 227 -24.64 -25.85 -0.56
CA GLU D 227 -25.07 -24.87 -1.55
C GLU D 227 -26.04 -23.93 -0.84
N ALA D 228 -25.92 -22.62 -1.08
CA ALA D 228 -26.81 -21.62 -0.44
C ALA D 228 -28.25 -21.80 -0.87
N TYR D 229 -29.23 -21.53 0.02
CA TYR D 229 -30.64 -21.73 -0.36
C TYR D 229 -31.05 -20.68 -1.34
N ASP D 230 -30.49 -19.48 -1.20
CA ASP D 230 -31.04 -18.29 -1.87
C ASP D 230 -30.08 -17.60 -2.84
N PHE D 231 -28.86 -18.12 -2.91
CA PHE D 231 -27.84 -17.57 -3.76
C PHE D 231 -27.08 -18.67 -4.47
N PRO D 232 -26.55 -18.35 -5.64
CA PRO D 232 -25.72 -19.33 -6.33
C PRO D 232 -24.31 -19.32 -5.71
N ILE D 233 -24.20 -19.81 -4.46
CA ILE D 233 -22.94 -20.02 -3.78
C ILE D 233 -22.84 -21.52 -3.51
N TYR D 234 -21.72 -22.12 -3.86
CA TYR D 234 -21.56 -23.59 -3.78
C TYR D 234 -20.16 -23.80 -3.28
N ALA D 235 -19.95 -24.92 -2.59
CA ALA D 235 -18.68 -25.16 -1.95
C ALA D 235 -18.48 -26.59 -1.60
N THR D 236 -17.24 -27.04 -1.81
CA THR D 236 -16.83 -28.37 -1.42
C THR D 236 -15.63 -28.34 -0.50
N GLN D 237 -15.65 -29.15 0.56
CA GLN D 237 -14.49 -29.31 1.40
C GLN D 237 -13.42 -30.18 0.72
N TRP D 238 -13.86 -31.04 -0.21
CA TRP D 238 -13.00 -31.86 -1.11
C TRP D 238 -12.64 -31.13 -2.38
N ASN D 239 -11.74 -31.67 -3.19
CA ASN D 239 -11.14 -30.96 -4.30
C ASN D 239 -11.48 -31.64 -5.63
N PRO D 240 -12.61 -31.23 -6.26
CA PRO D 240 -13.09 -31.87 -7.48
C PRO D 240 -12.08 -31.87 -8.63
N GLU D 241 -11.21 -30.88 -8.65
CA GLU D 241 -10.40 -30.58 -9.83
C GLU D 241 -9.19 -31.54 -9.95
N LYS D 242 -8.89 -32.24 -8.87
CA LYS D 242 -7.68 -33.05 -8.85
C LYS D 242 -7.84 -34.36 -9.61
N ASN D 243 -9.04 -34.95 -9.61
CA ASN D 243 -9.18 -36.29 -10.22
C ASN D 243 -8.67 -36.41 -11.65
N ALA D 244 -9.09 -35.47 -12.52
CA ALA D 244 -8.66 -35.51 -13.91
C ALA D 244 -7.29 -34.88 -14.13
N PHE D 245 -6.87 -33.92 -13.31
CA PHE D 245 -5.70 -33.11 -13.66
C PHE D 245 -4.40 -33.25 -12.83
N GLU D 246 -4.47 -33.83 -11.63
CA GLU D 246 -3.29 -33.95 -10.77
C GLU D 246 -2.94 -35.41 -10.55
N TRP D 247 -1.64 -35.69 -10.62
CA TRP D 247 -1.15 -37.05 -10.66
C TRP D 247 -0.05 -37.39 -9.64
N THR D 248 0.17 -36.46 -8.71
CA THR D 248 1.35 -36.40 -7.84
C THR D 248 1.20 -37.23 -6.56
N ARG D 249 -0.06 -37.53 -6.19
CA ARG D 249 -0.39 -38.10 -4.89
C ARG D 249 -1.24 -39.36 -5.04
N PRO D 250 -1.02 -40.36 -4.13
CA PRO D 250 -1.66 -41.68 -4.23
C PRO D 250 -3.15 -41.71 -3.85
N TYR D 251 -3.57 -40.70 -3.10
CA TYR D 251 -4.95 -40.59 -2.66
C TYR D 251 -5.85 -39.82 -3.65
N ILE D 252 -5.28 -39.28 -4.73
CA ILE D 252 -6.09 -38.67 -5.78
C ILE D 252 -6.76 -39.76 -6.64
N PRO D 253 -8.08 -39.83 -6.63
CA PRO D 253 -8.71 -40.87 -7.43
C PRO D 253 -8.76 -40.49 -8.93
N HIS D 254 -8.74 -41.51 -9.79
CA HIS D 254 -8.53 -41.41 -11.20
C HIS D 254 -9.31 -42.51 -11.93
N THR D 255 -10.31 -43.09 -11.31
CA THR D 255 -11.14 -44.09 -11.96
C THR D 255 -12.14 -43.44 -12.94
N PRO D 256 -12.68 -44.25 -13.89
CA PRO D 256 -13.55 -43.53 -14.83
C PRO D 256 -14.59 -42.65 -14.16
N SER D 257 -15.12 -43.08 -13.04
CA SER D 257 -16.25 -42.35 -12.60
C SER D 257 -15.86 -41.13 -11.72
N ALA D 258 -14.59 -41.05 -11.37
CA ALA D 258 -13.96 -39.90 -10.71
C ALA D 258 -13.58 -38.85 -11.74
N ILE D 259 -13.23 -39.33 -12.95
CA ILE D 259 -13.01 -38.44 -14.07
C ILE D 259 -14.32 -37.70 -14.40
N LYS D 260 -15.44 -38.43 -14.42
CA LYS D 260 -16.76 -37.81 -14.69
C LYS D 260 -17.26 -36.85 -13.63
N THR D 261 -16.79 -37.06 -12.39
CA THR D 261 -17.20 -36.29 -11.23
C THR D 261 -16.56 -34.91 -11.37
N THR D 262 -15.29 -34.86 -11.70
CA THR D 262 -14.72 -33.55 -11.91
C THR D 262 -15.37 -32.79 -13.09
N PHE D 263 -15.83 -33.49 -14.14
CA PHE D 263 -16.50 -32.84 -15.23
C PHE D 263 -17.89 -32.33 -14.80
N TYR D 264 -18.69 -33.19 -14.19
CA TYR D 264 -20.08 -32.81 -13.83
C TYR D 264 -20.17 -31.70 -12.82
N MET D 265 -19.21 -31.64 -11.88
CA MET D 265 -19.09 -30.50 -10.94
C MET D 265 -18.80 -29.19 -11.67
N ALA D 266 -17.77 -29.19 -12.52
CA ALA D 266 -17.41 -27.93 -13.23
C ALA D 266 -18.54 -27.56 -14.20
N ASN D 267 -19.14 -28.56 -14.82
CA ASN D 267 -20.23 -28.35 -15.74
C ASN D 267 -21.40 -27.63 -15.10
N PHE D 268 -21.81 -28.08 -13.90
CA PHE D 268 -22.88 -27.37 -13.21
C PHE D 268 -22.50 -25.93 -12.90
N PHE D 269 -21.22 -25.70 -12.59
CA PHE D 269 -20.80 -24.35 -12.19
C PHE D 269 -20.64 -23.41 -13.39
N VAL D 270 -20.11 -23.94 -14.49
CA VAL D 270 -20.06 -23.13 -15.67
C VAL D 270 -21.48 -22.78 -16.19
N ASN D 271 -22.46 -23.68 -16.06
CA ASN D 271 -23.83 -23.37 -16.49
C ASN D 271 -24.51 -22.29 -15.66
N GLU D 272 -24.03 -22.16 -14.44
CA GLU D 272 -24.47 -21.10 -13.54
C GLU D 272 -23.86 -19.80 -13.98
N ALA D 273 -22.58 -19.81 -14.36
CA ALA D 273 -21.97 -18.62 -14.95
C ALA D 273 -22.67 -18.22 -16.26
N ARG D 274 -23.23 -19.18 -17.02
CA ARG D 274 -23.99 -18.80 -18.26
C ARG D 274 -25.24 -17.99 -17.97
N LYS D 275 -25.69 -17.91 -16.74
CA LYS D 275 -26.86 -17.04 -16.43
C LYS D 275 -26.49 -15.62 -16.14
N ASN D 276 -25.20 -15.32 -16.09
CA ASN D 276 -24.72 -13.96 -15.82
C ASN D 276 -24.28 -13.27 -17.11
N LEU D 277 -24.59 -11.98 -17.25
CA LEU D 277 -24.44 -11.26 -18.51
C LEU D 277 -23.42 -10.15 -18.52
N HIS D 278 -22.49 -10.15 -17.56
CA HIS D 278 -21.42 -9.18 -17.54
C HIS D 278 -20.55 -9.37 -18.76
N SER D 279 -19.87 -8.31 -19.19
CA SER D 279 -18.78 -8.43 -20.18
C SER D 279 -17.73 -7.37 -19.93
N PHE D 280 -16.54 -7.60 -20.45
CA PHE D 280 -15.49 -6.61 -20.40
C PHE D 280 -15.86 -5.42 -21.22
N ALA D 281 -15.22 -4.30 -20.94
CA ALA D 281 -15.59 -3.06 -21.56
C ALA D 281 -15.20 -3.15 -23.05
N SER D 282 -14.20 -3.96 -23.39
CA SER D 282 -13.73 -4.08 -24.78
C SER D 282 -13.02 -5.43 -24.96
N THR D 283 -12.93 -5.92 -26.20
CA THR D 283 -12.17 -7.14 -26.39
C THR D 283 -10.73 -7.01 -25.93
N GLU D 284 -10.15 -5.83 -26.11
CA GLU D 284 -8.75 -5.63 -25.73
C GLU D 284 -8.53 -5.77 -24.19
N GLU D 285 -9.49 -5.31 -23.36
CA GLU D 285 -9.43 -5.54 -21.88
C GLU D 285 -9.65 -6.99 -21.50
N GLU D 286 -10.53 -7.61 -22.27
CA GLU D 286 -10.82 -9.01 -22.13
C GLU D 286 -9.56 -9.78 -22.40
N GLU D 287 -8.90 -9.49 -23.52
CA GLU D 287 -7.67 -10.23 -23.90
C GLU D 287 -6.60 -10.05 -22.87
N LYS D 288 -6.54 -8.84 -22.31
CA LYS D 288 -5.51 -8.53 -21.31
C LYS D 288 -5.71 -9.28 -19.98
N ALA D 289 -6.93 -9.65 -19.66
CA ALA D 289 -7.22 -10.29 -18.40
C ALA D 289 -7.23 -11.85 -18.46
N LEU D 290 -7.25 -12.46 -19.63
CA LEU D 290 -7.29 -13.92 -19.71
C LEU D 290 -6.05 -14.63 -19.19
N ILE D 291 -6.24 -15.81 -18.64
CA ILE D 291 -5.15 -16.61 -18.13
C ILE D 291 -4.14 -16.98 -19.23
N TYR D 292 -4.57 -16.87 -20.48
CA TYR D 292 -3.69 -17.15 -21.66
C TYR D 292 -2.37 -16.36 -21.69
N ASN D 293 -2.38 -15.20 -21.04
CA ASN D 293 -1.20 -14.35 -20.99
C ASN D 293 -0.13 -14.91 -20.08
N TYR D 294 -0.39 -16.00 -19.39
CA TYR D 294 0.54 -16.40 -18.34
C TYR D 294 0.94 -17.79 -18.66
N LYS D 295 2.20 -18.12 -18.33
CA LYS D 295 2.74 -19.45 -18.55
C LYS D 295 3.00 -20.11 -17.20
N PRO D 296 2.53 -21.35 -17.00
CA PRO D 296 2.70 -21.92 -15.67
C PRO D 296 4.01 -22.67 -15.56
N GLU D 297 4.56 -22.79 -14.36
CA GLU D 297 5.82 -23.54 -14.16
C GLU D 297 5.56 -25.01 -13.85
N TYR D 298 6.49 -25.87 -14.23
CA TYR D 298 6.34 -27.29 -13.92
C TYR D 298 6.83 -27.45 -12.48
N THR D 299 5.93 -27.90 -11.60
CA THR D 299 6.14 -27.93 -10.15
C THR D 299 5.87 -29.32 -9.58
N GLY D 300 5.49 -30.27 -10.44
CA GLY D 300 5.03 -31.55 -9.99
C GLY D 300 6.04 -32.55 -9.46
N ILE D 301 7.34 -32.38 -9.75
CA ILE D 301 8.34 -33.29 -9.17
C ILE D 301 8.33 -33.10 -7.67
N GLN D 302 8.28 -31.85 -7.29
CA GLN D 302 7.95 -31.54 -5.95
C GLN D 302 6.46 -31.47 -5.81
N SER D 303 5.98 -30.25 -5.80
CA SER D 303 4.67 -29.92 -5.24
C SER D 303 3.53 -30.91 -5.51
N ALA D 304 2.39 -30.73 -4.83
CA ALA D 304 1.22 -31.57 -5.02
C ALA D 304 0.54 -31.22 -6.33
N PHE D 305 1.04 -30.16 -6.96
CA PHE D 305 0.48 -29.63 -8.22
C PHE D 305 1.41 -29.84 -9.37
N GLU D 306 0.92 -30.53 -10.41
CA GLU D 306 1.72 -30.66 -11.66
C GLU D 306 2.27 -29.33 -12.15
N GLN D 307 1.45 -28.26 -12.16
CA GLN D 307 1.85 -26.98 -12.76
C GLN D 307 1.27 -25.86 -11.97
N THR D 308 2.02 -24.78 -11.90
CA THR D 308 1.50 -23.68 -11.14
C THR D 308 1.82 -22.38 -11.80
N TYR D 309 0.82 -21.51 -11.77
CA TYR D 309 0.96 -20.15 -12.25
C TYR D 309 1.41 -19.23 -11.12
N PHE D 310 2.50 -18.52 -11.32
CA PHE D 310 2.98 -17.57 -10.33
C PHE D 310 2.80 -16.18 -10.84
N PHE D 311 2.49 -15.26 -9.97
CA PHE D 311 2.35 -13.88 -10.39
C PHE D 311 3.16 -12.96 -9.51
N ASN D 312 3.64 -11.90 -10.14
CA ASN D 312 4.18 -10.71 -9.47
C ASN D 312 3.00 -9.94 -8.87
N LYS E 26 -15.60 23.40 -9.15
CA LYS E 26 -15.04 21.99 -8.97
C LYS E 26 -14.11 21.60 -10.13
N THR E 27 -12.82 21.46 -9.84
CA THR E 27 -11.85 21.12 -10.88
C THR E 27 -11.20 19.79 -10.58
N ASN E 28 -10.64 19.21 -11.65
CA ASN E 28 -9.95 17.96 -11.54
C ASN E 28 -8.50 18.36 -11.53
N GLU E 29 -7.83 18.11 -10.42
CA GLU E 29 -6.45 18.57 -10.30
C GLU E 29 -5.44 17.47 -10.63
N ARG E 30 -5.91 16.27 -11.00
CA ARG E 30 -5.02 15.19 -11.52
C ARG E 30 -5.37 14.86 -13.02
N PRO E 31 -5.29 15.88 -13.89
CA PRO E 31 -5.79 15.69 -15.27
C PRO E 31 -4.90 14.71 -16.07
N ILE E 32 -5.49 13.90 -16.92
CA ILE E 32 -4.72 12.95 -17.71
C ILE E 32 -5.17 13.15 -19.16
N ILE E 33 -4.23 13.38 -20.03
CA ILE E 33 -4.58 13.68 -21.40
C ILE E 33 -4.07 12.58 -22.34
N GLY E 34 -4.90 12.21 -23.29
CA GLY E 34 -4.50 11.26 -24.32
C GLY E 34 -3.79 11.95 -25.48
N VAL E 35 -2.73 11.32 -25.95
CA VAL E 35 -2.05 11.76 -27.16
C VAL E 35 -2.14 10.57 -28.15
N LEU E 36 -2.61 10.84 -29.35
CA LEU E 36 -2.73 9.77 -30.37
C LEU E 36 -1.40 9.35 -31.04
N ALA E 37 -1.17 8.05 -31.08
CA ALA E 37 -0.07 7.48 -31.81
C ALA E 37 -0.35 7.55 -33.29
N GLN E 38 0.66 7.41 -34.15
CA GLN E 38 0.30 7.33 -35.56
C GLN E 38 1.11 6.27 -36.33
N ASP E 39 0.57 5.87 -37.49
CA ASP E 39 1.15 4.80 -38.36
C ASP E 39 2.59 5.17 -38.75
N VAL E 40 3.54 4.25 -38.51
CA VAL E 40 4.96 4.47 -38.84
C VAL E 40 5.22 4.21 -40.37
N PHE E 41 6.03 5.06 -41.01
CA PHE E 41 6.18 4.92 -42.46
C PHE E 41 6.49 3.51 -42.91
N ASP E 42 7.45 2.83 -42.30
CA ASP E 42 7.78 1.45 -42.66
C ASP E 42 7.60 0.52 -41.46
N PRO E 43 6.39 -0.02 -41.27
CA PRO E 43 6.10 -0.73 -40.02
C PRO E 43 6.78 -2.09 -39.80
N LYS E 44 6.90 -2.51 -38.54
CA LYS E 44 7.50 -3.78 -38.15
C LYS E 44 7.23 -3.96 -36.67
N PRO E 45 7.22 -5.22 -36.18
CA PRO E 45 7.01 -5.48 -34.74
C PRO E 45 7.71 -4.49 -33.80
N ASP E 46 6.97 -4.02 -32.80
CA ASP E 46 7.43 -2.98 -31.85
C ASP E 46 7.62 -1.63 -32.53
N ARG E 47 7.17 -1.52 -33.77
CA ARG E 47 7.32 -0.31 -34.56
C ARG E 47 6.19 -0.11 -35.57
N ASN E 48 4.94 -0.31 -35.14
CA ASN E 48 3.78 0.02 -35.96
C ASN E 48 3.29 1.46 -35.91
N SER E 49 3.63 2.16 -34.84
CA SER E 49 3.13 3.49 -34.60
C SER E 49 4.10 4.20 -33.70
N TYR E 50 3.90 5.50 -33.52
CA TYR E 50 4.85 6.28 -32.83
C TYR E 50 4.24 7.60 -32.28
N ILE E 51 4.82 8.12 -31.18
CA ILE E 51 4.51 9.43 -30.71
C ILE E 51 5.85 10.13 -30.42
N ALA E 52 5.96 11.37 -30.86
CA ALA E 52 7.16 12.14 -30.67
C ALA E 52 7.15 12.62 -29.19
N ALA E 53 8.26 12.52 -28.45
CA ALA E 53 8.24 12.82 -27.01
C ALA E 53 7.86 14.26 -26.68
N SER E 54 8.13 15.16 -27.63
CA SER E 54 7.88 16.59 -27.43
C SER E 54 6.37 16.88 -27.13
N TYR E 55 5.44 16.04 -27.58
CA TYR E 55 4.01 16.19 -27.23
C TYR E 55 3.69 15.75 -25.79
N VAL E 56 4.39 14.73 -25.33
CA VAL E 56 4.31 14.28 -23.97
C VAL E 56 4.85 15.34 -23.01
N LYS E 57 6.04 15.86 -23.29
CA LYS E 57 6.67 16.88 -22.49
C LYS E 57 5.81 18.16 -22.40
N PHE E 58 5.28 18.60 -23.54
CA PHE E 58 4.40 19.74 -23.69
C PHE E 58 3.26 19.67 -22.63
N LEU E 59 2.62 18.50 -22.51
CA LEU E 59 1.48 18.39 -21.63
C LEU E 59 1.94 18.29 -20.15
N GLU E 60 3.00 17.54 -19.90
CA GLU E 60 3.47 17.26 -18.58
C GLU E 60 3.95 18.55 -17.95
N SER E 61 4.50 19.42 -18.74
CA SER E 61 5.00 20.67 -18.22
C SER E 61 3.88 21.57 -17.69
N ALA E 62 2.68 21.32 -18.16
CA ALA E 62 1.58 22.16 -17.74
C ALA E 62 0.79 21.43 -16.64
N GLY E 63 1.26 20.28 -16.16
CA GLY E 63 0.63 19.65 -15.00
C GLY E 63 -0.36 18.55 -15.32
N ALA E 64 -0.13 17.84 -16.41
CA ALA E 64 -0.99 16.78 -16.80
C ALA E 64 -0.16 15.51 -16.81
N ARG E 65 -0.80 14.37 -16.62
CA ARG E 65 -0.14 13.10 -16.98
C ARG E 65 -0.59 12.65 -18.40
N VAL E 66 0.10 11.75 -19.05
CA VAL E 66 -0.16 11.43 -20.46
C VAL E 66 -0.42 9.95 -20.68
N VAL E 67 -1.36 9.65 -21.55
CA VAL E 67 -1.73 8.30 -21.93
C VAL E 67 -1.58 8.23 -23.47
N PRO E 68 -0.68 7.38 -23.98
CA PRO E 68 -0.54 7.20 -25.43
C PRO E 68 -1.73 6.38 -25.96
N VAL E 69 -2.45 6.89 -26.92
CA VAL E 69 -3.63 6.24 -27.41
C VAL E 69 -3.21 5.41 -28.68
N MET E 70 -3.47 4.12 -28.65
CA MET E 70 -3.00 3.26 -29.73
C MET E 70 -3.81 3.36 -31.07
N ILE E 71 -3.17 3.01 -32.18
CA ILE E 71 -3.86 3.06 -33.49
C ILE E 71 -4.56 1.74 -33.81
N ASN E 72 -5.54 1.71 -34.71
CA ASN E 72 -6.18 0.42 -35.04
C ASN E 72 -6.62 -0.49 -33.87
N LYS E 73 -7.46 0.07 -33.02
CA LYS E 73 -8.11 -0.58 -31.90
C LYS E 73 -9.62 -0.52 -32.04
N SER E 74 -10.36 -1.31 -31.29
CA SER E 74 -11.80 -1.36 -31.46
C SER E 74 -12.46 -0.08 -30.94
N GLU E 75 -13.65 0.22 -31.48
CA GLU E 75 -14.37 1.36 -31.07
C GLU E 75 -14.68 1.39 -29.52
N ASP E 76 -15.14 0.27 -28.97
CA ASP E 76 -15.34 0.12 -27.52
C ASP E 76 -14.09 0.42 -26.71
N GLU E 77 -12.95 0.02 -27.22
CA GLU E 77 -11.72 0.33 -26.58
C GLU E 77 -11.54 1.83 -26.48
N TYR E 78 -11.85 2.58 -27.54
CA TYR E 78 -11.63 4.00 -27.55
C TYR E 78 -12.61 4.75 -26.67
N SER E 79 -13.86 4.29 -26.62
CA SER E 79 -14.78 4.93 -25.73
C SER E 79 -14.37 4.60 -24.28
N ARG E 80 -13.85 3.40 -24.03
CA ARG E 80 -13.32 3.10 -22.71
C ARG E 80 -12.27 4.18 -22.28
N LEU E 81 -11.25 4.33 -23.10
CA LEU E 81 -10.26 5.35 -22.94
C LEU E 81 -10.87 6.74 -22.89
N PHE E 82 -11.90 7.00 -23.69
CA PHE E 82 -12.41 8.37 -23.80
C PHE E 82 -13.05 8.66 -22.49
N LYS E 83 -13.72 7.67 -21.93
CA LYS E 83 -14.47 7.93 -20.69
C LYS E 83 -13.56 7.99 -19.47
N SER E 84 -12.30 7.57 -19.66
CA SER E 84 -11.29 7.52 -18.58
C SER E 84 -10.39 8.76 -18.58
N ILE E 85 -10.16 9.39 -19.73
CA ILE E 85 -9.25 10.49 -19.78
C ILE E 85 -9.98 11.83 -19.73
N ASN E 86 -9.20 12.91 -19.73
CA ASN E 86 -9.70 14.20 -19.50
C ASN E 86 -9.49 15.15 -20.69
N GLY E 87 -8.94 14.68 -21.81
CA GLY E 87 -8.61 15.51 -22.99
C GLY E 87 -7.88 14.63 -24.00
N VAL E 88 -7.80 15.04 -25.28
CA VAL E 88 -7.01 14.34 -26.30
C VAL E 88 -6.27 15.35 -27.14
N LEU E 89 -5.06 15.02 -27.52
CA LEU E 89 -4.33 15.84 -28.44
C LEU E 89 -4.01 15.01 -29.70
N PHE E 90 -4.24 15.62 -30.87
CA PHE E 90 -3.92 15.04 -32.17
C PHE E 90 -2.62 15.68 -32.65
N PRO E 91 -1.53 14.93 -32.64
CA PRO E 91 -0.29 15.64 -32.94
C PRO E 91 0.03 15.82 -34.45
N GLY E 92 1.06 16.58 -34.76
CA GLY E 92 1.60 16.57 -36.12
C GLY E 92 2.09 15.20 -36.59
N GLY E 93 2.57 15.15 -37.83
CA GLY E 93 3.10 13.91 -38.44
C GLY E 93 2.94 13.89 -39.95
N GLY E 94 3.15 12.74 -40.58
CA GLY E 94 3.11 12.66 -42.05
C GLY E 94 2.44 11.38 -42.46
N VAL E 95 1.15 11.36 -42.23
CA VAL E 95 0.37 10.16 -42.29
C VAL E 95 -0.93 10.63 -42.90
N SER E 96 -1.55 9.78 -43.71
CA SER E 96 -2.79 10.14 -44.42
C SER E 96 -3.92 10.66 -43.50
N LEU E 97 -4.61 11.72 -43.94
CA LEU E 97 -5.77 12.26 -43.24
C LEU E 97 -7.01 11.45 -43.46
N GLU E 98 -6.93 10.42 -44.30
CA GLU E 98 -8.15 9.78 -44.77
C GLU E 98 -8.23 8.30 -44.56
N SER E 99 -7.09 7.63 -44.53
CA SER E 99 -7.13 6.20 -44.37
C SER E 99 -6.05 5.67 -43.41
N SER E 100 -5.49 6.50 -42.53
CA SER E 100 -4.55 5.98 -41.55
C SER E 100 -5.26 5.46 -40.28
N GLY E 101 -4.59 4.59 -39.54
CA GLY E 101 -4.98 4.25 -38.19
C GLY E 101 -5.28 5.52 -37.36
N TYR E 102 -4.39 6.50 -37.50
CA TYR E 102 -4.47 7.80 -36.79
C TYR E 102 -5.76 8.54 -37.12
N SER E 103 -6.08 8.60 -38.41
CA SER E 103 -7.29 9.33 -38.82
C SER E 103 -8.55 8.61 -38.38
N LYS E 104 -8.57 7.27 -38.43
CA LYS E 104 -9.72 6.54 -37.89
C LYS E 104 -9.92 6.88 -36.42
N ALA E 105 -8.90 6.63 -35.59
CA ALA E 105 -8.96 6.93 -34.16
C ALA E 105 -9.36 8.38 -33.90
N ALA E 106 -8.73 9.29 -34.60
CA ALA E 106 -9.04 10.67 -34.33
C ALA E 106 -10.53 10.95 -34.56
N GLY E 107 -11.11 10.39 -35.63
CA GLY E 107 -12.53 10.58 -35.94
C GLY E 107 -13.40 10.05 -34.81
N ILE E 108 -13.12 8.87 -34.33
CA ILE E 108 -13.83 8.37 -33.18
C ILE E 108 -13.71 9.33 -31.94
N PHE E 109 -12.53 9.91 -31.70
CA PHE E 109 -12.39 10.76 -30.54
C PHE E 109 -13.17 12.05 -30.75
N TYR E 110 -13.07 12.56 -31.97
CA TYR E 110 -13.83 13.75 -32.36
C TYR E 110 -15.31 13.59 -32.08
N ARG E 111 -15.87 12.44 -32.45
CA ARG E 111 -17.31 12.28 -32.36
C ARG E 111 -17.68 12.10 -30.92
N LEU E 112 -16.88 11.36 -30.19
CA LEU E 112 -17.11 11.18 -28.77
C LEU E 112 -17.06 12.53 -28.06
N ALA E 113 -16.08 13.37 -28.41
CA ALA E 113 -15.96 14.73 -27.85
C ALA E 113 -17.14 15.67 -28.12
N LEU E 114 -17.58 15.75 -29.38
CA LEU E 114 -18.78 16.54 -29.72
C LEU E 114 -19.99 16.11 -28.90
N GLU E 115 -20.18 14.81 -28.77
CA GLU E 115 -21.31 14.28 -28.09
C GLU E 115 -21.20 14.58 -26.58
N ALA E 116 -20.03 14.28 -25.99
CA ALA E 116 -19.83 14.47 -24.59
C ALA E 116 -20.11 15.94 -24.25
N ASN E 117 -19.45 16.86 -24.99
CA ASN E 117 -19.61 18.27 -24.74
C ASN E 117 -21.03 18.77 -24.92
N SER E 118 -21.74 18.28 -25.97
CA SER E 118 -23.13 18.68 -26.27
C SER E 118 -24.01 18.38 -25.08
N ASN E 119 -23.71 17.26 -24.43
CA ASN E 119 -24.39 16.83 -23.22
C ASN E 119 -23.74 17.29 -21.91
N GLY E 120 -22.86 18.28 -21.97
CA GLY E 120 -22.40 18.93 -20.77
C GLY E 120 -21.24 18.32 -20.02
N ASP E 121 -20.65 17.26 -20.60
CA ASP E 121 -19.41 16.64 -20.17
C ASP E 121 -18.28 17.33 -20.93
N TYR E 122 -17.70 18.36 -20.33
CA TYR E 122 -16.66 19.18 -20.92
C TYR E 122 -15.41 18.38 -21.20
N PHE E 123 -14.96 18.42 -22.46
CA PHE E 123 -13.86 17.58 -22.91
C PHE E 123 -13.06 18.21 -24.03
N PRO E 124 -11.85 18.72 -23.74
CA PRO E 124 -11.07 19.50 -24.65
C PRO E 124 -10.34 18.66 -25.68
N VAL E 125 -10.24 19.18 -26.89
CA VAL E 125 -9.52 18.50 -28.00
C VAL E 125 -8.52 19.44 -28.62
N TRP E 126 -7.29 19.00 -28.79
CA TRP E 126 -6.26 19.87 -29.31
C TRP E 126 -5.70 19.28 -30.59
N GLY E 127 -5.55 20.09 -31.65
CA GLY E 127 -5.09 19.64 -33.00
C GLY E 127 -3.85 20.44 -33.34
N THR E 128 -2.70 19.78 -33.50
CA THR E 128 -1.43 20.46 -33.88
C THR E 128 -0.98 20.04 -35.24
N CYS E 129 -0.68 21.00 -36.10
CA CYS E 129 -0.22 20.81 -37.49
C CYS E 129 -1.06 19.87 -38.34
N LEU E 130 -0.61 18.65 -38.51
CA LEU E 130 -1.39 17.61 -39.14
C LEU E 130 -2.68 17.41 -38.38
N GLY E 131 -2.65 17.60 -37.06
CA GLY E 131 -3.86 17.48 -36.26
C GLY E 131 -4.81 18.63 -36.56
N PHE E 132 -4.24 19.80 -36.84
CA PHE E 132 -5.06 20.95 -37.23
C PHE E 132 -5.78 20.55 -38.52
N GLU E 133 -5.04 20.25 -39.58
CA GLU E 133 -5.58 19.82 -40.89
C GLU E 133 -6.64 18.74 -40.74
N LEU E 134 -6.40 17.77 -39.85
CA LEU E 134 -7.41 16.72 -39.65
C LEU E 134 -8.72 17.28 -39.20
N LEU E 135 -8.61 18.27 -38.32
CA LEU E 135 -9.77 18.97 -37.81
C LEU E 135 -10.55 19.68 -38.92
N THR E 136 -9.89 20.27 -39.90
CA THR E 136 -10.66 20.94 -40.93
C THR E 136 -11.48 19.95 -41.69
N LEU E 137 -10.90 18.76 -41.87
CA LEU E 137 -11.55 17.66 -42.54
C LEU E 137 -12.69 17.09 -41.73
N LEU E 138 -12.49 16.85 -40.43
CA LEU E 138 -13.56 16.24 -39.62
C LEU E 138 -14.73 17.20 -39.52
N THR E 139 -14.45 18.49 -39.38
CA THR E 139 -15.59 19.37 -39.31
C THR E 139 -16.26 19.73 -40.67
N SER E 140 -15.47 20.05 -41.69
CA SER E 140 -16.02 20.32 -43.01
C SER E 140 -16.52 19.05 -43.79
N GLY E 141 -15.84 17.91 -43.63
CA GLY E 141 -16.15 16.72 -44.43
C GLY E 141 -15.49 16.76 -45.80
N GLU E 142 -14.57 17.71 -46.01
CA GLU E 142 -13.87 17.87 -47.28
C GLU E 142 -12.43 18.19 -47.07
N LEU E 143 -11.65 18.07 -48.15
CA LEU E 143 -10.23 18.40 -48.14
C LEU E 143 -10.01 19.69 -48.83
N LEU E 144 -9.48 20.66 -48.10
CA LEU E 144 -9.53 22.02 -48.59
C LEU E 144 -8.17 22.65 -48.54
N LEU E 145 -7.16 21.80 -48.61
CA LEU E 145 -5.82 22.22 -48.26
C LEU E 145 -5.09 22.52 -49.56
N SER E 146 -4.21 23.50 -49.51
CA SER E 146 -3.43 23.86 -50.66
C SER E 146 -2.00 24.01 -50.17
N HIS E 147 -1.06 24.15 -51.11
CA HIS E 147 0.36 24.08 -50.79
C HIS E 147 0.97 25.42 -50.35
N THR E 148 1.86 25.40 -49.34
CA THR E 148 2.45 26.65 -48.83
C THR E 148 3.94 26.56 -48.59
N ASN E 149 4.62 27.68 -48.71
CA ASN E 149 6.07 27.67 -48.56
C ASN E 149 6.36 27.78 -47.05
N THR E 150 5.96 26.77 -46.31
CA THR E 150 5.95 26.89 -44.87
C THR E 150 6.65 25.71 -44.18
N SER E 151 7.60 25.11 -44.89
CA SER E 151 8.21 23.85 -44.47
C SER E 151 9.17 23.96 -43.31
N GLY E 152 9.72 25.12 -43.11
CA GLY E 152 10.79 25.27 -42.13
C GLY E 152 10.96 26.73 -41.93
N ILE E 153 9.98 27.35 -41.25
CA ILE E 153 10.03 28.82 -40.98
C ILE E 153 9.39 29.21 -39.60
N ALA E 154 10.07 30.08 -38.88
CA ALA E 154 9.60 30.60 -37.63
C ALA E 154 8.90 31.96 -37.86
N LEU E 155 7.65 32.06 -37.43
CA LEU E 155 6.81 33.22 -37.73
C LEU E 155 6.19 33.90 -36.49
N PRO E 156 5.89 35.23 -36.59
CA PRO E 156 4.96 35.79 -35.61
C PRO E 156 3.54 35.29 -35.86
N LEU E 157 2.59 35.80 -35.12
CA LEU E 157 1.24 35.50 -35.44
C LEU E 157 0.58 36.80 -35.89
N ASP E 158 -0.14 36.75 -37.00
CA ASP E 158 -0.95 37.91 -37.43
C ASP E 158 -2.34 37.70 -36.80
N PHE E 159 -2.53 38.24 -35.62
CA PHE E 159 -3.78 38.04 -34.94
C PHE E 159 -4.96 38.60 -35.75
N THR E 160 -6.14 38.00 -35.64
CA THR E 160 -7.33 38.62 -36.19
C THR E 160 -7.95 39.47 -35.11
N GLU E 161 -8.93 40.28 -35.51
CA GLU E 161 -9.67 41.17 -34.60
C GLU E 161 -10.38 40.33 -33.54
N ASP E 162 -10.82 39.15 -33.96
CA ASP E 162 -11.43 38.15 -33.09
C ASP E 162 -10.57 37.59 -31.93
N VAL E 163 -9.25 37.78 -31.89
CA VAL E 163 -8.50 37.33 -30.68
C VAL E 163 -8.89 38.10 -29.44
N LYS E 164 -9.39 39.31 -29.65
CA LYS E 164 -9.66 40.18 -28.53
C LYS E 164 -10.57 39.52 -27.51
N GLY E 165 -11.63 38.84 -27.94
CA GLY E 165 -12.41 38.06 -26.96
C GLY E 165 -12.07 36.58 -26.71
N SER E 166 -11.06 36.04 -27.38
CA SER E 166 -10.81 34.59 -27.39
C SER E 166 -10.69 33.86 -26.03
N ARG E 167 -10.93 32.54 -26.00
CA ARG E 167 -10.64 31.71 -24.82
C ARG E 167 -9.16 31.35 -24.74
N LEU E 168 -8.61 30.91 -25.85
CA LEU E 168 -7.28 30.43 -25.88
C LEU E 168 -6.30 31.40 -25.23
N PHE E 169 -6.35 32.67 -25.64
CA PHE E 169 -5.29 33.63 -25.29
C PHE E 169 -5.64 34.55 -24.13
N LYS E 170 -6.73 34.26 -23.43
CA LYS E 170 -7.26 35.09 -22.31
C LYS E 170 -6.30 35.27 -21.12
N GLU E 171 -5.67 34.17 -20.71
CA GLU E 171 -4.76 34.17 -19.58
C GLU E 171 -3.32 34.47 -19.96
N PHE E 172 -3.03 34.73 -21.24
CA PHE E 172 -1.64 35.04 -21.63
C PHE E 172 -1.25 36.44 -21.15
N PRO E 173 0.00 36.65 -20.70
CA PRO E 173 0.39 38.04 -20.34
C PRO E 173 0.38 38.96 -21.55
N GLU E 174 -0.16 40.14 -21.39
CA GLU E 174 -0.09 41.18 -22.41
C GLU E 174 1.28 41.26 -23.13
N GLU E 175 2.37 41.28 -22.35
CA GLU E 175 3.75 41.35 -22.89
C GLU E 175 3.98 40.24 -23.93
N LEU E 176 3.45 39.05 -23.63
CA LEU E 176 3.68 37.88 -24.47
C LEU E 176 2.85 37.95 -25.72
N MET E 177 1.61 38.47 -25.58
CA MET E 177 0.74 38.76 -26.71
C MET E 177 1.42 39.69 -27.71
N LYS E 178 2.02 40.77 -27.24
CA LYS E 178 2.78 41.69 -28.10
C LYS E 178 3.98 41.02 -28.77
N SER E 179 4.72 40.19 -28.05
CA SER E 179 5.87 39.51 -28.60
C SER E 179 5.48 38.56 -29.73
N LEU E 180 4.35 37.96 -29.54
CA LEU E 180 3.85 36.95 -30.42
C LEU E 180 3.40 37.63 -31.68
N ALA E 181 2.93 38.88 -31.58
CA ALA E 181 2.56 39.59 -32.78
C ALA E 181 3.77 40.08 -33.59
N THR E 182 4.96 40.14 -33.03
CA THR E 182 6.04 40.86 -33.70
C THR E 182 7.27 40.03 -33.77
N GLU E 183 7.24 38.90 -33.12
CA GLU E 183 8.45 38.12 -33.02
C GLU E 183 8.26 36.72 -33.63
N PRO E 184 9.32 36.17 -34.25
CA PRO E 184 9.17 34.85 -34.89
C PRO E 184 9.16 33.72 -33.85
N LEU E 185 8.04 33.54 -33.17
CA LEU E 185 7.97 32.67 -32.02
C LEU E 185 7.29 31.33 -32.33
N THR E 186 6.70 31.21 -33.52
CA THR E 186 5.89 30.04 -33.85
C THR E 186 6.49 29.21 -34.99
N GLU E 187 6.72 27.92 -34.76
CA GLU E 187 7.40 27.20 -35.81
C GLU E 187 6.44 26.53 -36.72
N ASN E 188 6.69 26.75 -37.99
CA ASN E 188 5.96 26.15 -39.08
C ASN E 188 6.82 25.18 -39.79
N SER E 189 6.34 23.96 -39.87
CA SER E 189 7.01 22.94 -40.66
C SER E 189 5.92 22.12 -41.33
N HIS E 190 5.19 22.79 -42.22
CA HIS E 190 4.06 22.17 -42.89
C HIS E 190 4.05 22.53 -44.37
N GLN E 191 3.72 21.57 -45.23
CA GLN E 191 3.63 21.78 -46.65
C GLN E 191 2.24 22.22 -47.07
N TRP E 192 1.21 21.93 -46.27
CA TRP E 192 -0.20 22.21 -46.61
C TRP E 192 -0.79 23.23 -45.64
N SER E 193 -1.76 24.02 -46.11
CA SER E 193 -2.52 24.92 -45.26
C SER E 193 -3.89 25.08 -45.81
N ILE E 194 -4.79 25.75 -45.08
CA ILE E 194 -6.03 26.21 -45.67
C ILE E 194 -5.92 27.71 -45.73
N THR E 195 -6.17 28.25 -46.91
CA THR E 195 -6.21 29.70 -47.14
C THR E 195 -7.40 30.21 -46.38
N THR E 196 -7.36 31.45 -45.94
CA THR E 196 -8.51 32.03 -45.26
C THR E 196 -9.72 32.03 -46.17
N GLU E 197 -9.44 32.26 -47.45
CA GLU E 197 -10.44 32.20 -48.48
C GLU E 197 -11.16 30.84 -48.57
N ASN E 198 -10.43 29.72 -48.61
CA ASN E 198 -11.14 28.44 -48.61
C ASN E 198 -11.85 28.18 -47.28
N PHE E 199 -11.28 28.72 -46.20
CA PHE E 199 -11.86 28.50 -44.90
C PHE E 199 -13.14 29.31 -44.84
N THR E 200 -13.09 30.58 -45.21
CA THR E 200 -14.30 31.41 -45.26
C THR E 200 -15.33 30.88 -46.30
N ALA E 201 -14.87 30.40 -47.46
CA ALA E 201 -15.80 29.80 -48.43
C ALA E 201 -16.54 28.55 -47.89
N ASN E 202 -15.99 27.85 -46.91
CA ASN E 202 -16.65 26.65 -46.39
C ASN E 202 -17.55 27.05 -45.25
N LYS E 203 -18.76 26.52 -45.30
CA LYS E 203 -19.83 27.06 -44.51
C LYS E 203 -19.81 26.36 -43.16
N LYS E 204 -19.45 25.08 -43.19
CA LYS E 204 -19.28 24.35 -41.96
C LYS E 204 -18.14 24.92 -41.12
N LEU E 205 -16.97 25.15 -41.74
CA LEU E 205 -15.85 25.74 -41.03
C LEU E 205 -16.12 27.12 -40.45
N LYS E 206 -16.69 28.00 -41.26
CA LYS E 206 -16.90 29.36 -40.87
C LYS E 206 -17.93 29.43 -39.75
N LYS E 207 -18.89 28.50 -39.73
CA LYS E 207 -19.90 28.58 -38.66
C LYS E 207 -19.35 28.05 -37.34
N PHE E 208 -18.29 27.26 -37.42
CA PHE E 208 -17.86 26.42 -36.31
C PHE E 208 -16.64 26.97 -35.55
N TYR E 209 -15.72 27.55 -36.27
CA TYR E 209 -14.44 27.91 -35.76
C TYR E 209 -14.19 29.39 -35.81
N ARG E 210 -13.61 29.92 -34.76
CA ARG E 210 -13.22 31.31 -34.70
C ARG E 210 -11.74 31.29 -35.03
N VAL E 211 -11.36 32.16 -35.96
CA VAL E 211 -10.02 32.24 -36.43
C VAL E 211 -9.32 33.25 -35.58
N LEU E 212 -8.18 32.91 -34.98
CA LEU E 212 -7.52 33.85 -34.07
C LEU E 212 -6.27 34.47 -34.67
N SER E 213 -5.66 33.76 -35.61
CA SER E 213 -4.58 34.35 -36.31
C SER E 213 -4.42 33.68 -37.67
N THR E 214 -3.64 34.36 -38.50
CA THR E 214 -3.35 33.97 -39.85
C THR E 214 -1.89 34.15 -40.11
N ASN E 215 -1.43 33.59 -41.20
CA ASN E 215 -0.07 33.85 -41.60
C ASN E 215 -0.01 33.79 -43.13
N THR E 216 1.09 34.21 -43.67
CA THR E 216 1.22 34.14 -45.10
C THR E 216 2.61 33.67 -45.42
N ASP E 217 2.80 33.16 -46.64
CA ASP E 217 4.13 32.84 -47.14
C ASP E 217 4.59 33.83 -48.26
N GLY E 218 3.81 34.93 -48.41
CA GLY E 218 3.98 35.99 -49.44
C GLY E 218 2.93 35.94 -50.54
N TYR E 219 2.22 34.84 -50.63
CA TYR E 219 1.22 34.70 -51.64
C TYR E 219 -0.04 34.15 -51.05
N ASN E 220 0.07 32.97 -50.46
CA ASN E 220 -0.99 32.35 -49.65
C ASN E 220 -1.20 33.03 -48.26
N LYS E 221 -2.44 33.40 -47.94
CA LYS E 221 -2.78 33.78 -46.57
C LYS E 221 -3.60 32.62 -45.98
N PHE E 222 -3.10 32.04 -44.88
CA PHE E 222 -3.69 30.82 -44.30
C PHE E 222 -4.06 30.92 -42.81
N VAL E 223 -5.02 30.09 -42.38
CA VAL E 223 -5.46 30.09 -41.01
C VAL E 223 -4.34 29.43 -40.13
N SER E 224 -3.94 30.12 -39.05
CA SER E 224 -2.86 29.57 -38.21
C SER E 224 -3.24 29.15 -36.81
N THR E 225 -4.30 29.74 -36.25
CA THR E 225 -4.80 29.37 -34.92
C THR E 225 -6.33 29.53 -34.92
N MET E 226 -7.05 28.56 -34.34
CA MET E 226 -8.50 28.69 -34.28
C MET E 226 -9.04 27.94 -33.06
N GLU E 227 -10.20 28.36 -32.59
CA GLU E 227 -10.93 27.62 -31.55
C GLU E 227 -12.40 27.55 -31.93
N ALA E 228 -13.06 26.43 -31.68
CA ALA E 228 -14.47 26.33 -31.95
C ALA E 228 -15.28 27.35 -31.09
N TYR E 229 -16.35 27.93 -31.67
CA TYR E 229 -17.28 28.82 -30.96
C TYR E 229 -17.92 28.17 -29.74
N ASP E 230 -18.34 26.94 -29.91
CA ASP E 230 -19.23 26.29 -28.97
C ASP E 230 -18.69 24.97 -28.44
N PHE E 231 -17.43 24.65 -28.75
CA PHE E 231 -16.84 23.43 -28.20
C PHE E 231 -15.41 23.75 -27.76
N PRO E 232 -14.89 22.97 -26.80
CA PRO E 232 -13.49 23.23 -26.41
C PRO E 232 -12.59 22.45 -27.33
N ILE E 233 -12.54 22.90 -28.58
CA ILE E 233 -11.71 22.31 -29.61
C ILE E 233 -10.76 23.44 -30.07
N TYR E 234 -9.45 23.19 -30.08
CA TYR E 234 -8.48 24.23 -30.34
C TYR E 234 -7.49 23.62 -31.31
N ALA E 235 -6.91 24.42 -32.22
CA ALA E 235 -5.97 23.87 -33.15
C ALA E 235 -4.96 24.91 -33.62
N THR E 236 -3.71 24.54 -33.75
CA THR E 236 -2.74 25.44 -34.31
C THR E 236 -2.11 24.75 -35.55
N GLN E 237 -1.86 25.48 -36.63
CA GLN E 237 -1.15 24.93 -37.80
C GLN E 237 0.32 24.86 -37.54
N TRP E 238 0.76 25.70 -36.59
CA TRP E 238 2.16 25.74 -36.15
C TRP E 238 2.34 24.75 -35.00
N ASN E 239 3.60 24.51 -34.59
CA ASN E 239 3.92 23.45 -33.60
C ASN E 239 4.44 24.03 -32.27
N PRO E 240 3.54 24.24 -31.30
CA PRO E 240 3.90 25.07 -30.13
C PRO E 240 4.87 24.31 -29.21
N GLU E 241 4.86 22.98 -29.36
CA GLU E 241 5.60 22.14 -28.43
C GLU E 241 7.06 22.16 -28.71
N LYS E 242 7.49 22.66 -29.85
CA LYS E 242 8.88 22.48 -30.23
C LYS E 242 9.81 23.48 -29.61
N ASN E 243 9.33 24.67 -29.30
CA ASN E 243 10.24 25.73 -28.85
C ASN E 243 11.03 25.31 -27.57
N ALA E 244 10.37 24.67 -26.61
CA ALA E 244 11.09 24.17 -25.42
C ALA E 244 11.84 22.88 -25.61
N PHE E 245 11.37 22.01 -26.50
CA PHE E 245 11.70 20.57 -26.38
C PHE E 245 12.48 19.98 -27.56
N GLU E 246 12.57 20.69 -28.69
CA GLU E 246 13.19 20.14 -29.92
C GLU E 246 14.24 21.10 -30.43
N TRP E 247 15.45 20.59 -30.68
CA TRP E 247 16.64 21.35 -30.89
C TRP E 247 17.40 21.00 -32.21
N THR E 248 16.80 20.23 -33.08
CA THR E 248 17.57 19.66 -34.22
C THR E 248 17.32 20.32 -35.59
N ARG E 249 16.48 21.35 -35.62
CA ARG E 249 16.27 22.11 -36.83
C ARG E 249 16.42 23.58 -36.49
N PRO E 250 16.96 24.36 -37.42
CA PRO E 250 17.41 25.69 -36.99
C PRO E 250 16.35 26.79 -37.14
N TYR E 251 15.14 26.39 -37.54
CA TYR E 251 14.00 27.29 -37.57
C TYR E 251 13.01 27.05 -36.40
N ILE E 252 13.43 26.27 -35.40
CA ILE E 252 12.72 26.24 -34.15
C ILE E 252 13.19 27.43 -33.34
N PRO E 253 12.26 28.30 -32.96
CA PRO E 253 12.59 29.41 -32.07
C PRO E 253 12.78 29.00 -30.57
N HIS E 254 13.80 29.57 -29.92
CA HIS E 254 14.15 29.22 -28.56
C HIS E 254 14.44 30.46 -27.73
N THR E 255 13.98 31.60 -28.19
CA THR E 255 14.12 32.81 -27.34
C THR E 255 13.28 32.66 -26.05
N PRO E 256 13.56 33.46 -25.00
CA PRO E 256 12.71 33.50 -23.81
C PRO E 256 11.20 33.62 -24.09
N SER E 257 10.79 34.50 -24.98
CA SER E 257 9.34 34.53 -25.28
C SER E 257 8.86 33.24 -26.00
N ALA E 258 9.73 32.60 -26.82
CA ALA E 258 9.30 31.34 -27.51
C ALA E 258 8.99 30.27 -26.45
N ILE E 259 9.86 30.24 -25.42
CA ILE E 259 9.77 29.28 -24.32
C ILE E 259 8.47 29.53 -23.54
N LYS E 260 8.14 30.78 -23.25
CA LYS E 260 6.85 31.07 -22.57
C LYS E 260 5.63 30.76 -23.40
N THR E 261 5.72 31.03 -24.69
CA THR E 261 4.65 30.68 -25.60
C THR E 261 4.30 29.19 -25.49
N THR E 262 5.32 28.33 -25.51
CA THR E 262 5.01 26.91 -25.36
C THR E 262 4.45 26.53 -23.98
N PHE E 263 4.91 27.13 -22.88
CA PHE E 263 4.25 26.92 -21.57
C PHE E 263 2.79 27.39 -21.56
N TYR E 264 2.56 28.62 -21.98
CA TYR E 264 1.20 29.20 -21.86
C TYR E 264 0.18 28.52 -22.75
N MET E 265 0.55 28.09 -23.95
CA MET E 265 -0.34 27.26 -24.78
C MET E 265 -0.78 25.97 -24.04
N ALA E 266 0.19 25.26 -23.48
CA ALA E 266 -0.04 23.99 -22.84
C ALA E 266 -0.89 24.24 -21.56
N ASN E 267 -0.51 25.29 -20.84
CA ASN E 267 -1.25 25.69 -19.68
C ASN E 267 -2.72 25.93 -19.92
N PHE E 268 -3.04 26.64 -20.99
CA PHE E 268 -4.43 26.77 -21.35
C PHE E 268 -5.12 25.43 -21.61
N PHE E 269 -4.44 24.56 -22.36
CA PHE E 269 -5.08 23.31 -22.73
C PHE E 269 -5.28 22.44 -21.49
N VAL E 270 -4.23 22.35 -20.68
CA VAL E 270 -4.41 21.58 -19.48
C VAL E 270 -5.46 22.18 -18.50
N ASN E 271 -5.61 23.52 -18.41
CA ASN E 271 -6.70 24.07 -17.56
C ASN E 271 -8.10 23.74 -18.11
N GLU E 272 -8.20 23.55 -19.43
CA GLU E 272 -9.41 23.02 -20.06
C GLU E 272 -9.65 21.59 -19.67
N ALA E 273 -8.57 20.82 -19.59
CA ALA E 273 -8.72 19.41 -19.19
C ALA E 273 -9.17 19.33 -17.72
N ARG E 274 -8.85 20.35 -16.91
CA ARG E 274 -9.18 20.35 -15.49
C ARG E 274 -10.66 20.52 -15.30
N LYS E 275 -11.40 20.87 -16.34
CA LYS E 275 -12.86 20.95 -16.23
C LYS E 275 -13.53 19.61 -16.52
N ASN E 276 -12.76 18.62 -16.90
CA ASN E 276 -13.37 17.30 -17.19
C ASN E 276 -13.21 16.40 -16.00
N LEU E 277 -14.22 15.61 -15.69
CA LEU E 277 -14.22 14.88 -14.46
C LEU E 277 -14.14 13.35 -14.61
N HIS E 278 -13.85 12.85 -15.81
CA HIS E 278 -13.74 11.40 -16.01
C HIS E 278 -12.65 10.90 -15.06
N SER E 279 -12.65 9.62 -14.74
CA SER E 279 -11.43 9.01 -14.25
C SER E 279 -11.39 7.60 -14.70
N PHE E 280 -10.23 7.01 -14.47
CA PHE E 280 -10.11 5.58 -14.65
C PHE E 280 -10.95 4.78 -13.65
N ALA E 281 -11.38 3.59 -14.08
CA ALA E 281 -12.14 2.72 -13.25
C ALA E 281 -11.33 2.38 -11.97
N SER E 282 -10.01 2.34 -12.09
CA SER E 282 -9.22 2.06 -10.89
C SER E 282 -7.82 2.65 -10.99
N THR E 283 -7.10 2.74 -9.88
CA THR E 283 -5.74 3.23 -10.01
C THR E 283 -4.92 2.22 -10.79
N GLU E 284 -5.19 0.94 -10.61
CA GLU E 284 -4.49 -0.07 -11.43
C GLU E 284 -4.65 0.10 -12.96
N GLU E 285 -5.88 0.35 -13.44
CA GLU E 285 -6.11 0.65 -14.87
C GLU E 285 -5.39 1.93 -15.29
N GLU E 286 -5.46 2.95 -14.44
CA GLU E 286 -4.67 4.16 -14.63
C GLU E 286 -3.19 3.93 -14.82
N GLU E 287 -2.59 3.23 -13.89
CA GLU E 287 -1.18 2.99 -13.95
C GLU E 287 -0.78 2.23 -15.22
N LYS E 288 -1.55 1.21 -15.63
CA LYS E 288 -1.24 0.43 -16.85
C LYS E 288 -1.33 1.24 -18.14
N ALA E 289 -2.13 2.30 -18.15
CA ALA E 289 -2.32 3.16 -19.31
C ALA E 289 -1.28 4.28 -19.49
N LEU E 290 -0.55 4.68 -18.45
CA LEU E 290 0.31 5.88 -18.52
C LEU E 290 1.56 5.70 -19.39
N ILE E 291 1.98 6.82 -19.97
CA ILE E 291 3.14 6.85 -20.79
C ILE E 291 4.39 6.40 -20.07
N TYR E 292 4.37 6.41 -18.75
CA TYR E 292 5.51 5.92 -17.95
C TYR E 292 5.90 4.41 -18.23
N ASN E 293 4.96 3.61 -18.71
CA ASN E 293 5.33 2.23 -19.03
C ASN E 293 6.23 2.08 -20.26
N TYR E 294 6.51 3.17 -20.98
CA TYR E 294 7.12 3.17 -22.29
C TYR E 294 8.43 3.95 -22.19
N LYS E 295 9.44 3.48 -22.87
CA LYS E 295 10.65 4.20 -22.94
C LYS E 295 10.89 4.70 -24.35
N PRO E 296 11.31 5.96 -24.51
CA PRO E 296 11.51 6.49 -25.88
C PRO E 296 12.88 6.21 -26.49
N GLU E 297 12.99 6.24 -27.81
CA GLU E 297 14.32 6.11 -28.40
C GLU E 297 14.85 7.49 -28.70
N TYR E 298 16.16 7.58 -28.56
CA TYR E 298 16.91 8.73 -28.99
C TYR E 298 16.97 8.73 -30.50
N THR E 299 16.22 9.62 -31.13
CA THR E 299 16.12 9.65 -32.56
C THR E 299 16.67 10.95 -33.12
N GLY E 300 17.18 11.82 -32.27
CA GLY E 300 17.65 13.15 -32.69
C GLY E 300 18.87 13.32 -33.60
N ILE E 301 19.76 12.34 -33.63
CA ILE E 301 20.88 12.37 -34.55
C ILE E 301 20.42 12.63 -35.98
N GLN E 302 19.26 12.08 -36.34
CA GLN E 302 18.75 12.12 -37.73
C GLN E 302 17.34 12.79 -37.88
N SER E 303 16.45 12.59 -36.91
CA SER E 303 15.02 12.97 -37.06
C SER E 303 14.76 14.42 -36.59
N ALA E 304 13.59 15.00 -36.82
CA ALA E 304 13.30 16.33 -36.27
C ALA E 304 12.97 16.23 -34.80
N PHE E 305 12.86 14.99 -34.35
CA PHE E 305 12.44 14.64 -33.00
C PHE E 305 13.62 14.13 -32.16
N GLU E 306 13.96 14.82 -31.05
CA GLU E 306 14.99 14.32 -30.16
C GLU E 306 14.79 12.85 -29.75
N GLN E 307 13.54 12.52 -29.43
CA GLN E 307 13.14 11.27 -28.80
C GLN E 307 11.78 10.86 -29.32
N THR E 308 11.59 9.58 -29.65
CA THR E 308 10.26 9.21 -30.10
C THR E 308 9.87 7.89 -29.46
N TYR E 309 8.59 7.74 -29.11
CA TYR E 309 8.07 6.55 -28.50
C TYR E 309 7.51 5.68 -29.60
N PHE E 310 7.98 4.44 -29.67
CA PHE E 310 7.50 3.48 -30.67
C PHE E 310 6.61 2.44 -30.04
N PHE E 311 5.54 2.09 -30.72
CA PHE E 311 4.63 1.10 -30.14
C PHE E 311 4.40 -0.10 -31.04
N ASN E 312 4.26 -1.25 -30.40
CA ASN E 312 3.63 -2.32 -31.10
C ASN E 312 2.11 -2.12 -31.35
N LYS F 26 25.21 20.97 31.36
CA LYS F 26 24.76 19.75 30.58
C LYS F 26 23.89 18.78 31.44
N THR F 27 22.68 18.42 30.98
CA THR F 27 21.76 17.58 31.77
C THR F 27 21.45 16.29 31.06
N ASN F 28 20.86 15.35 31.78
CA ASN F 28 20.41 14.12 31.23
C ASN F 28 18.88 14.02 31.36
N GLU F 29 18.18 14.16 30.23
CA GLU F 29 16.70 14.13 30.20
C GLU F 29 16.10 12.74 29.99
N ARG F 30 16.92 11.69 30.09
CA ARG F 30 16.38 10.32 30.18
C ARG F 30 16.86 9.64 31.48
N PRO F 31 16.63 10.26 32.64
CA PRO F 31 17.14 9.71 33.93
C PRO F 31 16.63 8.30 34.28
N ILE F 32 17.55 7.38 34.58
CA ILE F 32 17.23 6.03 35.07
C ILE F 32 17.66 5.90 36.57
N ILE F 33 16.75 5.55 37.46
CA ILE F 33 17.04 5.47 38.92
C ILE F 33 16.85 4.07 39.38
N GLY F 34 17.70 3.61 40.29
CA GLY F 34 17.63 2.24 40.81
C GLY F 34 16.78 2.25 42.08
N VAL F 35 15.98 1.21 42.27
CA VAL F 35 15.25 1.07 43.51
C VAL F 35 15.69 -0.28 44.12
N LEU F 36 16.26 -0.25 45.32
CA LEU F 36 16.74 -1.49 46.01
C LEU F 36 15.63 -2.45 46.41
N ALA F 37 15.77 -3.70 46.01
CA ALA F 37 14.90 -4.77 46.42
C ALA F 37 15.19 -5.13 47.88
N GLN F 38 14.39 -6.04 48.43
CA GLN F 38 14.45 -6.29 49.85
C GLN F 38 14.15 -7.73 50.10
N ASP F 39 14.90 -8.34 51.02
CA ASP F 39 14.73 -9.74 51.41
C ASP F 39 13.29 -10.01 51.78
N VAL F 40 12.67 -10.99 51.13
CA VAL F 40 11.33 -11.42 51.57
C VAL F 40 11.39 -12.11 52.94
N PHE F 41 10.33 -11.94 53.72
CA PHE F 41 10.19 -12.50 55.09
C PHE F 41 10.08 -14.05 55.11
N ASP F 42 9.20 -14.60 54.29
CA ASP F 42 9.13 -16.06 54.10
C ASP F 42 9.67 -16.46 52.70
N PRO F 43 10.99 -16.70 52.58
CA PRO F 43 11.75 -16.60 51.32
C PRO F 43 11.65 -17.67 50.21
N LYS F 44 10.45 -18.08 49.77
CA LYS F 44 10.30 -18.99 48.60
C LYS F 44 11.07 -18.56 47.33
N PRO F 45 11.43 -19.52 46.44
CA PRO F 45 11.91 -19.14 45.07
C PRO F 45 10.84 -18.43 44.24
N ASP F 46 11.26 -17.61 43.29
CA ASP F 46 10.41 -16.69 42.54
C ASP F 46 9.88 -15.56 43.43
N ARG F 47 10.38 -15.58 44.65
CA ARG F 47 9.93 -14.70 45.69
C ARG F 47 10.95 -14.49 46.78
N ASN F 48 12.17 -14.12 46.43
CA ASN F 48 13.20 -13.87 47.39
C ASN F 48 13.35 -12.47 47.85
N SER F 49 13.02 -11.53 46.99
CA SER F 49 13.07 -10.11 47.33
C SER F 49 11.88 -9.38 46.72
N TYR F 50 11.54 -8.26 47.33
CA TYR F 50 10.44 -7.48 46.79
C TYR F 50 10.78 -6.00 46.69
N ILE F 51 10.02 -5.30 45.86
CA ILE F 51 9.94 -3.85 45.88
C ILE F 51 8.48 -3.49 45.86
N ALA F 52 8.06 -2.60 46.77
CA ALA F 52 6.69 -2.07 46.71
C ALA F 52 6.53 -1.20 45.44
N ALA F 53 5.43 -1.39 44.71
CA ALA F 53 5.23 -0.74 43.41
C ALA F 53 5.08 0.78 43.54
N SER F 54 4.58 1.26 44.67
CA SER F 54 4.55 2.67 44.96
C SER F 54 5.90 3.43 44.78
N TYR F 55 7.06 2.79 44.86
CA TYR F 55 8.35 3.51 44.76
C TYR F 55 8.68 3.76 43.30
N VAL F 56 8.24 2.81 42.47
CA VAL F 56 8.38 2.87 41.05
C VAL F 56 7.48 4.01 40.52
N LYS F 57 6.21 4.01 40.93
CA LYS F 57 5.30 5.03 40.50
C LYS F 57 5.81 6.40 40.93
N PHE F 58 6.33 6.47 42.14
CA PHE F 58 6.81 7.70 42.73
C PHE F 58 7.80 8.31 41.75
N LEU F 59 8.70 7.48 41.25
CA LEU F 59 9.80 7.94 40.40
C LEU F 59 9.42 8.16 38.91
N GLU F 60 8.61 7.29 38.34
CA GLU F 60 8.21 7.46 36.93
C GLU F 60 7.39 8.74 36.77
N SER F 61 6.69 9.08 37.85
CA SER F 61 5.75 10.14 37.84
C SER F 61 6.50 11.47 37.77
N ALA F 62 7.76 11.48 38.21
CA ALA F 62 8.63 12.66 38.00
C ALA F 62 9.52 12.60 36.77
N GLY F 63 9.25 11.66 35.86
CA GLY F 63 10.00 11.62 34.61
C GLY F 63 11.31 10.84 34.69
N ALA F 64 11.32 9.73 35.42
CA ALA F 64 12.47 8.83 35.37
C ALA F 64 12.04 7.43 35.03
N ARG F 65 12.92 6.68 34.39
CA ARG F 65 12.70 5.24 34.27
C ARG F 65 13.35 4.58 35.47
N VAL F 66 12.88 3.39 35.82
CA VAL F 66 13.35 2.71 37.02
C VAL F 66 14.05 1.38 36.73
N VAL F 67 15.16 1.15 37.44
CA VAL F 67 15.76 -0.15 37.53
C VAL F 67 15.64 -0.72 38.96
N PRO F 68 15.16 -1.99 39.07
CA PRO F 68 15.18 -2.82 40.28
C PRO F 68 16.59 -3.36 40.50
N VAL F 69 17.21 -2.96 41.61
CA VAL F 69 18.54 -3.36 42.00
C VAL F 69 18.44 -4.56 42.94
N MET F 70 18.83 -5.73 42.44
CA MET F 70 18.64 -7.06 43.08
C MET F 70 19.41 -7.30 44.37
N ILE F 71 18.99 -8.28 45.14
CA ILE F 71 19.50 -8.46 46.52
C ILE F 71 20.86 -9.19 46.72
N ASN F 72 21.10 -10.30 46.04
CA ASN F 72 22.26 -11.11 46.45
C ASN F 72 23.31 -11.29 45.37
N LYS F 73 24.21 -10.30 45.30
CA LYS F 73 24.97 -10.04 44.08
C LYS F 73 26.36 -9.55 44.44
N SER F 74 27.30 -9.80 43.53
CA SER F 74 28.70 -9.48 43.79
C SER F 74 28.93 -7.99 43.84
N GLU F 75 30.02 -7.58 44.47
CA GLU F 75 30.42 -6.18 44.42
C GLU F 75 30.73 -5.75 42.97
N ASP F 76 30.99 -6.70 42.10
CA ASP F 76 31.33 -6.37 40.71
C ASP F 76 30.12 -5.99 39.87
N GLU F 77 29.02 -6.73 40.03
CA GLU F 77 27.78 -6.51 39.27
C GLU F 77 27.06 -5.25 39.70
N TYR F 78 27.28 -4.83 40.95
CA TYR F 78 26.71 -3.60 41.45
C TYR F 78 27.48 -2.42 40.90
N SER F 79 28.81 -2.50 40.92
CA SER F 79 29.65 -1.44 40.36
C SER F 79 29.24 -1.17 38.92
N ARG F 80 28.96 -2.21 38.14
CA ARG F 80 28.51 -2.03 36.73
C ARG F 80 27.17 -1.30 36.64
N LEU F 81 26.25 -1.71 37.51
CA LEU F 81 24.95 -1.05 37.64
C LEU F 81 25.15 0.39 38.09
N PHE F 82 25.84 0.59 39.19
CA PHE F 82 26.08 1.93 39.65
C PHE F 82 26.52 2.80 38.50
N LYS F 83 27.38 2.24 37.65
CA LYS F 83 28.08 2.99 36.62
C LYS F 83 27.15 3.31 35.43
N SER F 84 26.04 2.57 35.32
CA SER F 84 25.02 2.78 34.29
C SER F 84 23.87 3.72 34.68
N ILE F 85 23.53 3.78 35.97
CA ILE F 85 22.29 4.37 36.41
C ILE F 85 22.50 5.74 37.02
N ASN F 86 21.43 6.53 37.11
CA ASN F 86 21.59 7.95 37.43
C ASN F 86 21.25 8.38 38.83
N GLY F 87 20.83 7.43 39.66
CA GLY F 87 20.58 7.69 41.07
C GLY F 87 20.08 6.44 41.74
N VAL F 88 20.04 6.49 43.07
CA VAL F 88 19.44 5.42 43.81
C VAL F 88 18.47 5.80 44.88
N LEU F 89 17.55 4.86 45.11
CA LEU F 89 16.57 4.94 46.19
C LEU F 89 16.55 3.70 47.08
N PHE F 90 16.80 3.93 48.37
CA PHE F 90 16.65 2.93 49.42
C PHE F 90 15.26 3.04 50.01
N PRO F 91 14.36 2.10 49.67
CA PRO F 91 12.99 2.26 50.14
C PRO F 91 12.82 1.86 51.63
N GLY F 92 11.61 2.04 52.15
CA GLY F 92 11.23 1.45 53.41
C GLY F 92 11.00 -0.05 53.25
N GLY F 93 10.63 -0.69 54.36
CA GLY F 93 10.59 -2.14 54.48
C GLY F 93 10.77 -2.45 55.95
N GLY F 94 10.95 -3.74 56.28
CA GLY F 94 11.02 -4.17 57.70
C GLY F 94 12.19 -5.11 57.99
N VAL F 95 12.92 -5.40 56.91
CA VAL F 95 14.19 -6.12 56.93
C VAL F 95 15.25 -5.48 57.86
N SER F 96 16.33 -6.21 58.13
CA SER F 96 17.29 -5.76 59.13
C SER F 96 18.34 -4.82 58.53
N LEU F 97 18.77 -3.83 59.33
CA LEU F 97 19.72 -2.83 58.90
C LEU F 97 21.18 -3.31 58.89
N GLU F 98 21.46 -4.46 59.50
CA GLU F 98 22.87 -4.89 59.66
C GLU F 98 23.23 -6.16 58.91
N SER F 99 22.25 -7.04 58.68
CA SER F 99 22.55 -8.39 58.17
C SER F 99 21.90 -8.80 56.81
N SER F 100 20.94 -8.00 56.32
CA SER F 100 20.23 -8.35 55.08
C SER F 100 21.02 -8.00 53.83
N GLY F 101 20.67 -8.61 52.70
CA GLY F 101 21.22 -8.23 51.41
C GLY F 101 20.98 -6.74 51.18
N TYR F 102 19.70 -6.35 51.28
CA TYR F 102 19.30 -4.96 51.22
C TYR F 102 20.32 -4.07 51.93
N SER F 103 20.65 -4.38 53.18
CA SER F 103 21.66 -3.59 53.90
C SER F 103 23.08 -3.67 53.31
N LYS F 104 23.49 -4.84 52.82
CA LYS F 104 24.78 -4.97 52.13
C LYS F 104 24.77 -4.09 50.87
N ALA F 105 23.85 -4.37 49.94
CA ALA F 105 23.71 -3.57 48.71
C ALA F 105 23.60 -2.06 48.97
N ALA F 106 22.73 -1.67 49.88
CA ALA F 106 22.63 -0.24 50.18
C ALA F 106 24.00 0.31 50.53
N GLY F 107 24.70 -0.41 51.42
CA GLY F 107 26.02 0.00 51.92
C GLY F 107 27.06 0.18 50.84
N ILE F 108 27.07 -0.72 49.86
CA ILE F 108 27.96 -0.63 48.70
C ILE F 108 27.65 0.57 47.78
N PHE F 109 26.37 0.91 47.60
CA PHE F 109 25.96 2.06 46.79
C PHE F 109 26.21 3.38 47.46
N TYR F 110 26.16 3.36 48.78
CA TYR F 110 26.40 4.54 49.51
C TYR F 110 27.88 4.93 49.36
N ARG F 111 28.73 3.92 49.34
CA ARG F 111 30.19 4.15 49.30
C ARG F 111 30.62 4.45 47.85
N LEU F 112 30.05 3.68 46.90
CA LEU F 112 30.21 3.98 45.50
C LEU F 112 29.85 5.42 45.18
N ALA F 113 28.84 5.97 45.88
CA ALA F 113 28.27 7.26 45.52
C ALA F 113 29.02 8.40 46.18
N LEU F 114 29.46 8.15 47.41
CA LEU F 114 30.35 9.07 48.10
C LEU F 114 31.62 9.36 47.28
N GLU F 115 32.15 8.31 46.64
CA GLU F 115 33.37 8.35 45.89
C GLU F 115 33.17 9.12 44.58
N ALA F 116 32.11 8.75 43.86
CA ALA F 116 31.79 9.34 42.58
C ALA F 116 31.51 10.83 42.76
N ASN F 117 30.79 11.17 43.82
CA ASN F 117 30.50 12.58 44.08
C ASN F 117 31.77 13.41 44.22
N SER F 118 32.76 12.83 44.92
CA SER F 118 34.02 13.54 45.25
C SER F 118 34.87 13.83 44.03
N ASN F 119 34.89 12.89 43.08
CA ASN F 119 35.42 13.08 41.72
C ASN F 119 34.55 13.98 40.82
N GLY F 120 33.56 14.70 41.39
CA GLY F 120 32.59 15.44 40.58
C GLY F 120 31.65 14.63 39.68
N ASP F 121 31.50 13.32 39.91
CA ASP F 121 30.44 12.58 39.22
C ASP F 121 29.16 12.67 40.11
N TYR F 122 28.39 13.76 39.95
CA TYR F 122 27.17 14.00 40.74
C TYR F 122 26.21 12.82 40.71
N PHE F 123 25.95 12.23 41.89
CA PHE F 123 25.12 11.03 41.94
C PHE F 123 24.24 10.96 43.22
N PRO F 124 22.90 11.12 43.04
CA PRO F 124 21.99 11.32 44.18
C PRO F 124 21.48 10.03 44.82
N VAL F 125 21.34 10.10 46.14
CA VAL F 125 20.86 8.96 46.93
C VAL F 125 19.72 9.45 47.74
N TRP F 126 18.66 8.66 47.76
CA TRP F 126 17.46 8.99 48.50
C TRP F 126 17.14 7.84 49.49
N GLY F 127 16.89 8.21 50.75
CA GLY F 127 16.44 7.23 51.79
C GLY F 127 15.03 7.41 52.32
N THR F 128 14.22 6.36 52.30
CA THR F 128 12.84 6.45 52.86
C THR F 128 12.57 5.44 53.95
N CYS F 129 12.24 6.02 55.11
CA CYS F 129 11.89 5.26 56.33
C CYS F 129 13.11 4.44 56.77
N LEU F 130 13.02 3.15 56.50
CA LEU F 130 14.07 2.24 56.72
C LEU F 130 15.34 2.74 56.03
N GLY F 131 15.16 3.13 54.74
CA GLY F 131 16.24 3.72 53.94
C GLY F 131 16.89 4.89 54.67
N PHE F 132 16.05 5.73 55.25
CA PHE F 132 16.49 6.83 56.09
C PHE F 132 17.29 6.28 57.32
N GLU F 133 16.73 5.26 57.97
CA GLU F 133 17.32 4.71 59.18
C GLU F 133 18.70 4.10 58.84
N LEU F 134 18.77 3.38 57.72
CA LEU F 134 19.99 2.86 57.17
C LEU F 134 21.01 3.95 56.95
N LEU F 135 20.53 5.12 56.58
CA LEU F 135 21.53 6.14 56.30
C LEU F 135 22.15 6.65 57.59
N THR F 136 21.42 6.67 58.70
CA THR F 136 22.02 6.99 60.00
C THR F 136 23.10 5.98 60.39
N LEU F 137 22.84 4.69 60.18
CA LEU F 137 23.83 3.62 60.37
C LEU F 137 25.05 3.68 59.43
N LEU F 138 24.84 3.84 58.13
CA LEU F 138 25.98 3.95 57.18
C LEU F 138 26.90 5.15 57.38
N THR F 139 26.36 6.30 57.79
CA THR F 139 27.26 7.48 57.84
C THR F 139 27.84 7.81 59.26
N SER F 140 27.32 7.18 60.30
CA SER F 140 27.81 7.37 61.66
C SER F 140 28.57 6.13 62.16
N GLY F 141 28.24 4.97 61.59
CA GLY F 141 28.84 3.68 61.96
C GLY F 141 28.10 2.89 63.04
N GLU F 142 27.12 3.55 63.66
CA GLU F 142 26.45 3.08 64.85
C GLU F 142 24.94 2.93 64.62
N LEU F 143 24.25 2.48 65.68
CA LEU F 143 22.82 2.32 65.69
C LEU F 143 22.33 3.21 66.79
N LEU F 144 21.53 4.21 66.43
CA LEU F 144 20.97 5.17 67.36
C LEU F 144 19.45 5.26 67.30
N LEU F 145 18.82 4.22 66.77
CA LEU F 145 17.37 4.22 66.67
C LEU F 145 16.76 3.86 68.04
N SER F 146 15.79 4.66 68.46
CA SER F 146 14.92 4.36 69.58
C SER F 146 13.46 4.15 69.09
N HIS F 147 12.55 3.79 70.00
CA HIS F 147 11.15 3.50 69.66
C HIS F 147 10.30 4.75 69.76
N THR F 148 9.38 4.89 68.81
CA THR F 148 8.50 6.04 68.80
C THR F 148 7.11 5.53 68.46
N ASN F 149 6.09 6.27 68.92
CA ASN F 149 4.72 5.86 68.68
C ASN F 149 4.25 6.52 67.36
N THR F 150 4.72 5.96 66.25
CA THR F 150 4.55 6.56 64.93
C THR F 150 4.29 5.50 63.89
N SER F 151 3.76 4.38 64.38
CA SER F 151 3.13 3.41 63.51
C SER F 151 1.74 3.86 63.20
N GLY F 152 1.48 4.22 61.94
CA GLY F 152 0.14 4.69 61.53
C GLY F 152 -0.38 6.03 62.06
N ILE F 153 0.24 7.14 61.65
CA ILE F 153 -0.32 8.51 61.85
C ILE F 153 0.17 9.35 60.66
N ALA F 154 -0.68 10.27 60.26
CA ALA F 154 -0.34 11.26 59.29
C ALA F 154 -0.03 12.50 60.09
N LEU F 155 1.12 13.13 59.78
CA LEU F 155 1.63 14.29 60.51
C LEU F 155 1.99 15.43 59.56
N PRO F 156 1.88 16.70 60.00
CA PRO F 156 2.50 17.82 59.30
C PRO F 156 3.97 17.73 59.56
N LEU F 157 4.75 18.74 59.23
CA LEU F 157 6.19 18.65 59.39
C LEU F 157 6.58 19.82 60.26
N ASP F 158 7.39 19.58 61.29
CA ASP F 158 7.86 20.66 62.18
C ASP F 158 9.20 21.06 61.60
N PHE F 159 9.17 22.07 60.71
CA PHE F 159 10.34 22.49 59.91
C PHE F 159 11.31 23.20 60.81
N THR F 160 12.58 22.90 60.64
CA THR F 160 13.61 23.63 61.35
C THR F 160 13.77 25.04 60.79
N GLU F 161 14.60 25.84 61.47
CA GLU F 161 14.99 27.18 61.00
C GLU F 161 15.85 26.97 59.73
N ASP F 162 16.41 25.75 59.61
CA ASP F 162 17.26 25.33 58.49
C ASP F 162 16.57 25.05 57.13
N VAL F 163 15.23 25.07 57.06
CA VAL F 163 14.57 24.88 55.74
C VAL F 163 14.88 26.02 54.79
N LYS F 164 14.83 27.26 55.32
CA LYS F 164 15.13 28.46 54.58
C LYS F 164 16.34 28.30 53.64
N GLY F 165 17.42 27.68 54.12
CA GLY F 165 18.58 27.44 53.23
C GLY F 165 18.63 26.14 52.38
N SER F 166 17.47 25.52 52.13
CA SER F 166 17.48 24.12 51.71
C SER F 166 17.33 23.84 50.20
N ARG F 167 18.04 22.81 49.75
CA ARG F 167 17.94 22.34 48.39
C ARG F 167 16.63 21.62 48.13
N LEU F 168 16.34 20.61 48.96
CA LEU F 168 15.16 19.78 48.81
C LEU F 168 13.91 20.61 48.45
N PHE F 169 13.56 21.57 49.29
CA PHE F 169 12.29 22.27 49.15
C PHE F 169 12.39 23.60 48.41
N LYS F 170 13.55 23.91 47.85
CA LYS F 170 13.76 25.16 47.11
C LYS F 170 12.65 25.51 46.08
N GLU F 171 12.25 24.49 45.32
CA GLU F 171 11.29 24.59 44.24
C GLU F 171 9.85 24.32 44.65
N PHE F 172 9.58 24.16 45.95
CA PHE F 172 8.23 23.87 46.39
C PHE F 172 7.43 25.16 46.40
N PRO F 173 6.15 25.13 45.99
CA PRO F 173 5.43 26.40 46.14
C PRO F 173 5.24 26.77 47.61
N GLU F 174 5.20 28.07 47.87
CA GLU F 174 5.01 28.62 49.21
C GLU F 174 3.79 28.01 49.88
N GLU F 175 2.68 27.95 49.16
CA GLU F 175 1.42 27.56 49.79
C GLU F 175 1.46 26.09 50.20
N LEU F 176 2.24 25.32 49.43
CA LEU F 176 2.48 23.92 49.71
C LEU F 176 3.40 23.76 50.94
N MET F 177 4.38 24.65 51.08
CA MET F 177 5.22 24.69 52.27
C MET F 177 4.38 25.07 53.50
N LYS F 178 3.37 25.94 53.29
CA LYS F 178 2.50 26.33 54.37
C LYS F 178 1.55 25.19 54.71
N SER F 179 1.10 24.44 53.71
CA SER F 179 0.22 23.33 53.99
C SER F 179 0.93 22.21 54.72
N LEU F 180 2.12 21.86 54.27
CA LEU F 180 2.93 20.82 54.90
C LEU F 180 3.31 21.09 56.35
N ALA F 181 3.51 22.36 56.69
CA ALA F 181 3.73 22.72 58.10
C ALA F 181 2.45 22.70 58.97
N THR F 182 1.27 22.56 58.40
CA THR F 182 0.06 22.73 59.23
C THR F 182 -0.98 21.64 59.05
N GLU F 183 -0.84 20.82 58.03
CA GLU F 183 -1.85 19.86 57.68
C GLU F 183 -1.22 18.49 57.77
N PRO F 184 -2.03 17.46 58.06
CA PRO F 184 -1.47 16.11 58.18
C PRO F 184 -1.15 15.53 56.81
N LEU F 185 -0.01 15.92 56.24
CA LEU F 185 0.28 15.57 54.85
C LEU F 185 1.36 14.51 54.67
N THR F 186 1.97 14.07 55.77
CA THR F 186 3.08 13.13 55.63
C THR F 186 2.79 11.84 56.36
N GLU F 187 2.89 10.72 55.65
CA GLU F 187 2.57 9.49 56.33
C GLU F 187 3.68 8.81 57.08
N ASN F 188 3.39 8.44 58.34
CA ASN F 188 4.37 7.79 59.23
C ASN F 188 4.03 6.35 59.54
N SER F 189 4.91 5.44 59.12
CA SER F 189 4.74 4.01 59.39
C SER F 189 6.06 3.38 59.86
N HIS F 190 6.58 3.93 60.93
CA HIS F 190 7.84 3.46 61.50
C HIS F 190 7.73 3.23 63.02
N GLN F 191 8.24 2.09 63.49
CA GLN F 191 8.48 1.82 64.96
C GLN F 191 9.68 2.60 65.50
N TRP F 192 10.67 2.85 64.64
CA TRP F 192 11.95 3.43 65.01
C TRP F 192 12.17 4.86 64.48
N SER F 193 12.98 5.64 65.19
CA SER F 193 13.47 6.95 64.74
C SER F 193 14.79 7.27 65.39
N ILE F 194 15.44 8.38 65.03
CA ILE F 194 16.59 8.93 65.76
C ILE F 194 16.03 10.16 66.37
N THR F 195 16.16 10.29 67.68
CA THR F 195 15.67 11.50 68.34
C THR F 195 16.63 12.65 68.02
N THR F 196 16.19 13.90 68.16
CA THR F 196 17.08 15.03 67.89
C THR F 196 18.26 15.18 68.88
N GLU F 197 17.96 15.00 70.17
CA GLU F 197 18.98 14.85 71.23
C GLU F 197 20.05 13.86 70.78
N ASN F 198 19.63 12.64 70.44
CA ASN F 198 20.52 11.57 69.97
C ASN F 198 21.21 11.90 68.65
N PHE F 199 20.59 12.75 67.83
CA PHE F 199 21.19 13.14 66.54
C PHE F 199 22.35 14.10 66.76
N THR F 200 22.07 15.19 67.48
CA THR F 200 23.07 16.20 67.82
C THR F 200 24.34 15.64 68.49
N ALA F 201 24.17 14.74 69.45
CA ALA F 201 25.28 14.20 70.24
C ALA F 201 26.21 13.36 69.38
N ASN F 202 25.75 13.00 68.19
CA ASN F 202 26.63 12.31 67.27
C ASN F 202 27.44 13.26 66.39
N LYS F 203 28.76 13.20 66.54
CA LYS F 203 29.67 14.09 65.84
C LYS F 203 29.57 13.85 64.32
N LYS F 204 29.44 12.60 63.93
CA LYS F 204 29.52 12.27 62.52
C LYS F 204 28.29 12.70 61.73
N LEU F 205 27.12 12.69 62.37
CA LEU F 205 25.88 13.11 61.71
C LEU F 205 25.58 14.59 61.90
N LYS F 206 26.00 15.18 63.02
CA LYS F 206 25.82 16.63 63.16
C LYS F 206 26.52 17.39 62.03
N LYS F 207 27.67 16.87 61.61
CA LYS F 207 28.48 17.50 60.55
C LYS F 207 28.03 17.20 59.09
N PHE F 208 27.46 16.03 58.87
CA PHE F 208 27.20 15.48 57.54
C PHE F 208 25.78 15.79 57.02
N TYR F 209 24.80 15.84 57.90
CA TYR F 209 23.42 16.05 57.56
C TYR F 209 22.86 17.30 58.13
N ARG F 210 22.11 18.03 57.32
CA ARG F 210 21.35 19.20 57.78
C ARG F 210 19.92 18.69 57.95
N VAL F 211 19.22 19.18 58.96
CA VAL F 211 17.96 18.65 59.39
C VAL F 211 16.94 19.67 59.00
N LEU F 212 15.99 19.26 58.16
CA LEU F 212 15.04 20.17 57.53
C LEU F 212 13.74 20.19 58.35
N SER F 213 13.36 19.02 58.88
CA SER F 213 12.21 18.96 59.78
C SER F 213 12.38 17.96 60.94
N THR F 214 11.59 18.19 61.98
CA THR F 214 11.45 17.26 63.11
C THR F 214 9.97 17.00 63.36
N ASN F 215 9.71 15.98 64.15
CA ASN F 215 8.39 15.72 64.61
C ASN F 215 8.50 15.17 66.02
N THR F 216 7.34 15.09 66.70
CA THR F 216 7.24 14.48 68.01
C THR F 216 6.03 13.53 68.11
N ASP F 217 6.22 12.40 68.78
CA ASP F 217 5.08 11.52 69.08
C ASP F 217 4.42 11.92 70.39
N GLY F 218 4.74 13.10 70.90
CA GLY F 218 4.22 13.48 72.22
C GLY F 218 5.22 13.36 73.39
N TYR F 219 6.25 12.53 73.27
CA TYR F 219 7.38 12.70 74.16
C TYR F 219 8.79 12.43 73.57
N ASN F 220 8.85 11.73 72.46
CA ASN F 220 10.07 11.57 71.69
C ASN F 220 10.06 12.54 70.51
N LYS F 221 11.02 13.49 70.48
CA LYS F 221 11.18 14.41 69.34
C LYS F 221 12.24 13.92 68.33
N PHE F 222 11.79 13.55 67.12
CA PHE F 222 12.69 12.92 66.11
C PHE F 222 12.93 13.72 64.78
N VAL F 223 14.01 13.36 64.09
CA VAL F 223 14.35 13.91 62.78
C VAL F 223 13.41 13.30 61.73
N SER F 224 12.65 14.13 61.03
CA SER F 224 11.74 13.61 59.98
C SER F 224 12.28 13.82 58.53
N THR F 225 13.00 14.91 58.27
CA THR F 225 13.62 15.12 56.94
C THR F 225 15.04 15.65 57.04
N MET F 226 15.92 15.22 56.15
CA MET F 226 17.26 15.81 56.17
C MET F 226 17.96 15.59 54.85
N GLU F 227 19.00 16.39 54.60
CA GLU F 227 19.83 16.31 53.38
C GLU F 227 21.29 16.46 53.80
N ALA F 228 22.20 15.84 53.06
CA ALA F 228 23.63 16.03 53.32
C ALA F 228 24.10 17.42 52.88
N TYR F 229 24.80 18.10 53.79
CA TYR F 229 25.32 19.45 53.55
C TYR F 229 26.13 19.51 52.24
N ASP F 230 26.83 18.43 51.93
CA ASP F 230 27.87 18.46 50.91
C ASP F 230 27.70 17.44 49.83
N PHE F 231 26.63 16.65 49.92
CA PHE F 231 26.44 15.48 49.07
C PHE F 231 24.96 15.41 48.67
N PRO F 232 24.67 14.92 47.46
CA PRO F 232 23.24 14.73 47.11
C PRO F 232 22.61 13.48 47.80
N ILE F 233 22.59 13.50 49.13
CA ILE F 233 21.95 12.41 49.88
C ILE F 233 20.81 13.06 50.63
N TYR F 234 19.63 12.48 50.48
CA TYR F 234 18.41 13.08 50.99
C TYR F 234 17.67 11.98 51.71
N ALA F 235 16.93 12.30 52.77
CA ALA F 235 16.36 11.19 53.59
C ALA F 235 15.09 11.60 54.26
N THR F 236 14.04 10.75 54.15
CA THR F 236 12.84 10.96 54.95
C THR F 236 12.46 9.76 55.84
N GLN F 237 12.11 10.11 57.08
CA GLN F 237 11.56 9.19 58.05
C GLN F 237 10.14 8.78 57.61
N TRP F 238 9.33 9.74 57.21
CA TRP F 238 8.03 9.45 56.52
C TRP F 238 8.10 8.95 55.07
N ASN F 239 6.94 8.62 54.52
CA ASN F 239 6.84 7.97 53.22
C ASN F 239 6.12 8.90 52.23
N PRO F 240 6.90 9.64 51.39
CA PRO F 240 6.25 10.52 50.39
C PRO F 240 5.40 9.74 49.37
N GLU F 241 5.86 8.56 49.00
CA GLU F 241 5.29 7.88 47.86
C GLU F 241 3.86 7.43 48.05
N LYS F 242 3.37 7.45 49.27
CA LYS F 242 2.18 6.70 49.55
C LYS F 242 0.93 7.46 49.21
N ASN F 243 1.01 8.78 49.35
CA ASN F 243 -0.12 9.69 49.21
C ASN F 243 -0.92 9.52 47.92
N ALA F 244 -0.21 9.26 46.83
CA ALA F 244 -0.85 9.24 45.53
C ALA F 244 -1.16 7.82 45.17
N PHE F 245 -0.39 6.89 45.77
CA PHE F 245 -0.28 5.52 45.22
C PHE F 245 -0.69 4.37 46.14
N GLU F 246 -0.76 4.60 47.45
CA GLU F 246 -1.33 3.59 48.40
C GLU F 246 -2.70 3.98 49.04
N TRP F 247 -3.64 3.04 49.07
CA TRP F 247 -5.02 3.28 49.44
C TRP F 247 -5.52 2.27 50.49
N THR F 248 -4.62 1.63 51.20
CA THR F 248 -5.05 0.52 52.01
C THR F 248 -5.01 0.80 53.52
N ARG F 249 -4.81 2.05 53.91
CA ARG F 249 -4.66 2.42 55.29
C ARG F 249 -5.23 3.80 55.44
N PRO F 250 -5.99 4.04 56.53
CA PRO F 250 -6.66 5.34 56.77
C PRO F 250 -5.75 6.47 57.24
N TYR F 251 -4.48 6.16 57.55
CA TYR F 251 -3.52 7.20 57.88
C TYR F 251 -2.66 7.60 56.63
N ILE F 252 -2.97 7.07 55.46
CA ILE F 252 -2.35 7.65 54.27
C ILE F 252 -3.15 8.89 53.84
N PRO F 253 -2.56 10.08 53.99
CA PRO F 253 -3.19 11.32 53.52
C PRO F 253 -3.49 11.26 52.01
N HIS F 254 -4.58 11.92 51.63
CA HIS F 254 -4.99 11.90 50.26
C HIS F 254 -5.62 13.22 49.84
N THR F 255 -5.36 14.30 50.59
CA THR F 255 -5.89 15.62 50.22
C THR F 255 -5.17 16.14 48.97
N PRO F 256 -5.78 17.09 48.28
CA PRO F 256 -5.00 17.65 47.13
C PRO F 256 -3.55 18.05 47.47
N SER F 257 -3.32 18.60 48.67
CA SER F 257 -1.95 18.97 49.01
C SER F 257 -1.09 17.76 49.28
N ALA F 258 -1.70 16.65 49.71
CA ALA F 258 -0.89 15.45 49.89
C ALA F 258 -0.37 14.91 48.59
N ILE F 259 -1.23 14.93 47.58
CA ILE F 259 -0.92 14.49 46.21
C ILE F 259 0.29 15.31 45.67
N LYS F 260 0.29 16.62 45.92
CA LYS F 260 1.32 17.48 45.37
C LYS F 260 2.61 17.36 46.14
N THR F 261 2.51 17.08 47.44
CA THR F 261 3.66 16.88 48.26
C THR F 261 4.42 15.73 47.64
N THR F 262 3.73 14.69 47.26
CA THR F 262 4.47 13.58 46.68
C THR F 262 5.02 13.81 45.28
N PHE F 263 4.37 14.61 44.47
CA PHE F 263 4.96 15.00 43.21
C PHE F 263 6.19 15.90 43.43
N TYR F 264 6.10 16.94 44.30
CA TYR F 264 7.25 17.82 44.48
C TYR F 264 8.50 17.13 45.09
N MET F 265 8.27 16.17 45.98
CA MET F 265 9.38 15.37 46.52
C MET F 265 10.08 14.61 45.41
N ALA F 266 9.33 13.90 44.59
CA ALA F 266 9.94 13.11 43.49
C ALA F 266 10.57 14.02 42.42
N ASN F 267 9.91 15.11 42.11
CA ASN F 267 10.40 16.07 41.15
C ASN F 267 11.83 16.49 41.51
N PHE F 268 11.99 16.85 42.78
CA PHE F 268 13.28 17.33 43.26
C PHE F 268 14.38 16.31 43.08
N PHE F 269 14.04 15.05 43.35
CA PHE F 269 15.00 13.97 43.32
C PHE F 269 15.37 13.59 41.89
N VAL F 270 14.40 13.50 41.00
CA VAL F 270 14.74 13.23 39.59
C VAL F 270 15.56 14.37 38.92
N ASN F 271 15.26 15.61 39.26
CA ASN F 271 16.11 16.68 38.77
C ASN F 271 17.52 16.52 39.23
N GLU F 272 17.73 15.93 40.39
CA GLU F 272 19.12 15.71 40.87
C GLU F 272 19.68 14.59 40.02
N ALA F 273 18.83 13.65 39.60
CA ALA F 273 19.30 12.54 38.82
C ALA F 273 19.72 13.02 37.39
N ARG F 274 19.14 14.15 36.98
CA ARG F 274 19.37 14.73 35.65
C ARG F 274 20.77 15.31 35.57
N LYS F 275 21.41 15.48 36.73
CA LYS F 275 22.78 15.95 36.76
C LYS F 275 23.77 14.84 36.54
N ASN F 276 23.28 13.63 36.38
CA ASN F 276 24.19 12.53 36.27
C ASN F 276 24.24 12.04 34.85
N LEU F 277 25.43 11.74 34.37
CA LEU F 277 25.56 11.46 32.97
C LEU F 277 25.86 10.01 32.63
N HIS F 278 25.87 9.16 33.65
CA HIS F 278 26.05 7.72 33.43
C HIS F 278 25.14 7.26 32.35
N SER F 279 25.51 6.16 31.75
CA SER F 279 24.64 5.57 30.75
C SER F 279 24.85 4.07 30.69
N PHE F 280 23.91 3.33 30.10
CA PHE F 280 24.19 1.92 29.90
C PHE F 280 25.14 1.75 28.74
N ALA F 281 25.75 0.57 28.66
CA ALA F 281 26.78 0.27 27.69
C ALA F 281 26.16 0.03 26.31
N SER F 282 25.06 -0.71 26.27
CA SER F 282 24.28 -0.78 25.05
C SER F 282 22.82 -0.52 25.39
N THR F 283 22.00 -0.37 24.37
CA THR F 283 20.58 -0.19 24.60
C THR F 283 19.84 -1.52 24.83
N GLU F 284 20.41 -2.66 24.44
CA GLU F 284 19.77 -3.94 24.80
C GLU F 284 20.06 -4.27 26.27
N GLU F 285 21.17 -3.77 26.78
CA GLU F 285 21.45 -3.96 28.19
C GLU F 285 20.57 -3.02 29.02
N GLU F 286 20.35 -1.80 28.52
CA GLU F 286 19.47 -0.84 29.19
C GLU F 286 18.08 -1.42 29.22
N GLU F 287 17.63 -1.89 28.04
CA GLU F 287 16.30 -2.42 27.84
C GLU F 287 15.95 -3.62 28.73
N LYS F 288 16.97 -4.38 29.10
CA LYS F 288 16.80 -5.63 29.83
C LYS F 288 16.75 -5.35 31.33
N ALA F 289 17.39 -4.26 31.77
CA ALA F 289 17.45 -3.89 33.19
C ALA F 289 16.23 -3.09 33.73
N LEU F 290 15.30 -2.70 32.87
CA LEU F 290 14.17 -1.91 33.33
C LEU F 290 13.05 -2.67 34.09
N ILE F 291 12.49 -2.02 35.11
CA ILE F 291 11.32 -2.56 35.84
C ILE F 291 10.22 -3.00 34.89
N TYR F 292 10.27 -2.53 33.63
CA TYR F 292 9.23 -2.90 32.67
C TYR F 292 9.27 -4.37 32.27
N ASN F 293 10.43 -5.03 32.49
CA ASN F 293 10.52 -6.49 32.37
C ASN F 293 9.72 -7.22 33.45
N TYR F 294 9.27 -6.52 34.49
CA TYR F 294 8.65 -7.24 35.59
C TYR F 294 7.21 -6.84 35.80
N LYS F 295 6.45 -7.80 36.32
CA LYS F 295 5.02 -7.67 36.49
C LYS F 295 4.68 -7.80 38.00
N PRO F 296 3.88 -6.88 38.52
CA PRO F 296 3.66 -7.00 39.95
C PRO F 296 2.39 -7.77 40.28
N GLU F 297 2.30 -8.17 41.54
CA GLU F 297 1.15 -8.90 42.05
C GLU F 297 0.29 -7.91 42.82
N TYR F 298 -1.01 -8.17 42.86
CA TYR F 298 -1.98 -7.31 43.53
C TYR F 298 -2.04 -7.71 44.96
N THR F 299 -1.47 -6.93 45.84
CA THR F 299 -1.36 -7.35 47.24
C THR F 299 -2.20 -6.48 48.18
N GLY F 300 -3.18 -5.80 47.60
CA GLY F 300 -3.99 -4.81 48.29
C GLY F 300 -4.92 -5.29 49.39
N ILE F 301 -5.49 -6.47 49.23
CA ILE F 301 -6.51 -6.94 50.16
C ILE F 301 -5.88 -7.30 51.48
N GLN F 302 -4.64 -7.78 51.40
CA GLN F 302 -3.88 -8.26 52.57
C GLN F 302 -2.96 -7.17 53.10
N SER F 303 -2.03 -6.69 52.25
CA SER F 303 -0.93 -5.82 52.74
C SER F 303 -1.16 -4.32 52.59
N ALA F 304 -0.17 -3.55 53.00
CA ALA F 304 -0.24 -2.10 52.95
C ALA F 304 0.10 -1.59 51.55
N PHE F 305 0.67 -2.47 50.75
CA PHE F 305 1.07 -2.17 49.40
C PHE F 305 0.05 -2.71 48.37
N GLU F 306 -0.56 -1.80 47.60
CA GLU F 306 -1.51 -2.17 46.56
C GLU F 306 -0.93 -3.21 45.61
N GLN F 307 0.29 -2.96 45.13
CA GLN F 307 0.93 -3.84 44.18
C GLN F 307 2.37 -3.98 44.64
N THR F 308 2.91 -5.20 44.55
CA THR F 308 4.27 -5.46 45.01
C THR F 308 4.97 -6.33 43.96
N TYR F 309 6.24 -5.97 43.67
CA TYR F 309 7.13 -6.70 42.76
C TYR F 309 7.96 -7.71 43.54
N PHE F 310 7.84 -8.95 43.12
CA PHE F 310 8.57 -10.06 43.71
C PHE F 310 9.60 -10.49 42.71
N PHE F 311 10.81 -10.69 43.20
CA PHE F 311 11.88 -11.17 42.37
C PHE F 311 12.44 -12.50 42.85
N ASN F 312 13.03 -13.23 41.90
CA ASN F 312 13.86 -14.36 42.27
C ASN F 312 15.19 -13.90 42.89
N1 MTX G . -0.42 -21.40 -41.74
C2 MTX G . -0.29 -20.05 -41.73
NA2 MTX G . -0.13 -19.41 -40.56
N3 MTX G . -0.30 -19.34 -42.88
C4 MTX G . -0.45 -19.97 -44.06
NA4 MTX G . -0.47 -19.30 -45.21
C4A MTX G . -0.61 -21.36 -44.09
N5 MTX G . -0.77 -22.03 -45.24
C6 MTX G . -0.92 -23.37 -45.27
C7 MTX G . -0.90 -24.09 -44.07
N8 MTX G . -0.73 -23.41 -42.88
C8A MTX G . -0.58 -22.07 -42.89
C9 MTX G . -1.08 -23.94 -46.54
N10 MTX G . -1.01 -25.43 -46.70
CM MTX G . 0.32 -26.03 -46.37
C11 MTX G . -4.35 -27.77 -45.67
C12 MTX G . -4.46 -26.36 -45.56
C13 MTX G . -3.35 -25.57 -45.91
C14 MTX G . -2.13 -26.16 -46.33
C15 MTX G . -2.05 -27.54 -46.45
C16 MTX G . -3.14 -28.32 -46.10
C MTX G . -5.37 -28.71 -45.36
O MTX G . -5.29 -29.86 -45.81
N MTX G . -6.35 -28.41 -44.49
CA MTX G . -7.30 -29.52 -44.18
CT MTX G . -8.66 -29.35 -44.89
O1 MTX G . -9.07 -28.17 -45.08
O2 MTX G . -9.26 -30.41 -45.17
CB MTX G . -7.51 -29.75 -42.68
CG MTX G . -7.82 -28.49 -41.87
CD MTX G . -7.55 -28.94 -40.44
OE1 MTX G . -7.32 -30.12 -40.25
N DGL H . -7.60 -28.08 -39.43
CA DGL H . -7.83 -26.63 -39.41
C DGL H . -8.39 -26.25 -37.99
O DGL H . -9.27 -25.32 -37.92
CB DGL H . -6.42 -26.04 -39.60
CG DGL H . -6.14 -24.66 -39.01
CD DGL H . -4.71 -24.17 -39.24
OE1 DGL H . -3.90 -24.88 -39.86
OXT DGL H . -7.90 -26.85 -37.00
N DGL I . -4.48 -22.96 -38.68
CA DGL I . -3.25 -22.10 -38.65
C DGL I . -3.63 -20.99 -37.64
O DGL I . -4.86 -20.67 -37.59
CB DGL I . -1.90 -22.82 -38.19
CG DGL I . -0.64 -21.89 -38.21
CD DGL I . 0.35 -22.04 -36.99
OE1 DGL I . 1.60 -22.06 -37.24
OE2 DGL I . -0.13 -22.10 -35.83
OXT DGL I . -2.70 -20.52 -36.92
N1 MTX J . 8.97 9.10 -42.50
C2 MTX J . 10.27 8.84 -42.80
NA2 MTX J . 11.12 8.44 -41.85
N3 MTX J . 10.72 8.99 -44.07
C4 MTX J . 9.88 9.40 -45.04
NA4 MTX J . 10.30 9.55 -46.28
C4A MTX J . 8.52 9.67 -44.76
N5 MTX J . 7.64 10.09 -45.71
C6 MTX J . 6.33 10.35 -45.45
C7 MTX J . 5.88 10.20 -44.14
N8 MTX J . 6.79 9.77 -43.14
C8A MTX J . 8.08 9.51 -43.44
C9 MTX J . 5.53 10.77 -46.54
N10 MTX J . 4.03 10.90 -46.43
CM MTX J . 3.36 9.66 -45.92
C11 MTX J . 2.53 14.68 -45.09
C12 MTX J . 3.91 14.51 -45.39
C13 MTX J . 4.39 13.28 -45.83
C14 MTX J . 3.55 12.13 -45.98
C15 MTX J . 2.17 12.33 -45.71
C16 MTX J . 1.67 13.57 -45.28
C MTX J . 1.97 15.90 -44.67
O MTX J . 1.10 16.43 -45.39
N MTX J . 2.36 16.46 -43.48
CA MTX J . 1.72 17.73 -42.99
CT MTX J . 2.08 18.96 -43.82
O1 MTX J . 1.17 19.79 -43.90
O2 MTX J . 3.24 19.04 -44.30
CB MTX J . 2.02 18.11 -41.54
CG MTX J . 3.51 18.17 -41.09
CD MTX J . 3.33 17.91 -39.60
OE1 MTX J . 2.20 17.93 -39.10
N DGL K . 4.36 17.61 -38.82
CA DGL K . 5.76 17.52 -39.13
C DGL K . 6.47 18.08 -37.85
O DGL K . 7.48 18.81 -38.06
CB DGL K . 6.11 16.05 -39.38
CG DGL K . 7.59 15.66 -39.40
CD DGL K . 7.87 14.18 -39.65
OE1 DGL K . 6.93 13.42 -39.86
OXT DGL K . 6.01 17.78 -36.73
N DGL L . 9.20 13.86 -39.68
CA DGL L . 9.91 12.54 -39.79
C DGL L . 11.16 12.74 -38.91
O DGL L . 11.86 13.76 -39.07
CB DGL L . 9.04 11.33 -39.24
CG DGL L . 9.65 9.87 -39.25
CD DGL L . 9.41 9.07 -37.91
OE1 DGL L . 10.04 9.46 -36.90
OE2 DGL L . 8.66 8.05 -37.94
OXT DGL L . 11.37 11.90 -38.01
#